data_3I2S
# 
_entry.id   3I2S 
# 
_audit_conform.dict_name       mmcif_pdbx.dic 
_audit_conform.dict_version    5.378 
_audit_conform.dict_location   http://mmcif.pdb.org/dictionaries/ascii/mmcif_pdbx.dic 
# 
loop_
_database_2.database_id 
_database_2.database_code 
_database_2.pdbx_database_accession 
_database_2.pdbx_DOI 
PDB   3I2S         pdb_00003i2s 10.2210/pdb3i2s/pdb 
NDB   NA0053       ?            ?                   
RCSB  RCSB053891   ?            ?                   
WWPDB D_1000053891 ?            ?                   
# 
loop_
_pdbx_database_related.db_name 
_pdbx_database_related.db_id 
_pdbx_database_related.details 
_pdbx_database_related.content_type 
PDB 3I2P 
;Crystal structure of the hairpin ribozyme product-mimic with 5'-deoxy-5'-fluoroguanosine
;
unspecified 
PDB 3I2Q 
;Crystal structure of the hairpin ribozyme with 2'OMe substrate strand and N1-deazaadenosine at position A9
;
unspecified 
PDB 3I2R 
;Crystal structure of the hairpin ribozyme with a 2',5'-linked substrate with N1-deazaadenosine at position A9
;
unspecified 
PDB 3I2U 
;Crystal structure of the haiprin ribozyme with a 2',5'-linked substrate and N1-deazaadenosine at position A10
;
unspecified 
# 
_pdbx_database_status.status_code                     REL 
_pdbx_database_status.entry_id                        3I2S 
_pdbx_database_status.recvd_initial_deposition_date   2009-06-29 
_pdbx_database_status.deposit_site                    RCSB 
_pdbx_database_status.process_site                    RCSB 
_pdbx_database_status.status_code_sf                  REL 
_pdbx_database_status.status_code_mr                  ? 
_pdbx_database_status.SG_entry                        ? 
_pdbx_database_status.pdb_format_compatible           Y 
_pdbx_database_status.status_code_cs                  ? 
_pdbx_database_status.status_code_nmr_data            ? 
_pdbx_database_status.methods_development_category    ? 
# 
loop_
_audit_author.name 
_audit_author.pdbx_ordinal 
'Wedekind, J.E.' 1 
'Spitale, R.C.'  2 
'Krucinska, J.'  3 
# 
_citation.id                        primary 
_citation.title                     
;Single-atom imino substitutions at A9 and A10 reveal distinct effects on the fold and function of the hairpin ribozyme catalytic core.
;
_citation.journal_abbrev            Biochemistry 
_citation.journal_volume            48 
_citation.page_first                7777 
_citation.page_last                 7779 
_citation.year                      2009 
_citation.journal_id_ASTM           BICHAW 
_citation.country                   US 
_citation.journal_id_ISSN           0006-2960 
_citation.journal_id_CSD            0033 
_citation.book_publisher            ? 
_citation.pdbx_database_id_PubMed   19634899 
_citation.pdbx_database_id_DOI      10.1021/bi9011622 
# 
loop_
_citation_author.citation_id 
_citation_author.name 
_citation_author.ordinal 
_citation_author.identifier_ORCID 
primary 'Spitale, R.C.'  1 ? 
primary 'Volpini, R.'    2 ? 
primary 'Mungillo, M.V.' 3 ? 
primary 'Krucinska, J.'  4 ? 
primary 'Cristalli, G.'  5 ? 
primary 'Wedekind, J.E.' 6 ? 
# 
_cell.entry_id           3I2S 
_cell.length_a           92.830 
_cell.length_b           92.830 
_cell.length_c           132.690 
_cell.angle_alpha        90.00 
_cell.angle_beta         90.00 
_cell.angle_gamma        120.00 
_cell.Z_PDB              12 
_cell.pdbx_unique_axis   ? 
_cell.length_a_esd       ? 
_cell.length_b_esd       ? 
_cell.length_c_esd       ? 
_cell.angle_alpha_esd    ? 
_cell.angle_beta_esd     ? 
_cell.angle_gamma_esd    ? 
# 
_symmetry.entry_id                         3I2S 
_symmetry.space_group_name_H-M             'P 61 2 2' 
_symmetry.pdbx_full_space_group_name_H-M   ? 
_symmetry.cell_setting                     ? 
_symmetry.Int_Tables_number                178 
_symmetry.space_group_name_Hall            ? 
# 
loop_
_entity.id 
_entity.type 
_entity.src_method 
_entity.pdbx_description 
_entity.formula_weight 
_entity.pdbx_number_of_molecules 
_entity.pdbx_ec 
_entity.pdbx_mutation 
_entity.pdbx_fragment 
_entity.details 
1 polymer     syn "5'-R(*UP*CP*CP*CP*(A2M)P*GP*UP*CP*CP*AP*CP*CP*GP*U)-3'"            4372.663 1 ? ? ? 'Hairpin ribozyme' 
2 polymer     syn 'DNA/RNA (30-MER)'                                                  9762.001 1 ? ? ? 'Hairpin ribozyme' 
3 polymer     syn "5'-R(*UP*CP*GP*UP*GP*GP*UP*AP*CP*AP*UP*UP*AP*CP*CP*UP*GP*CP*C)-3'" 5991.568 1 ? ? ? 'Hairpin ribozyme' 
4 non-polymer syn 'SULFATE ION'                                                       96.063   1 ? ? ? ?                  
5 non-polymer syn 'COBALT HEXAMMINE(III)'                                             161.116  2 ? ? ? ?                  
# 
loop_
_entity_poly.entity_id 
_entity_poly.type 
_entity_poly.nstd_linkage 
_entity_poly.nstd_monomer 
_entity_poly.pdbx_seq_one_letter_code 
_entity_poly.pdbx_seq_one_letter_code_can 
_entity_poly.pdbx_strand_id 
_entity_poly.pdbx_target_identifier 
1 polyribonucleotide                                  no yes 'UCCC(A2M)GUCCACCGU'                     UCCCAGUCCACCGU A ? 
2 'polydeoxyribonucleotide/polyribonucleotide hybrid' no yes 'CGGUGAGA(1DP)GGG(S9L)GGCAGAGAAACACACGA' 
CGGUGAGAXGGGXGGCAGAGAAACACACGA B ? 
3 polyribonucleotide                                  no no  UCGUGGUACAUUACCUGCC                      UCGUGGUACAUUACCUGCC C ? 
# 
loop_
_entity_poly_seq.entity_id 
_entity_poly_seq.num 
_entity_poly_seq.mon_id 
_entity_poly_seq.hetero 
1 1  U   n 
1 2  C   n 
1 3  C   n 
1 4  C   n 
1 5  A2M n 
1 6  G   n 
1 7  U   n 
1 8  C   n 
1 9  C   n 
1 10 A   n 
1 11 C   n 
1 12 C   n 
1 13 G   n 
1 14 U   n 
2 1  C   n 
2 2  G   n 
2 3  G   n 
2 4  U   n 
2 5  G   n 
2 6  A   n 
2 7  G   n 
2 8  A   n 
2 9  1DP n 
2 10 G   n 
2 11 G   n 
2 12 G   n 
2 13 S9L n 
2 14 G   n 
2 15 G   n 
2 16 C   n 
2 17 A   n 
2 18 G   n 
2 19 A   n 
2 20 G   n 
2 21 A   n 
2 22 A   n 
2 23 A   n 
2 24 C   n 
2 25 A   n 
2 26 C   n 
2 27 A   n 
2 28 C   n 
2 29 G   n 
2 30 A   n 
3 1  U   n 
3 2  C   n 
3 3  G   n 
3 4  U   n 
3 5  G   n 
3 6  G   n 
3 7  U   n 
3 8  A   n 
3 9  C   n 
3 10 A   n 
3 11 U   n 
3 12 U   n 
3 13 A   n 
3 14 C   n 
3 15 C   n 
3 16 U   n 
3 17 G   n 
3 18 C   n 
3 19 C   n 
# 
loop_
_pdbx_entity_src_syn.entity_id 
_pdbx_entity_src_syn.pdbx_src_id 
_pdbx_entity_src_syn.pdbx_alt_source_flag 
_pdbx_entity_src_syn.pdbx_beg_seq_num 
_pdbx_entity_src_syn.pdbx_end_seq_num 
_pdbx_entity_src_syn.organism_scientific 
_pdbx_entity_src_syn.organism_common_name 
_pdbx_entity_src_syn.ncbi_taxonomy_id 
_pdbx_entity_src_syn.details 
1 1 sample ? ? ? ? ? 'The RNA was synthesized by Dharmacon Inc., following the tobacco ringspot virus sequence' 
2 1 sample ? ? ? ? ? 'The RNA was synthesized by Dharmacon Inc., following the tobacco ringspot virus sequence' 
3 1 sample ? ? ? ? ? 'The RNA was synthesized by Dharmacon Inc., following the tobacco ringspot virus sequence' 
# 
loop_
_struct_ref.id 
_struct_ref.db_name 
_struct_ref.db_code 
_struct_ref.pdbx_db_accession 
_struct_ref.entity_id 
_struct_ref.pdbx_align_begin 
_struct_ref.pdbx_seq_one_letter_code 
_struct_ref.pdbx_db_isoform 
1 PDB 3I2S 3I2S 1 -5 UCCCCGUCCACCGU                 ? 
2 PDB 3I2S 3I2S 2 2  CGGUGAGAAGGGXGGCAGAGAAACACACGA ? 
3 PDB 3I2S 3I2S 3 31 UCGUGGUACAUUACCUGCC            ? 
# 
loop_
_struct_ref_seq.align_id 
_struct_ref_seq.ref_id 
_struct_ref_seq.pdbx_PDB_id_code 
_struct_ref_seq.pdbx_strand_id 
_struct_ref_seq.seq_align_beg 
_struct_ref_seq.pdbx_seq_align_beg_ins_code 
_struct_ref_seq.seq_align_end 
_struct_ref_seq.pdbx_seq_align_end_ins_code 
_struct_ref_seq.pdbx_db_accession 
_struct_ref_seq.db_align_beg 
_struct_ref_seq.pdbx_db_align_beg_ins_code 
_struct_ref_seq.db_align_end 
_struct_ref_seq.pdbx_db_align_end_ins_code 
_struct_ref_seq.pdbx_auth_seq_align_beg 
_struct_ref_seq.pdbx_auth_seq_align_end 
1 1 3I2S A 1 ? 14 ? 3I2S -5 ? 9  ? -5 9  
2 2 3I2S B 1 ? 30 ? 3I2S 2  ? 31 ? 2  31 
3 3 3I2S C 1 ? 19 ? 3I2S 31 ? 49 ? 31 49 
# 
loop_
_chem_comp.id 
_chem_comp.type 
_chem_comp.mon_nstd_flag 
_chem_comp.name 
_chem_comp.pdbx_synonyms 
_chem_comp.formula 
_chem_comp.formula_weight 
1DP 'RNA linking' . "N1-deaza-adenosine-5'-monophosphate"                     
'3-(5-O-phosphono-beta-D-ribofuranosyl)-3H-imidazo[4,5-b]pyridin-7-amine' 'C11 H15 N4 O7 P' 346.233 
A   'RNA linking' y "ADENOSINE-5'-MONOPHOSPHATE"                              ? 'C10 H14 N5 O7 P' 347.221 
A2M 'RNA linking' n 
;2'-O-methyladenosine 5'-(dihydrogen phosphate)
;
?                                                                         'C11 H16 N5 O7 P' 361.248 
C   'RNA linking' y "CYTIDINE-5'-MONOPHOSPHATE"                               ? 'C9 H14 N3 O8 P'  323.197 
G   'RNA linking' y "GUANOSINE-5'-MONOPHOSPHATE"                              ? 'C10 H14 N5 O8 P' 363.221 
NCO non-polymer   . 'COBALT HEXAMMINE(III)'                                   ? 'Co H18 N6 3'     161.116 
S9L non-polymer   . '2-[2-(2-HYDROXYETHOXY)ETHOXY]ETHYL DIHYDROGEN PHOSPHATE' ? 'C6 H15 O7 P'     230.153 
SO4 non-polymer   . 'SULFATE ION'                                             ? 'O4 S -2'         96.063  
U   'RNA linking' y "URIDINE-5'-MONOPHOSPHATE"                                ? 'C9 H13 N2 O9 P'  324.181 
# 
_exptl.entry_id          3I2S 
_exptl.method            'X-RAY DIFFRACTION' 
_exptl.crystals_number   1 
# 
_exptl_crystal.id                    1 
_exptl_crystal.density_meas          ? 
_exptl_crystal.density_Matthews      4.10 
_exptl_crystal.density_percent_sol   70.00 
_exptl_crystal.description           ? 
_exptl_crystal.F_000                 ? 
_exptl_crystal.preparation           ? 
# 
_exptl_crystal_grow.crystal_id      1 
_exptl_crystal_grow.method          'VAPOR DIFFUSION, HANGING DROP' 
_exptl_crystal_grow.temp            293.15 
_exptl_crystal_grow.temp_details    ? 
_exptl_crystal_grow.pH              7.0 
_exptl_crystal_grow.pdbx_details    
;Well solutions contained 20.5% w/v PEG 2000 MME, 0.10 M Na cacodylate pH 6.5 or 7.0, 0.25 M Li2SO4, 2.5 mM Co(NH3)6Cl3 and 2 mM Spermidine-HCl. Crystals grew as hexagonal rods or plates and reached a size of 0.3 mm x 0.2 mm x 0.2 mm in approximately 3 weeks, VAPOR DIFFUSION, HANGING DROP, temperature 293.15K
;
_exptl_crystal_grow.pdbx_pH_range   ? 
# 
loop_
_exptl_crystal_grow_comp.crystal_id 
_exptl_crystal_grow_comp.id 
_exptl_crystal_grow_comp.sol_id 
_exptl_crystal_grow_comp.name 
_exptl_crystal_grow_comp.volume 
_exptl_crystal_grow_comp.conc 
_exptl_crystal_grow_comp.details 
1 1  1 'PEG 2000 MME'  ? ? ? 
1 2  1 'Na cacodylate' ? ? ? 
1 3  1 Li2SO4          ? ? ? 
1 4  1 'Co(NH3)6Cl3'   ? ? ? 
1 5  1 Spermidine-HCl  ? ? ? 
1 6  2 'PEG 2000 MME'  ? ? ? 
1 7  2 'Na cacodylate' ? ? ? 
1 8  2 Li2SO4          ? ? ? 
1 9  2 'Co(NH3)6Cl3'   ? ? ? 
1 10 2 Spermidine-HCl  ? ? ? 
# 
_diffrn.id                     1 
_diffrn.ambient_temp           100 
_diffrn.ambient_temp_details   ? 
_diffrn.crystal_id             1 
# 
_diffrn_detector.diffrn_id              1 
_diffrn_detector.detector               CCD 
_diffrn_detector.type                   'ADSC QUANTUM 315r' 
_diffrn_detector.pdbx_collection_date   2009-01-29 
_diffrn_detector.details                'Vertical focusing mirror, single crystal Si(111) bent monochromator (horizontal focusing)' 
# 
_diffrn_radiation.diffrn_id                        1 
_diffrn_radiation.wavelength_id                    1 
_diffrn_radiation.pdbx_monochromatic_or_laue_m_l   M 
_diffrn_radiation.monochromator                    'Si(111) single crystal' 
_diffrn_radiation.pdbx_diffrn_protocol             'SINGLE WAVELENGTH' 
_diffrn_radiation.pdbx_scattering_type             x-ray 
# 
_diffrn_radiation_wavelength.id           1 
_diffrn_radiation_wavelength.wavelength   0.9700 
_diffrn_radiation_wavelength.wt           1.0 
# 
_diffrn_source.diffrn_id                   1 
_diffrn_source.source                      SYNCHROTRON 
_diffrn_source.type                        'SSRL BEAMLINE BL7-1' 
_diffrn_source.pdbx_synchrotron_site       SSRL 
_diffrn_source.pdbx_synchrotron_beamline   BL7-1 
_diffrn_source.pdbx_wavelength             ? 
_diffrn_source.pdbx_wavelength_list        0.9700 
# 
_reflns.entry_id                     3I2S 
_reflns.observed_criterion_sigma_I   ? 
_reflns.observed_criterion_sigma_F   ? 
_reflns.d_resolution_low             50.00 
_reflns.d_resolution_high            2.75 
_reflns.number_obs                   9249 
_reflns.number_all                   ? 
_reflns.percent_possible_obs         99.3 
_reflns.pdbx_Rmerge_I_obs            0.068 
_reflns.pdbx_Rsym_value              ? 
_reflns.pdbx_netI_over_sigmaI        52.2 
_reflns.B_iso_Wilson_estimate        78.8 
_reflns.pdbx_redundancy              7.1 
_reflns.R_free_details               ? 
_reflns.limit_h_max                  ? 
_reflns.limit_h_min                  ? 
_reflns.limit_k_max                  ? 
_reflns.limit_k_min                  ? 
_reflns.limit_l_max                  ? 
_reflns.limit_l_min                  ? 
_reflns.observed_criterion_F_max     ? 
_reflns.observed_criterion_F_min     ? 
_reflns.pdbx_chi_squared             ? 
_reflns.pdbx_scaling_rejects         ? 
_reflns.pdbx_ordinal                 1 
_reflns.pdbx_diffrn_id               1 
# 
_reflns_shell.d_res_high             2.75 
_reflns_shell.d_res_low              2.85 
_reflns_shell.percent_possible_all   100.00 
_reflns_shell.Rmerge_I_obs           ? 
_reflns_shell.pdbx_Rsym_value        0.499 
_reflns_shell.meanI_over_sigI_obs    3.5 
_reflns_shell.pdbx_redundancy        7.1 
_reflns_shell.percent_possible_obs   ? 
_reflns_shell.number_unique_all      1853 
_reflns_shell.number_measured_all    ? 
_reflns_shell.number_measured_obs    ? 
_reflns_shell.number_unique_obs      ? 
_reflns_shell.pdbx_chi_squared       ? 
_reflns_shell.pdbx_ordinal           1 
_reflns_shell.pdbx_diffrn_id         1 
# 
_refine.entry_id                                 3I2S 
_refine.ls_number_reflns_obs                     9249 
_refine.ls_number_reflns_all                     ? 
_refine.pdbx_ls_sigma_I                          ? 
_refine.pdbx_ls_sigma_F                          0.0 
_refine.pdbx_data_cutoff_high_absF               57011.40 
_refine.pdbx_data_cutoff_low_absF                0.000000 
_refine.pdbx_data_cutoff_high_rms_absF           ? 
_refine.ls_d_res_low                             30.67 
_refine.ls_d_res_high                            2.75 
_refine.ls_percent_reflns_obs                    99.6 
_refine.ls_R_factor_obs                          0.239 
_refine.ls_R_factor_all                          0.239 
_refine.ls_R_factor_R_work                       0.239 
_refine.ls_R_factor_R_free                       0.261 
_refine.ls_R_factor_R_free_error                 0.010 
_refine.ls_R_factor_R_free_error_details         ? 
_refine.ls_percent_reflns_R_free                 7.7 
_refine.ls_number_reflns_R_free                  708 
_refine.ls_number_parameters                     ? 
_refine.ls_number_restraints                     ? 
_refine.occupancy_min                            ? 
_refine.occupancy_max                            ? 
_refine.correlation_coeff_Fo_to_Fc               ? 
_refine.correlation_coeff_Fo_to_Fc_free          ? 
_refine.B_iso_mean                               72.4 
_refine.aniso_B[1][1]                            -12.02 
_refine.aniso_B[2][2]                            -12.02 
_refine.aniso_B[3][3]                            24.05 
_refine.aniso_B[1][2]                            0.00 
_refine.aniso_B[1][3]                            0.00 
_refine.aniso_B[2][3]                            0.00 
_refine.solvent_model_details                    'FLAT MODEL' 
_refine.solvent_model_param_ksol                 0.3 
_refine.solvent_model_param_bsol                 36.214 
_refine.pdbx_solvent_vdw_probe_radii             ? 
_refine.pdbx_solvent_ion_probe_radii             ? 
_refine.pdbx_solvent_shrinkage_radii             ? 
_refine.pdbx_ls_cross_valid_method               THROUGHOUT 
_refine.details                                  'BULK SOLVENT MODEL USED' 
_refine.pdbx_starting_model                      'PDB entry 2OUE' 
_refine.pdbx_method_to_determine_struct          'FOURIER SYNTHESIS' 
_refine.pdbx_isotropic_thermal_model             RESTRAINED 
_refine.pdbx_stereochemistry_target_values       ? 
_refine.pdbx_stereochem_target_val_spec_case     ? 
_refine.pdbx_R_Free_selection_details            RANDOM 
_refine.pdbx_overall_ESU_R                       ? 
_refine.pdbx_overall_ESU_R_Free                  ? 
_refine.overall_SU_ML                            ? 
_refine.overall_SU_B                             ? 
_refine.ls_redundancy_reflns_obs                 ? 
_refine.B_iso_min                                ? 
_refine.B_iso_max                                ? 
_refine.overall_SU_R_Cruickshank_DPI             ? 
_refine.overall_SU_R_free                        ? 
_refine.ls_wR_factor_R_free                      ? 
_refine.ls_wR_factor_R_work                      ? 
_refine.overall_FOM_free_R_set                   ? 
_refine.overall_FOM_work_R_set                   ? 
_refine.pdbx_overall_phase_error                 ? 
_refine.pdbx_refine_id                           'X-RAY DIFFRACTION' 
_refine.pdbx_diffrn_id                           1 
_refine.pdbx_TLS_residual_ADP_flag               ? 
_refine.pdbx_overall_SU_R_free_Cruickshank_DPI   ? 
_refine.pdbx_overall_SU_R_Blow_DPI               ? 
_refine.pdbx_overall_SU_R_free_Blow_DPI          ? 
# 
_refine_analyze.entry_id                        3I2S 
_refine_analyze.Luzzati_coordinate_error_obs    0.46 
_refine_analyze.Luzzati_sigma_a_obs             0.57 
_refine_analyze.Luzzati_d_res_low_obs           5.00 
_refine_analyze.Luzzati_coordinate_error_free   0.44 
_refine_analyze.Luzzati_sigma_a_free            0.65 
_refine_analyze.Luzzati_d_res_low_free          ? 
_refine_analyze.number_disordered_residues      ? 
_refine_analyze.occupancy_sum_hydrogen          ? 
_refine_analyze.occupancy_sum_non_hydrogen      ? 
_refine_analyze.pdbx_Luzzati_d_res_high_obs     ? 
_refine_analyze.pdbx_refine_id                  'X-RAY DIFFRACTION' 
# 
_refine_hist.pdbx_refine_id                   'X-RAY DIFFRACTION' 
_refine_hist.cycle_id                         LAST 
_refine_hist.pdbx_number_atoms_protein        0 
_refine_hist.pdbx_number_atoms_nucleic_acid   1311 
_refine_hist.pdbx_number_atoms_ligand         19 
_refine_hist.number_atoms_solvent             0 
_refine_hist.number_atoms_total               1330 
_refine_hist.d_res_high                       2.75 
_refine_hist.d_res_low                        30.67 
# 
loop_
_refine_ls_restr.type 
_refine_ls_restr.dev_ideal 
_refine_ls_restr.dev_ideal_target 
_refine_ls_restr.weight 
_refine_ls_restr.number 
_refine_ls_restr.pdbx_refine_id 
_refine_ls_restr.pdbx_restraint_function 
c_bond_d           0.006 ? ? ? 'X-RAY DIFFRACTION' ? 
c_angle_deg        1.6   ? ? ? 'X-RAY DIFFRACTION' ? 
c_dihedral_angle_d 17.7  ? ? ? 'X-RAY DIFFRACTION' ? 
c_improper_angle_d 2.56  ? ? ? 'X-RAY DIFFRACTION' ? 
# 
_refine_ls_shell.pdbx_total_number_of_bins_used   6 
_refine_ls_shell.d_res_high                       2.75 
_refine_ls_shell.d_res_low                        2.92 
_refine_ls_shell.number_reflns_R_work             1383 
_refine_ls_shell.R_factor_R_work                  0.492 
_refine_ls_shell.percent_reflns_obs               100.0 
_refine_ls_shell.R_factor_R_free                  0.486 
_refine_ls_shell.R_factor_R_free_error            0.047 
_refine_ls_shell.percent_reflns_R_free            7.3 
_refine_ls_shell.number_reflns_R_free             109 
_refine_ls_shell.number_reflns_all                ? 
_refine_ls_shell.R_factor_all                     ? 
_refine_ls_shell.number_reflns_obs                ? 
_refine_ls_shell.redundancy_reflns_obs            ? 
_refine_ls_shell.pdbx_refine_id                   'X-RAY DIFFRACTION' 
# 
loop_
_pdbx_xplor_file.serial_no 
_pdbx_xplor_file.param_file 
_pdbx_xplor_file.topol_file 
_pdbx_xplor_file.pdbx_refine_id 
1 dna-rnaATT protein.top 'X-RAY DIFFRACTION' 
2 cobalt.par ?           'X-RAY DIFFRACTION' 
3 to         ?           'X-RAY DIFFRACTION' 
4 to         ?           'X-RAY DIFFRACTION' 
5 to         ?           'X-RAY DIFFRACTION' 
# 
_struct.entry_id                  3I2S 
_struct.title                     
;Crystal structure of the hairpin ribozyme with a 2'OMe substrate and N1-deazaadenosine at position A10
;
_struct.pdbx_model_details        ? 
_struct.pdbx_CASP_flag            ? 
_struct.pdbx_model_type_details   ? 
# 
_struct_keywords.entry_id        3I2S 
_struct_keywords.pdbx_keywords   RNA 
_struct_keywords.text            'hairpin ribozyme, N1-deazaadenosine, RNA' 
# 
loop_
_struct_asym.id 
_struct_asym.pdbx_blank_PDB_chainid_flag 
_struct_asym.pdbx_modified 
_struct_asym.entity_id 
_struct_asym.details 
A N N 1 ? 
B N N 2 ? 
C N N 3 ? 
D N N 4 ? 
E N N 5 ? 
F N N 5 ? 
# 
_struct_biol.id        1 
_struct_biol.details   'THE BIOLOGICAL UNIT IS THE SAME AS AN ASYMMETRIC UNIT' 
# 
loop_
_struct_conn.id 
_struct_conn.conn_type_id 
_struct_conn.pdbx_leaving_atom_flag 
_struct_conn.pdbx_PDB_id 
_struct_conn.ptnr1_label_asym_id 
_struct_conn.ptnr1_label_comp_id 
_struct_conn.ptnr1_label_seq_id 
_struct_conn.ptnr1_label_atom_id 
_struct_conn.pdbx_ptnr1_label_alt_id 
_struct_conn.pdbx_ptnr1_PDB_ins_code 
_struct_conn.pdbx_ptnr1_standard_comp_id 
_struct_conn.ptnr1_symmetry 
_struct_conn.ptnr2_label_asym_id 
_struct_conn.ptnr2_label_comp_id 
_struct_conn.ptnr2_label_seq_id 
_struct_conn.ptnr2_label_atom_id 
_struct_conn.pdbx_ptnr2_label_alt_id 
_struct_conn.pdbx_ptnr2_PDB_ins_code 
_struct_conn.ptnr1_auth_asym_id 
_struct_conn.ptnr1_auth_comp_id 
_struct_conn.ptnr1_auth_seq_id 
_struct_conn.ptnr2_auth_asym_id 
_struct_conn.ptnr2_auth_comp_id 
_struct_conn.ptnr2_auth_seq_id 
_struct_conn.ptnr2_symmetry 
_struct_conn.pdbx_ptnr3_label_atom_id 
_struct_conn.pdbx_ptnr3_label_seq_id 
_struct_conn.pdbx_ptnr3_label_comp_id 
_struct_conn.pdbx_ptnr3_label_asym_id 
_struct_conn.pdbx_ptnr3_label_alt_id 
_struct_conn.pdbx_ptnr3_PDB_ins_code 
_struct_conn.details 
_struct_conn.pdbx_dist_value 
_struct_conn.pdbx_value_order 
_struct_conn.pdbx_role 
covale1  covale both ? A C   4  "O3'" ? ? ? 1_555 A A2M 5  P  ? ? A C   -2 A A2M -1 1_555 ? ? ? ? ? ? ?                    1.601 ? 
? 
covale2  covale one  ? A A2M 5  "O3'" ? ? ? 1_555 A G   6  P  ? ? A A2M -1 A G   1  1_555 ? ? ? ? ? ? ?                    1.619 ? 
? 
covale3  covale both ? B A   8  "O3'" ? ? ? 1_555 B 1DP 9  P  ? ? B A   9  B 1DP 10 1_555 ? ? ? ? ? ? ?                    1.613 ? 
? 
covale4  covale both ? B 1DP 9  "O3'" ? ? ? 1_555 B G   10 P  ? ? B 1DP 10 B G   11 1_555 ? ? ? ? ? ? ?                    1.600 ? 
? 
covale5  covale both ? B G   12 "O3'" ? ? ? 1_555 B S9L 13 P  ? ? B G   13 B S9L 14 1_555 ? ? ? ? ? ? ?                    1.613 ? 
? 
covale6  covale both ? B S9L 13 "O3'" ? ? ? 1_555 B G   14 P  ? ? B S9L 14 B G   15 1_555 ? ? ? ? ? ? ?                    1.608 ? 
? 
hydrog1  hydrog ?    ? A C   2  N3    ? ? ? 1_555 B G   12 N1 ? ? A C   -4 B G   13 1_555 ? ? ? ? ? ? WATSON-CRICK         ?     ? 
? 
hydrog2  hydrog ?    ? A C   2  N4    ? ? ? 1_555 B G   12 O6 ? ? A C   -4 B G   13 1_555 ? ? ? ? ? ? WATSON-CRICK         ?     ? 
? 
hydrog3  hydrog ?    ? A C   2  O2    ? ? ? 1_555 B G   12 N2 ? ? A C   -4 B G   13 1_555 ? ? ? ? ? ? WATSON-CRICK         ?     ? 
? 
hydrog4  hydrog ?    ? A C   3  N3    ? ? ? 1_555 B G   11 N1 ? ? A C   -3 B G   12 1_555 ? ? ? ? ? ? WATSON-CRICK         ?     ? 
? 
hydrog5  hydrog ?    ? A C   3  N4    ? ? ? 1_555 B G   11 O6 ? ? A C   -3 B G   12 1_555 ? ? ? ? ? ? WATSON-CRICK         ?     ? 
? 
hydrog6  hydrog ?    ? A C   3  O2    ? ? ? 1_555 B G   11 N2 ? ? A C   -3 B G   12 1_555 ? ? ? ? ? ? WATSON-CRICK         ?     ? 
? 
hydrog7  hydrog ?    ? A C   4  N3    ? ? ? 1_555 B G   10 N1 ? ? A C   -2 B G   11 1_555 ? ? ? ? ? ? WATSON-CRICK         ?     ? 
? 
hydrog8  hydrog ?    ? A C   4  N4    ? ? ? 1_555 B G   10 O6 ? ? A C   -2 B G   11 1_555 ? ? ? ? ? ? WATSON-CRICK         ?     ? 
? 
hydrog9  hydrog ?    ? A C   4  O2    ? ? ? 1_555 B G   10 N2 ? ? A C   -2 B G   11 1_555 ? ? ? ? ? ? WATSON-CRICK         ?     ? 
? 
hydrog10 hydrog ?    ? A A2M 5  N3    ? ? ? 1_555 B A   8  N6 ? ? A A2M -1 B A   9  1_555 ? ? ? ? ? ? 'A2M-A MISPAIR'      ?     ? 
? 
hydrog11 hydrog ?    ? A G   6  N1    ? ? ? 1_555 B C   24 N3 ? ? A G   1  B C   25 1_555 ? ? ? ? ? ? WATSON-CRICK         ?     ? 
? 
hydrog12 hydrog ?    ? A G   6  N2    ? ? ? 1_555 B C   24 O2 ? ? A G   1  B C   25 1_555 ? ? ? ? ? ? WATSON-CRICK         ?     ? 
? 
hydrog13 hydrog ?    ? A G   6  O6    ? ? ? 1_555 B C   24 N4 ? ? A G   1  B C   25 1_555 ? ? ? ? ? ? WATSON-CRICK         ?     ? 
? 
hydrog14 hydrog ?    ? A U   7  O4    ? ? ? 1_555 B G   7  N2 ? ? A U   2  B G   8  1_555 ? ? ? ? ? ? 'U-G MISPAIR'        ?     ? 
? 
hydrog15 hydrog ?    ? A C   8  N4    ? ? ? 1_555 B A   6  N1 ? ? A C   3  B A   7  1_555 ? ? ? ? ? ? 'C-A MISPAIR'        ?     ? 
? 
hydrog16 hydrog ?    ? A C   9  N3    ? ? ? 1_555 B G   5  N1 ? ? A C   4  B G   6  1_555 ? ? ? ? ? ? WATSON-CRICK         ?     ? 
? 
hydrog17 hydrog ?    ? A C   9  N4    ? ? ? 1_555 B G   5  O6 ? ? A C   4  B G   6  1_555 ? ? ? ? ? ? WATSON-CRICK         ?     ? 
? 
hydrog18 hydrog ?    ? A C   9  O2    ? ? ? 1_555 B G   5  N2 ? ? A C   4  B G   6  1_555 ? ? ? ? ? ? WATSON-CRICK         ?     ? 
? 
hydrog19 hydrog ?    ? A A   10 N1    ? ? ? 1_555 B U   4  N3 ? ? A A   5  B U   5  1_555 ? ? ? ? ? ? WATSON-CRICK         ?     ? 
? 
hydrog20 hydrog ?    ? A A   10 N6    ? ? ? 1_555 B U   4  O4 ? ? A A   5  B U   5  1_555 ? ? ? ? ? ? WATSON-CRICK         ?     ? 
? 
hydrog21 hydrog ?    ? A C   11 O2    ? ? ? 1_555 B G   3  N2 ? ? A C   6  B G   4  1_555 ? ? ? ? ? ? 'C-G PAIR'           ?     ? 
? 
hydrog22 hydrog ?    ? A C   12 N3    ? ? ? 1_555 B G   2  N1 ? ? A C   7  B G   3  1_555 ? ? ? ? ? ? WATSON-CRICK         ?     ? 
? 
hydrog23 hydrog ?    ? A C   12 N4    ? ? ? 1_555 B G   2  O6 ? ? A C   7  B G   3  1_555 ? ? ? ? ? ? WATSON-CRICK         ?     ? 
? 
hydrog24 hydrog ?    ? A C   12 O2    ? ? ? 1_555 B G   2  N2 ? ? A C   7  B G   3  1_555 ? ? ? ? ? ? WATSON-CRICK         ?     ? 
? 
hydrog25 hydrog ?    ? A G   13 N1    ? ? ? 1_555 B C   1  N3 ? ? A G   8  B C   2  1_555 ? ? ? ? ? ? 'G-C PAIR'           ?     ? 
? 
hydrog26 hydrog ?    ? B G   14 N1    ? ? ? 1_555 C C   19 N3 ? ? B G   15 C C   49 1_555 ? ? ? ? ? ? WATSON-CRICK         ?     ? 
? 
hydrog27 hydrog ?    ? B G   14 N2    ? ? ? 1_555 C C   19 O2 ? ? B G   15 C C   49 1_555 ? ? ? ? ? ? WATSON-CRICK         ?     ? 
? 
hydrog28 hydrog ?    ? B G   14 O6    ? ? ? 1_555 C C   19 N4 ? ? B G   15 C C   49 1_555 ? ? ? ? ? ? WATSON-CRICK         ?     ? 
? 
hydrog29 hydrog ?    ? B G   15 N1    ? ? ? 1_555 C C   18 N3 ? ? B G   16 C C   48 1_555 ? ? ? ? ? ? WATSON-CRICK         ?     ? 
? 
hydrog30 hydrog ?    ? B G   15 N2    ? ? ? 1_555 C C   18 O2 ? ? B G   16 C C   48 1_555 ? ? ? ? ? ? WATSON-CRICK         ?     ? 
? 
hydrog31 hydrog ?    ? B G   15 O6    ? ? ? 1_555 C C   18 N4 ? ? B G   16 C C   48 1_555 ? ? ? ? ? ? WATSON-CRICK         ?     ? 
? 
hydrog32 hydrog ?    ? B C   16 N3    ? ? ? 1_555 C G   17 N1 ? ? B C   17 C G   47 1_555 ? ? ? ? ? ? WATSON-CRICK         ?     ? 
? 
hydrog33 hydrog ?    ? B C   16 N4    ? ? ? 1_555 C G   17 O6 ? ? B C   17 C G   47 1_555 ? ? ? ? ? ? WATSON-CRICK         ?     ? 
? 
hydrog34 hydrog ?    ? B C   16 O2    ? ? ? 1_555 C G   17 N2 ? ? B C   17 C G   47 1_555 ? ? ? ? ? ? WATSON-CRICK         ?     ? 
? 
hydrog35 hydrog ?    ? B A   17 N1    ? ? ? 1_555 C U   16 N3 ? ? B A   18 C U   46 1_555 ? ? ? ? ? ? WATSON-CRICK         ?     ? 
? 
hydrog36 hydrog ?    ? B A   17 N6    ? ? ? 1_555 C U   16 O4 ? ? B A   18 C U   46 1_555 ? ? ? ? ? ? WATSON-CRICK         ?     ? 
? 
hydrog37 hydrog ?    ? B G   18 N1    ? ? ? 1_555 C C   15 N3 ? ? B G   19 C C   45 1_555 ? ? ? ? ? ? WATSON-CRICK         ?     ? 
? 
hydrog38 hydrog ?    ? B G   18 N2    ? ? ? 1_555 C C   15 O2 ? ? B G   19 C C   45 1_555 ? ? ? ? ? ? WATSON-CRICK         ?     ? 
? 
hydrog39 hydrog ?    ? B G   18 O6    ? ? ? 1_555 C C   15 N4 ? ? B G   19 C C   45 1_555 ? ? ? ? ? ? WATSON-CRICK         ?     ? 
? 
hydrog40 hydrog ?    ? B A   19 N1    ? ? ? 1_555 C C   14 N4 ? ? B A   20 C C   44 1_555 ? ? ? ? ? ? 'A-C MISPAIR'        ?     ? 
? 
hydrog41 hydrog ?    ? B G   20 N2    ? ? ? 1_555 C A   13 N7 ? ? B G   21 C A   43 1_555 ? ? ? ? ? ? TYPE_11_PAIR         ?     ? 
? 
hydrog42 hydrog ?    ? B G   20 N3    ? ? ? 1_555 C A   13 N6 ? ? B G   21 C A   43 1_555 ? ? ? ? ? ? TYPE_11_PAIR         ?     ? 
? 
hydrog43 hydrog ?    ? B A   21 N6    ? ? ? 1_555 C U   11 O2 ? ? B A   22 C U   41 1_555 ? ? ? ? ? ? 'REVERSED HOOGSTEEN' ?     ? 
? 
hydrog44 hydrog ?    ? B A   21 N7    ? ? ? 1_555 C U   11 N3 ? ? B A   22 C U   41 1_555 ? ? ? ? ? ? 'REVERSED HOOGSTEEN' ?     ? 
? 
hydrog45 hydrog ?    ? B A   22 N6    ? ? ? 1_555 C A   10 N1 ? ? B A   23 C A   40 1_555 ? ? ? ? ? ? TYPE_5_PAIR          ?     ? 
? 
hydrog46 hydrog ?    ? B A   22 N7    ? ? ? 1_555 C A   10 N6 ? ? B A   23 C A   40 1_555 ? ? ? ? ? ? TYPE_5_PAIR          ?     ? 
? 
hydrog47 hydrog ?    ? B A   23 N6    ? ? ? 1_555 C A   8  N7 ? ? B A   24 C A   38 1_555 ? ? ? ? ? ? 'A-A MISPAIR'        ?     ? 
? 
hydrog48 hydrog ?    ? B A   25 N1    ? ? ? 1_555 C G   6  N1 ? ? B A   26 C G   36 1_555 ? ? ? ? ? ? TYPE_8_PAIR          ?     ? 
? 
hydrog49 hydrog ?    ? B A   25 N6    ? ? ? 1_555 C G   6  O6 ? ? B A   26 C G   36 1_555 ? ? ? ? ? ? TYPE_8_PAIR          ?     ? 
? 
hydrog50 hydrog ?    ? B C   26 N3    ? ? ? 1_555 C G   5  N1 ? ? B C   27 C G   35 1_555 ? ? ? ? ? ? WATSON-CRICK         ?     ? 
? 
hydrog51 hydrog ?    ? B C   26 N4    ? ? ? 1_555 C G   5  O6 ? ? B C   27 C G   35 1_555 ? ? ? ? ? ? WATSON-CRICK         ?     ? 
? 
hydrog52 hydrog ?    ? B C   26 O2    ? ? ? 1_555 C G   5  N2 ? ? B C   27 C G   35 1_555 ? ? ? ? ? ? WATSON-CRICK         ?     ? 
? 
hydrog53 hydrog ?    ? B A   27 N1    ? ? ? 1_555 C U   4  N3 ? ? B A   28 C U   34 1_555 ? ? ? ? ? ? WATSON-CRICK         ?     ? 
? 
hydrog54 hydrog ?    ? B A   27 N6    ? ? ? 1_555 C U   4  O4 ? ? B A   28 C U   34 1_555 ? ? ? ? ? ? WATSON-CRICK         ?     ? 
? 
hydrog55 hydrog ?    ? B C   28 N3    ? ? ? 1_555 C G   3  N1 ? ? B C   29 C G   33 1_555 ? ? ? ? ? ? WATSON-CRICK         ?     ? 
? 
hydrog56 hydrog ?    ? B C   28 N4    ? ? ? 1_555 C G   3  O6 ? ? B C   29 C G   33 1_555 ? ? ? ? ? ? WATSON-CRICK         ?     ? 
? 
hydrog57 hydrog ?    ? B C   28 O2    ? ? ? 1_555 C G   3  N2 ? ? B C   29 C G   33 1_555 ? ? ? ? ? ? WATSON-CRICK         ?     ? 
? 
hydrog58 hydrog ?    ? B G   29 N1    ? ? ? 1_555 C C   2  N3 ? ? B G   30 C C   32 1_555 ? ? ? ? ? ? WATSON-CRICK         ?     ? 
? 
hydrog59 hydrog ?    ? B G   29 N2    ? ? ? 1_555 C C   2  O2 ? ? B G   30 C C   32 1_555 ? ? ? ? ? ? WATSON-CRICK         ?     ? 
? 
hydrog60 hydrog ?    ? B G   29 O6    ? ? ? 1_555 C C   2  N4 ? ? B G   30 C C   32 1_555 ? ? ? ? ? ? WATSON-CRICK         ?     ? 
? 
hydrog61 hydrog ?    ? B A   30 N1    ? ? ? 1_555 C U   1  N3 ? ? B A   31 C U   31 1_555 ? ? ? ? ? ? WATSON-CRICK         ?     ? 
? 
hydrog62 hydrog ?    ? B A   30 N6    ? ? ? 1_555 C U   1  O4 ? ? B A   31 C U   31 1_555 ? ? ? ? ? ? WATSON-CRICK         ?     ? 
? 
# 
loop_
_struct_conn_type.id 
_struct_conn_type.criteria 
_struct_conn_type.reference 
covale ? ? 
hydrog ? ? 
# 
loop_
_struct_site.id 
_struct_site.pdbx_evidence_code 
_struct_site.pdbx_auth_asym_id 
_struct_site.pdbx_auth_comp_id 
_struct_site.pdbx_auth_seq_id 
_struct_site.pdbx_auth_ins_code 
_struct_site.pdbx_num_residues 
_struct_site.details 
AC1 Software B NCO 101 ? 4 'BINDING SITE FOR RESIDUE NCO B 101' 
AC2 Software B NCO 102 ? 7 'BINDING SITE FOR RESIDUE NCO B 102' 
AC3 Software A SO4 103 ? 3 'BINDING SITE FOR RESIDUE SO4 A 103' 
# 
loop_
_struct_site_gen.id 
_struct_site_gen.site_id 
_struct_site_gen.pdbx_num_res 
_struct_site_gen.label_comp_id 
_struct_site_gen.label_asym_id 
_struct_site_gen.label_seq_id 
_struct_site_gen.pdbx_auth_ins_code 
_struct_site_gen.auth_comp_id 
_struct_site_gen.auth_asym_id 
_struct_site_gen.auth_seq_id 
_struct_site_gen.label_atom_id 
_struct_site_gen.label_alt_id 
_struct_site_gen.symmetry 
_struct_site_gen.details 
1  AC1 4 A   B 19 ? A   B 20  . ? 1_555  ? 
2  AC1 4 G   B 20 ? G   B 21  . ? 1_555  ? 
3  AC1 4 A   C 10 ? A   C 40  . ? 1_555  ? 
4  AC1 4 U   C 11 ? U   C 41  . ? 1_555  ? 
5  AC2 7 U   A 1  ? U   A -5  . ? 10_665 ? 
6  AC2 7 U   A 1  ? U   A -5  . ? 1_555  ? 
7  AC2 7 C   A 3  ? C   A -3  . ? 1_555  ? 
8  AC2 7 C   A 2  ? C   A -4  . ? 1_555  ? 
9  AC2 7 SO4 D .  ? SO4 A 103 . ? 1_555  ? 
10 AC2 7 G   B 11 ? G   B 12  . ? 1_555  ? 
11 AC2 7 G   B 12 ? G   B 13  . ? 1_555  ? 
12 AC3 3 U   A 1  ? U   A -5  . ? 1_555  ? 
13 AC3 3 C   A 2  ? C   A -4  . ? 1_555  ? 
14 AC3 3 NCO F .  ? NCO B 102 . ? 1_555  ? 
# 
_atom_sites.entry_id                    3I2S 
_atom_sites.fract_transf_matrix[1][1]   0.01186789 
_atom_sites.fract_transf_matrix[1][2]   0.00230533 
_atom_sites.fract_transf_matrix[1][3]   0.00292414 
_atom_sites.fract_transf_matrix[2][1]   0.00914468 
_atom_sites.fract_transf_matrix[2][2]   -0.00598005 
_atom_sites.fract_transf_matrix[2][3]   -0.00594496 
_atom_sites.fract_transf_matrix[3][1]   0.00021267 
_atom_sites.fract_transf_matrix[3][2]   0.00547201 
_atom_sites.fract_transf_matrix[3][3]   -0.00517718 
_atom_sites.fract_transf_vector[1]      0.436233 
_atom_sites.fract_transf_vector[2]      0.210079 
_atom_sites.fract_transf_vector[3]      0.384704 
# 
loop_
_atom_type.symbol 
C  
CO 
N  
O  
P  
S  
# 
loop_
_atom_site.group_PDB 
_atom_site.id 
_atom_site.type_symbol 
_atom_site.label_atom_id 
_atom_site.label_alt_id 
_atom_site.label_comp_id 
_atom_site.label_asym_id 
_atom_site.label_entity_id 
_atom_site.label_seq_id 
_atom_site.pdbx_PDB_ins_code 
_atom_site.Cartn_x 
_atom_site.Cartn_y 
_atom_site.Cartn_z 
_atom_site.occupancy 
_atom_site.B_iso_or_equiv 
_atom_site.pdbx_formal_charge 
_atom_site.auth_seq_id 
_atom_site.auth_comp_id 
_atom_site.auth_asym_id 
_atom_site.auth_atom_id 
_atom_site.pdbx_PDB_model_num 
ATOM   1    O  "O5'" A U   A 1 1  ? 18.397  5.079   -10.940 0.25 73.75  ? -5  U   A "O5'" 1 
ATOM   2    O  "O5'" B U   A 1 1  ? 15.734  6.859   -7.595  0.50 76.36  ? -5  U   A "O5'" 1 
ATOM   3    C  "C5'" A U   A 1 1  ? 17.588  5.520   -11.998 0.25 69.15  ? -5  U   A "C5'" 1 
ATOM   4    C  "C5'" B U   A 1 1  ? 16.811  6.811   -8.561  0.50 80.12  ? -5  U   A "C5'" 1 
ATOM   5    C  "C4'" A U   A 1 1  ? 16.598  4.494   -12.492 0.25 68.01  ? -5  U   A "C4'" 1 
ATOM   6    C  "C4'" B U   A 1 1  ? 16.613  5.491   -9.249  0.50 78.78  ? -5  U   A "C4'" 1 
ATOM   7    O  "O4'" A U   A 1 1  ? 17.175  3.152   -12.437 0.25 65.33  ? -5  U   A "O4'" 1 
ATOM   8    O  "O4'" B U   A 1 1  ? 17.251  4.439   -8.498  0.50 79.52  ? -5  U   A "O4'" 1 
ATOM   9    C  "C3'" A U   A 1 1  ? 15.338  4.274   -11.699 0.25 67.12  ? -5  U   A "C3'" 1 
ATOM   10   C  "C3'" B U   A 1 1  ? 15.138  5.169   -9.322  0.50 80.52  ? -5  U   A "C3'" 1 
ATOM   11   O  "O3'" A U   A 1 1  ? 14.485  5.468   -11.510 0.25 72.01  ? -5  U   A "O3'" 1 
ATOM   12   O  "O3'" B U   A 1 1  ? 14.566  5.568   -10.591 0.50 78.78  ? -5  U   A "O3'" 1 
ATOM   13   C  "C2'" A U   A 1 1  ? 14.820  2.982   -12.336 0.25 65.21  ? -5  U   A "C2'" 1 
ATOM   14   C  "C2'" B U   A 1 1  ? 15.042  3.668   -9.024  0.50 82.95  ? -5  U   A "C2'" 1 
ATOM   15   O  "O2'" A U   A 1 1  ? 14.233  3.206   -13.593 0.25 64.87  ? -5  U   A "O2'" 1 
ATOM   16   O  "O2'" B U   A 1 1  ? 14.710  2.731   -10.012 0.50 84.84  ? -5  U   A "O2'" 1 
ATOM   17   C  "C1'" A U   A 1 1  ? 16.126  2.186   -12.502 0.25 62.20  ? -5  U   A "C1'" 1 
ATOM   18   C  "C1'" B U   A 1 1  ? 16.427  3.305   -8.494  0.50 82.37  ? -5  U   A "C1'" 1 
ATOM   19   N  N1    A U   A 1 1  ? 16.356  1.120   -11.500 0.25 59.12  ? -5  U   A N1    1 
ATOM   20   N  N1    B U   A 1 1  ? 16.289  2.840   -7.124  0.50 84.42  ? -5  U   A N1    1 
ATOM   21   C  C2    A U   A 1 1  ? 15.659  -0.086  -11.619 0.25 58.23  ? -5  U   A C2    1 
ATOM   22   C  C2    B U   A 1 1  ? 15.823  1.558   -6.910  0.50 84.30  ? -5  U   A C2    1 
ATOM   23   O  O2    A U   A 1 1  ? 14.960  -0.345  -12.564 0.25 58.13  ? -5  U   A O2    1 
ATOM   24   O  O2    B U   A 1 1  ? 15.601  0.776   -7.808  0.50 83.14  ? -5  U   A O2    1 
ATOM   25   N  N3    A U   A 1 1  ? 15.834  -0.982  -10.587 0.25 56.75  ? -5  U   A N3    1 
ATOM   26   N  N3    B U   A 1 1  ? 15.585  1.248   -5.606  0.50 84.66  ? -5  U   A N3    1 
ATOM   27   C  C4    A U   A 1 1  ? 16.632  -0.816  -9.491  0.25 57.45  ? -5  U   A C4    1 
ATOM   28   C  C4    B U   A 1 1  ? 15.717  2.094   -4.530  0.50 86.51  ? -5  U   A C4    1 
ATOM   29   O  O4    A U   A 1 1  ? 16.515  -1.580  -8.531  0.25 57.11  ? -5  U   A O4    1 
ATOM   30   O  O4    B U   A 1 1  ? 15.073  1.838   -3.511  0.50 88.87  ? -5  U   A O4    1 
ATOM   31   C  C5    A U   A 1 1  ? 17.364  0.405   -9.491  0.25 58.15  ? -5  U   A C5    1 
ATOM   32   C  C5    B U   A 1 1  ? 16.284  3.371   -4.850  0.50 85.52  ? -5  U   A C5    1 
ATOM   33   C  C6    A U   A 1 1  ? 17.204  1.304   -10.464 0.25 58.06  ? -5  U   A C6    1 
ATOM   34   C  C6    B U   A 1 1  ? 16.551  3.678   -6.105  0.50 84.69  ? -5  U   A C6    1 
ATOM   35   P  P     . C   A 1 2  ? 12.997  5.354   -10.822 1.00 79.07  ? -4  C   A P     1 
ATOM   36   O  OP1   . C   A 1 2  ? 12.231  5.933   -11.962 1.00 76.64  ? -4  C   A OP1   1 
ATOM   37   O  OP2   . C   A 1 2  ? 12.678  5.822   -9.441  1.00 66.46  ? -4  C   A OP2   1 
ATOM   38   O  "O5'" . C   A 1 2  ? 12.785  3.794   -10.837 1.00 72.53  ? -4  C   A "O5'" 1 
ATOM   39   C  "C5'" . C   A 1 2  ? 11.509  3.309   -11.036 1.00 63.55  ? -4  C   A "C5'" 1 
ATOM   40   C  "C4'" . C   A 1 2  ? 11.580  1.901   -11.456 1.00 57.95  ? -4  C   A "C4'" 1 
ATOM   41   O  "O4'" . C   A 1 2  ? 12.674  1.271   -10.743 1.00 58.58  ? -4  C   A "O4'" 1 
ATOM   42   C  "C3'" . C   A 1 2  ? 10.322  1.229   -11.024 1.00 53.64  ? -4  C   A "C3'" 1 
ATOM   43   O  "O3'" . C   A 1 2  ? 9.170   1.415   -11.805 1.00 58.81  ? -4  C   A "O3'" 1 
ATOM   44   C  "C2'" . C   A 1 2  ? 10.698  0.011   -10.202 1.00 55.29  ? -4  C   A "C2'" 1 
ATOM   45   O  "O2'" . C   A 1 2  ? 10.470  -1.163  -10.938 1.00 58.89  ? -4  C   A "O2'" 1 
ATOM   46   C  "C1'" . C   A 1 2  ? 12.209  0.159   -10.012 1.00 53.00  ? -4  C   A "C1'" 1 
ATOM   47   N  N1    . C   A 1 2  ? 12.432  0.460   -8.590  1.00 51.12  ? -4  C   A N1    1 
ATOM   48   C  C2    . C   A 1 2  ? 12.311  -0.570  -7.660  1.00 48.58  ? -4  C   A C2    1 
ATOM   49   O  O2    . C   A 1 2  ? 12.046  -1.707  -8.060  1.00 53.25  ? -4  C   A O2    1 
ATOM   50   N  N3    . C   A 1 2  ? 12.475  -0.303  -6.348  1.00 45.89  ? -4  C   A N3    1 
ATOM   51   C  C4    . C   A 1 2  ? 12.742  0.939   -5.951  1.00 49.21  ? -4  C   A C4    1 
ATOM   52   N  N4    . C   A 1 2  ? 12.882  1.154   -4.644  1.00 51.20  ? -4  C   A N4    1 
ATOM   53   C  C5    . C   A 1 2  ? 12.876  2.014   -6.876  1.00 48.59  ? -4  C   A C5    1 
ATOM   54   C  C6    . C   A 1 2  ? 12.723  1.730   -8.176  1.00 48.99  ? -4  C   A C6    1 
ATOM   55   P  P     . C   A 1 3  ? 7.945   2.242   -11.178 1.00 52.81  ? -3  C   A P     1 
ATOM   56   O  OP1   . C   A 1 3  ? 7.169   2.966   -12.223 1.00 59.66  ? -3  C   A OP1   1 
ATOM   57   O  OP2   . C   A 1 3  ? 8.510   2.991   -10.040 1.00 45.30  ? -3  C   A OP2   1 
ATOM   58   O  "O5'" . C   A 1 3  ? 7.064   1.055   -10.608 1.00 51.51  ? -3  C   A "O5'" 1 
ATOM   59   C  "C5'" . C   A 1 3  ? 7.726   -0.118  -10.237 1.00 48.05  ? -3  C   A "C5'" 1 
ATOM   60   C  "C4'" . C   A 1 3  ? 6.775   -1.152  -9.790  1.00 49.73  ? -3  C   A "C4'" 1 
ATOM   61   O  "O4'" . C   A 1 3  ? 7.556   -2.008  -8.939  1.00 56.57  ? -3  C   A "O4'" 1 
ATOM   62   C  "C3'" . C   A 1 3  ? 5.565   -0.709  -9.004  1.00 51.37  ? -3  C   A "C3'" 1 
ATOM   63   O  "O3'" . C   A 1 3  ? 4.346   -0.598  -9.708  1.00 55.00  ? -3  C   A "O3'" 1 
ATOM   64   C  "C2'" . C   A 1 3  ? 5.583   -1.482  -7.696  1.00 54.52  ? -3  C   A "C2'" 1 
ATOM   65   O  "O2'" . C   A 1 3  ? 4.713   -2.585  -7.818  1.00 51.95  ? -3  C   A "O2'" 1 
ATOM   66   C  "C1'" . C   A 1 3  ? 6.975   -2.101  -7.665  1.00 54.48  ? -3  C   A "C1'" 1 
ATOM   67   N  N1    . C   A 1 3  ? 7.803   -1.285  -6.752  1.00 54.40  ? -3  C   A N1    1 
ATOM   68   C  C2    . C   A 1 3  ? 7.855   -1.618  -5.396  1.00 52.07  ? -3  C   A C2    1 
ATOM   69   O  O2    . C   A 1 3  ? 7.264   -2.624  -5.010  1.00 54.37  ? -3  C   A O2    1 
ATOM   70   N  N3    . C   A 1 3  ? 8.556   -0.834  -4.546  1.00 49.74  ? -3  C   A N3    1 
ATOM   71   C  C4    . C   A 1 3  ? 9.200   0.240   -5.009  1.00 49.51  ? -3  C   A C4    1 
ATOM   72   N  N4    . C   A 1 3  ? 9.860   0.995   -4.138  1.00 49.22  ? -3  C   A N4    1 
ATOM   73   C  C5    . C   A 1 3  ? 9.191   0.587   -6.389  1.00 51.22  ? -3  C   A C5    1 
ATOM   74   C  C6    . C   A 1 3  ? 8.488   -0.195  -7.219  1.00 53.30  ? -3  C   A C6    1 
ATOM   75   P  P     . C   A 1 4  ? 3.193   0.355   -9.123  1.00 56.72  ? -2  C   A P     1 
ATOM   76   O  OP1   . C   A 1 4  ? 2.014   0.327   -10.041 1.00 59.79  ? -2  C   A OP1   1 
ATOM   77   O  OP2   . C   A 1 4  ? 3.780   1.666   -8.713  1.00 47.24  ? -2  C   A OP2   1 
ATOM   78   O  "O5'" . C   A 1 4  ? 2.800   -0.426  -7.802  1.00 56.64  ? -2  C   A "O5'" 1 
ATOM   79   C  "C5'" . C   A 1 4  ? 2.457   0.268   -6.639  1.00 55.85  ? -2  C   A "C5'" 1 
ATOM   80   C  "C4'" . C   A 1 4  ? 2.240   -0.705  -5.532  1.00 57.61  ? -2  C   A "C4'" 1 
ATOM   81   O  "O4'" . C   A 1 4  ? 3.536   -1.181  -5.103  1.00 58.79  ? -2  C   A "O4'" 1 
ATOM   82   C  "C3'" . C   A 1 4  ? 1.573   -0.074  -4.337  1.00 58.21  ? -2  C   A "C3'" 1 
ATOM   83   O  "O3'" . C   A 1 4  ? 0.181   -0.228  -4.302  1.00 61.92  ? -2  C   A "O3'" 1 
ATOM   84   C  "C2'" . C   A 1 4  ? 2.438   -0.357  -3.120  1.00 55.86  ? -2  C   A "C2'" 1 
ATOM   85   O  "O2'" . C   A 1 4  ? 1.833   -1.349  -2.321  1.00 53.50  ? -2  C   A "O2'" 1 
ATOM   86   C  "C1'" . C   A 1 4  ? 3.709   -0.955  -3.718  1.00 56.11  ? -2  C   A "C1'" 1 
ATOM   87   N  N1    . C   A 1 4  ? 4.773   0.048   -3.562  1.00 55.53  ? -2  C   A N1    1 
ATOM   88   C  C2    . C   A 1 4  ? 5.389   0.196   -2.312  1.00 54.64  ? -2  C   A C2    1 
ATOM   89   O  O2    . C   A 1 4  ? 5.070   -0.569  -1.394  1.00 55.94  ? -2  C   A O2    1 
ATOM   90   N  N3    . C   A 1 4  ? 6.309   1.168   -2.139  1.00 50.68  ? -2  C   A N3    1 
ATOM   91   C  C4    . C   A 1 4  ? 6.618   1.975   -3.150  1.00 48.81  ? -2  C   A C4    1 
ATOM   92   N  N4    . C   A 1 4  ? 7.471   2.965   -2.916  1.00 44.69  ? -2  C   A N4    1 
ATOM   93   C  C5    . C   A 1 4  ? 6.047   1.816   -4.444  1.00 51.80  ? -2  C   A C5    1 
ATOM   94   C  C6    . C   A 1 4  ? 5.137   0.848   -4.605  1.00 52.43  ? -2  C   A C6    1 
HETATM 95   P  P     . A2M A 1 5  ? -0.741  1.011   -4.723  1.00 63.79  ? -1  A2M A P     1 
HETATM 96   O  OP1   . A2M A 1 5  ? -2.134  0.496   -4.640  1.00 64.26  ? -1  A2M A OP1   1 
HETATM 97   O  "O5'" . A2M A 1 5  ? -0.475  2.106   -3.590  1.00 59.13  ? -1  A2M A "O5'" 1 
HETATM 98   C  "C5'" . A2M A 1 5  ? -0.593  1.769   -2.207  1.00 60.10  ? -1  A2M A "C5'" 1 
HETATM 99   C  "C4'" . A2M A 1 5  ? -0.175  2.932   -1.336  1.00 62.52  ? -1  A2M A "C4'" 1 
HETATM 100  O  "O4'" . A2M A 1 5  ? 1.222   3.251   -1.573  1.00 63.74  ? -1  A2M A "O4'" 1 
HETATM 101  C  "C3'" . A2M A 1 5  ? -0.963  4.185   -1.687  1.00 66.33  ? -1  A2M A "C3'" 1 
HETATM 102  O  "O3'" . A2M A 1 5  ? -1.572  4.763   -0.510  1.00 72.37  ? -1  A2M A "O3'" 1 
HETATM 103  C  "C2'" . A2M A 1 5  ? -0.060  4.964   -2.647  1.00 62.76  ? -1  A2M A "C2'" 1 
HETATM 104  O  "O2'" . A2M A 1 5  ? -0.148  6.365   -2.657  1.00 63.29  ? -1  A2M A "O2'" 1 
HETATM 105  C  "C1'" . A2M A 1 5  ? 1.329   4.505   -2.205  1.00 62.35  ? -1  A2M A "C1'" 1 
HETATM 106  C  "CM'" . A2M A 1 5  ? -0.840  6.857   -3.861  1.00 51.55  ? -1  A2M A "CM'" 1 
HETATM 107  N  N9    . A2M A 1 5  ? 2.404   4.479   -3.193  1.00 60.82  ? -1  A2M A N9    1 
HETATM 108  C  C8    . A2M A 1 5  ? 2.439   3.914   -4.443  1.00 63.29  ? -1  A2M A C8    1 
HETATM 109  N  N7    . A2M A 1 5  ? 3.555   4.144   -5.097  1.00 60.68  ? -1  A2M A N7    1 
HETATM 110  C  C5    . A2M A 1 5  ? 4.307   4.898   -4.210  1.00 60.77  ? -1  A2M A C5    1 
HETATM 111  C  C6    . A2M A 1 5  ? 5.577   5.478   -4.309  1.00 62.53  ? -1  A2M A C6    1 
HETATM 112  N  N6    . A2M A 1 5  ? 6.339   5.393   -5.398  1.00 65.47  ? -1  A2M A N6    1 
HETATM 113  N  N1    . A2M A 1 5  ? 6.045   6.165   -3.240  1.00 62.91  ? -1  A2M A N1    1 
HETATM 114  C  C2    . A2M A 1 5  ? 5.271   6.256   -2.150  1.00 58.50  ? -1  A2M A C2    1 
HETATM 115  N  N3    . A2M A 1 5  ? 4.055   5.760   -1.941  1.00 59.16  ? -1  A2M A N3    1 
HETATM 116  C  C4    . A2M A 1 5  ? 3.623   5.089   -3.026  1.00 60.36  ? -1  A2M A C4    1 
HETATM 117  O  OP2   . A2M A 1 5  ? -0.233  1.561   -6.007  1.00 57.91  ? -1  A2M A OP2   1 
ATOM   118  P  P     . G   A 1 6  ? -1.932  6.339   -0.429  1.00 74.38  ? 1   G   A P     1 
ATOM   119  O  OP1   . G   A 1 6  ? -3.015  6.601   -1.417  1.00 75.49  ? 1   G   A OP1   1 
ATOM   120  O  OP2   . G   A 1 6  ? -0.701  7.172   -0.441  1.00 69.98  ? 1   G   A OP2   1 
ATOM   121  O  "O5'" . G   A 1 6  ? -2.553  6.507   1.029   1.00 73.04  ? 1   G   A "O5'" 1 
ATOM   122  C  "C5'" . G   A 1 6  ? -3.042  5.376   1.733   1.00 69.22  ? 1   G   A "C5'" 1 
ATOM   123  C  "C4'" . G   A 1 6  ? -4.289  5.723   2.508   1.00 65.97  ? 1   G   A "C4'" 1 
ATOM   124  O  "O4'" . G   A 1 6  ? -4.786  4.508   3.114   1.00 66.19  ? 1   G   A "O4'" 1 
ATOM   125  C  "C3'" . G   A 1 6  ? -3.989  6.688   3.649   1.00 65.10  ? 1   G   A "C3'" 1 
ATOM   126  O  "O3'" . G   A 1 6  ? -5.018  7.672   3.802   1.00 68.55  ? 1   G   A "O3'" 1 
ATOM   127  C  "C2'" . G   A 1 6  ? -3.793  5.804   4.881   1.00 64.36  ? 1   G   A "C2'" 1 
ATOM   128  O  "O2'" . G   A 1 6  ? -4.373  6.350   6.043   1.00 68.77  ? 1   G   A "O2'" 1 
ATOM   129  C  "C1'" . G   A 1 6  ? -4.613  4.570   4.506   1.00 63.85  ? 1   G   A "C1'" 1 
ATOM   130  N  N9    . G   A 1 6  ? -4.213  3.266   5.019   1.00 58.67  ? 1   G   A N9    1 
ATOM   131  C  C8    . G   A 1 6  ? -5.062  2.250   5.380   1.00 57.58  ? 1   G   A C8    1 
ATOM   132  N  N7    . G   A 1 6  ? -4.446  1.225   5.892   1.00 56.46  ? 1   G   A N7    1 
ATOM   133  C  C5    . G   A 1 6  ? -3.107  1.580   5.854   1.00 54.24  ? 1   G   A C5    1 
ATOM   134  C  C6    . G   A 1 6  ? -1.974  0.884   6.308   1.00 53.76  ? 1   G   A C6    1 
ATOM   135  O  O6    . G   A 1 6  ? -1.925  -0.212  6.881   1.00 52.16  ? 1   G   A O6    1 
ATOM   136  N  N1    . G   A 1 6  ? -0.804  1.600   6.063   1.00 52.09  ? 1   G   A N1    1 
ATOM   137  C  C2    . G   A 1 6  ? -0.748  2.836   5.475   1.00 51.25  ? 1   G   A C2    1 
ATOM   138  N  N2    . G   A 1 6  ? 0.471   3.367   5.332   1.00 51.40  ? 1   G   A N2    1 
ATOM   139  N  N3    . G   A 1 6  ? -1.807  3.505   5.063   1.00 51.44  ? 1   G   A N3    1 
ATOM   140  C  C4    . G   A 1 6  ? -2.945  2.825   5.287   1.00 55.62  ? 1   G   A C4    1 
ATOM   141  P  P     . U   A 1 7  ? -4.809  9.173   3.273   1.00 70.57  ? 2   U   A P     1 
ATOM   142  O  OP1   . U   A 1 7  ? -6.078  9.900   3.518   1.00 71.26  ? 2   U   A OP1   1 
ATOM   143  O  OP2   . U   A 1 7  ? -4.260  9.108   1.899   1.00 71.40  ? 2   U   A OP2   1 
ATOM   144  O  "O5'" . U   A 1 7  ? -3.718  9.783   4.252   1.00 71.40  ? 2   U   A "O5'" 1 
ATOM   145  C  "C5'" . U   A 1 7  ? -4.022  9.968   5.624   1.00 72.82  ? 2   U   A "C5'" 1 
ATOM   146  C  "C4'" . U   A 1 7  ? -2.896  10.689  6.309   1.00 75.40  ? 2   U   A "C4'" 1 
ATOM   147  O  "O4'" . U   A 1 7  ? -1.701  9.868   6.236   1.00 78.10  ? 2   U   A "O4'" 1 
ATOM   148  C  "C3'" . U   A 1 7  ? -2.484  11.998  5.659   1.00 75.45  ? 2   U   A "C3'" 1 
ATOM   149  O  "O3'" . U   A 1 7  ? -3.302  13.072  6.102   1.00 76.18  ? 2   U   A "O3'" 1 
ATOM   150  C  "C2'" . U   A 1 7  ? -1.050  12.147  6.139   1.00 78.05  ? 2   U   A "C2'" 1 
ATOM   151  O  "O2'" . U   A 1 7  ? -0.969  12.634  7.467   1.00 80.15  ? 2   U   A "O2'" 1 
ATOM   152  C  "C1'" . U   A 1 7  ? -0.564  10.696  6.092   1.00 76.86  ? 2   U   A "C1'" 1 
ATOM   153  N  N1    . U   A 1 7  ? 0.084   10.371  4.818   1.00 76.21  ? 2   U   A N1    1 
ATOM   154  C  C2    . U   A 1 7  ? 1.371   10.835  4.626   1.00 75.40  ? 2   U   A C2    1 
ATOM   155  O  O2    . U   A 1 7  ? 1.970   11.474  5.469   1.00 73.46  ? 2   U   A O2    1 
ATOM   156  N  N3    . U   A 1 7  ? 1.929   10.522  3.411   1.00 75.27  ? 2   U   A N3    1 
ATOM   157  C  C4    . U   A 1 7  ? 1.342   9.804   2.396   1.00 76.18  ? 2   U   A C4    1 
ATOM   158  O  O4    . U   A 1 7  ? 1.972   9.604   1.361   1.00 78.43  ? 2   U   A O4    1 
ATOM   159  C  C5    . U   A 1 7  ? 0.010   9.350   2.672   1.00 77.03  ? 2   U   A C5    1 
ATOM   160  C  C6    . U   A 1 7  ? -0.559  9.642   3.848   1.00 76.60  ? 2   U   A C6    1 
ATOM   161  P  P     . C   A 1 8  ? -3.725  14.224  5.069   1.00 79.29  ? 3   C   A P     1 
ATOM   162  O  OP1   . C   A 1 8  ? -4.574  15.206  5.794   1.00 81.04  ? 3   C   A OP1   1 
ATOM   163  O  OP2   . C   A 1 8  ? -4.258  13.542  3.862   1.00 74.05  ? 3   C   A OP2   1 
ATOM   164  O  "O5'" . C   A 1 8  ? -2.347  14.936  4.708   1.00 77.10  ? 3   C   A "O5'" 1 
ATOM   165  C  "C5'" . C   A 1 8  ? -1.503  15.433  5.736   1.00 77.79  ? 3   C   A "C5'" 1 
ATOM   166  C  "C4'" . C   A 1 8  ? -0.166  15.836  5.169   1.00 82.93  ? 3   C   A "C4'" 1 
ATOM   167  O  "O4'" . C   A 1 8  ? 0.568   14.650  4.758   1.00 84.69  ? 3   C   A "O4'" 1 
ATOM   168  C  "C3'" . C   A 1 8  ? -0.244  16.671  3.902   1.00 86.24  ? 3   C   A "C3'" 1 
ATOM   169  O  "O3'" . C   A 1 8  ? -0.466  18.044  4.181   1.00 89.24  ? 3   C   A "O3'" 1 
ATOM   170  C  "C2'" . C   A 1 8  ? 1.115   16.419  3.262   1.00 86.33  ? 3   C   A "C2'" 1 
ATOM   171  O  "O2'" . C   A 1 8  ? 2.140   17.208  3.827   1.00 87.49  ? 3   C   A "O2'" 1 
ATOM   172  C  "C1'" . C   A 1 8  ? 1.340   14.944  3.599   1.00 85.32  ? 3   C   A "C1'" 1 
ATOM   173  N  N1    . C   A 1 8  ? 0.934   14.047  2.503   1.00 84.27  ? 3   C   A N1    1 
ATOM   174  C  C2    . C   A 1 8  ? 1.855   13.783  1.488   1.00 84.70  ? 3   C   A C2    1 
ATOM   175  O  O2    . C   A 1 8  ? 2.986   14.283  1.569   1.00 85.94  ? 3   C   A O2    1 
ATOM   176  N  N3    . C   A 1 8  ? 1.495   12.991  0.449   1.00 84.16  ? 3   C   A N3    1 
ATOM   177  C  C4    . C   A 1 8  ? 0.271   12.462  0.410   1.00 83.71  ? 3   C   A C4    1 
ATOM   178  N  N4    . C   A 1 8  ? -0.044  11.688  -0.637  1.00 81.88  ? 3   C   A N4    1 
ATOM   179  C  C5    . C   A 1 8  ? -0.686  12.702  1.439   1.00 83.66  ? 3   C   A C5    1 
ATOM   180  C  C6    . C   A 1 8  ? -0.315  13.494  2.459   1.00 83.60  ? 3   C   A C6    1 
ATOM   181  P  P     . C   A 1 9  ? -1.359  18.921  3.173   1.00 94.22  ? 4   C   A P     1 
ATOM   182  O  OP1   . C   A 1 9  ? -1.565  20.252  3.799   1.00 95.41  ? 4   C   A OP1   1 
ATOM   183  O  OP2   . C   A 1 9  ? -2.541  18.107  2.784   1.00 89.98  ? 4   C   A OP2   1 
ATOM   184  O  "O5'" . C   A 1 9  ? -0.417  19.094  1.897   1.00 94.03  ? 4   C   A "O5'" 1 
ATOM   185  C  "C5'" . C   A 1 9  ? 0.842   19.752  2.005   1.00 95.63  ? 4   C   A "C5'" 1 
ATOM   186  C  "C4'" . C   A 1 9  ? 1.567   19.745  0.677   1.00 98.92  ? 4   C   A "C4'" 1 
ATOM   187  O  "O4'" . C   A 1 9  ? 1.957   18.383  0.350   1.00 99.71  ? 4   C   A "O4'" 1 
ATOM   188  C  "C3'" . C   A 1 9  ? 0.740   20.183  -0.526  1.00 103.24 ? 4   C   A "C3'" 1 
ATOM   189  O  "O3'" . C   A 1 9  ? 0.700   21.598  -0.680  1.00 105.59 ? 4   C   A "O3'" 1 
ATOM   190  C  "C2'" . C   A 1 9  ? 1.474   19.521  -1.686  1.00 103.65 ? 4   C   A "C2'" 1 
ATOM   191  O  "O2'" . C   A 1 9  ? 2.619   20.245  -2.094  1.00 105.57 ? 4   C   A "O2'" 1 
ATOM   192  C  "C1'" . C   A 1 9  ? 1.896   18.193  -1.057  1.00 101.73 ? 4   C   A "C1'" 1 
ATOM   193  N  N1    . C   A 1 9  ? 0.979   17.080  -1.362  1.00 100.91 ? 4   C   A N1    1 
ATOM   194  C  C2    . C   A 1 9  ? 1.047   16.490  -2.630  1.00 100.84 ? 4   C   A C2    1 
ATOM   195  O  O2    . C   A 1 9  ? 1.865   16.934  -3.452  1.00 100.91 ? 4   C   A O2    1 
ATOM   196  N  N3    . C   A 1 9  ? 0.223   15.457  -2.928  1.00 100.07 ? 4   C   A N3    1 
ATOM   197  C  C4    . C   A 1 9  ? -0.644  15.014  -2.016  1.00 98.73  ? 4   C   A C4    1 
ATOM   198  N  N4    . C   A 1 9  ? -1.427  13.990  -2.352  1.00 97.22  ? 4   C   A N4    1 
ATOM   199  C  C5    . C   A 1 9  ? -0.743  15.603  -0.720  1.00 98.75  ? 4   C   A C5    1 
ATOM   200  C  C6    . C   A 1 9  ? 0.081   16.623  -0.438  1.00 100.11 ? 4   C   A C6    1 
ATOM   201  P  P     . A   A 1 10 ? -0.475  22.271  -1.552  1.00 107.46 ? 5   A   A P     1 
ATOM   202  O  OP1   . A   A 1 10 ? -0.284  23.739  -1.489  1.00 109.80 ? 5   A   A OP1   1 
ATOM   203  O  OP2   . A   A 1 10 ? -1.769  21.682  -1.120  1.00 104.80 ? 5   A   A OP2   1 
ATOM   204  O  "O5'" . A   A 1 10 ? -0.178  21.796  -3.046  1.00 109.00 ? 5   A   A "O5'" 1 
ATOM   205  C  "C5'" . A   A 1 10 ? 0.885   22.380  -3.797  1.00 110.34 ? 5   A   A "C5'" 1 
ATOM   206  C  "C4'" . A   A 1 10 ? 0.826   21.934  -5.241  1.00 111.99 ? 5   A   A "C4'" 1 
ATOM   207  O  "O4'" . A   A 1 10 ? 1.106   20.508  -5.323  1.00 111.33 ? 5   A   A "O4'" 1 
ATOM   208  C  "C3'" . A   A 1 10 ? -0.528  22.085  -5.919  1.00 114.49 ? 5   A   A "C3'" 1 
ATOM   209  O  "O3'" . A   A 1 10 ? -0.740  23.401  -6.418  1.00 116.46 ? 5   A   A "O3'" 1 
ATOM   210  C  "C2'" . A   A 1 10 ? -0.445  21.058  -7.042  1.00 114.10 ? 5   A   A "C2'" 1 
ATOM   211  O  "O2'" . A   A 1 10 ? 0.254   21.536  -8.177  1.00 114.18 ? 5   A   A "O2'" 1 
ATOM   212  C  "C1'" . A   A 1 10 ? 0.334   19.928  -6.365  1.00 112.04 ? 5   A   A "C1'" 1 
ATOM   213  N  N9    . A   A 1 10 ? -0.540  18.906  -5.790  1.00 110.33 ? 5   A   A N9    1 
ATOM   214  C  C8    . A   A 1 10 ? -0.976  18.789  -4.493  1.00 109.92 ? 5   A   A C8    1 
ATOM   215  N  N7    . A   A 1 10 ? -1.775  17.768  -4.294  1.00 109.73 ? 5   A   A N7    1 
ATOM   216  C  C5    . A   A 1 10 ? -1.869  17.168  -5.542  1.00 109.07 ? 5   A   A C5    1 
ATOM   217  C  C6    . A   A 1 10 ? -2.573  16.036  -6.002  1.00 108.68 ? 5   A   A C6    1 
ATOM   218  N  N6    . A   A 1 10 ? -3.357  15.283  -5.227  1.00 106.82 ? 5   A   A N6    1 
ATOM   219  N  N1    . A   A 1 10 ? -2.447  15.705  -7.307  1.00 109.16 ? 5   A   A N1    1 
ATOM   220  C  C2    . A   A 1 10 ? -1.668  16.468  -8.088  1.00 109.52 ? 5   A   A C2    1 
ATOM   221  N  N3    . A   A 1 10 ? -0.962  17.556  -7.774  1.00 109.12 ? 5   A   A N3    1 
ATOM   222  C  C4    . A   A 1 10 ? -1.107  17.855  -6.471  1.00 109.58 ? 5   A   A C4    1 
ATOM   223  P  P     . C   A 1 11 ? -2.244  23.924  -6.662  1.00 119.20 ? 6   C   A P     1 
ATOM   224  O  OP1   . C   A 1 11 ? -2.186  25.387  -6.890  1.00 120.56 ? 6   C   A OP1   1 
ATOM   225  O  OP2   . C   A 1 11 ? -3.091  23.388  -5.569  1.00 118.21 ? 6   C   A OP2   1 
ATOM   226  O  "O5'" . C   A 1 11 ? -2.696  23.222  -8.023  1.00 117.33 ? 6   C   A "O5'" 1 
ATOM   227  C  "C5'" . C   A 1 11 ? -2.139  23.617  -9.272  1.00 115.86 ? 6   C   A "C5'" 1 
ATOM   228  C  "C4'" . C   A 1 11 ? -2.549  22.652  -10.359 1.00 116.88 ? 6   C   A "C4'" 1 
ATOM   229  O  "O4'" . C   A 1 11 ? -2.090  21.319  -10.000 1.00 116.70 ? 6   C   A "O4'" 1 
ATOM   230  C  "C3'" . C   A 1 11 ? -4.044  22.480  -10.572 1.00 118.65 ? 6   C   A "C3'" 1 
ATOM   231  O  "O3'" . C   A 1 11 ? -4.601  23.490  -11.405 1.00 119.87 ? 6   C   A "O3'" 1 
ATOM   232  C  "C2'" . C   A 1 11 ? -4.118  21.099  -11.209 1.00 118.05 ? 6   C   A "C2'" 1 
ATOM   233  O  "O2'" . C   A 1 11 ? -3.798  21.104  -12.587 1.00 118.77 ? 6   C   A "O2'" 1 
ATOM   234  C  "C1'" . C   A 1 11 ? -3.040  20.353  -10.423 1.00 116.07 ? 6   C   A "C1'" 1 
ATOM   235  N  N1    . C   A 1 11 ? -3.607  19.713  -9.225  1.00 115.11 ? 6   C   A N1    1 
ATOM   236  C  C2    . C   A 1 11 ? -4.275  18.493  -9.366  1.00 115.22 ? 6   C   A C2    1 
ATOM   237  O  O2    . C   A 1 11 ? -4.331  17.964  -10.488 1.00 115.85 ? 6   C   A O2    1 
ATOM   238  N  N3    . C   A 1 11 ? -4.839  17.919  -8.276  1.00 114.59 ? 6   C   A N3    1 
ATOM   239  C  C4    . C   A 1 11 ? -4.745  18.517  -7.086  1.00 114.06 ? 6   C   A C4    1 
ATOM   240  N  N4    . C   A 1 11 ? -5.328  17.924  -6.043  1.00 114.49 ? 6   C   A N4    1 
ATOM   241  C  C5    . C   A 1 11 ? -4.054  19.750  -6.912  1.00 113.24 ? 6   C   A C5    1 
ATOM   242  C  C6    . C   A 1 11 ? -3.504  20.306  -7.998  1.00 113.97 ? 6   C   A C6    1 
ATOM   243  P  P     . C   A 1 12 ? -6.165  23.850  -11.272 1.00 121.79 ? 7   C   A P     1 
ATOM   244  O  OP1   . C   A 1 12 ? -6.469  24.943  -12.228 1.00 122.33 ? 7   C   A OP1   1 
ATOM   245  O  OP2   . C   A 1 12 ? -6.453  24.039  -9.826  1.00 119.83 ? 7   C   A OP2   1 
ATOM   246  O  "O5'" . C   A 1 12 ? -6.913  22.534  -11.775 1.00 119.35 ? 7   C   A "O5'" 1 
ATOM   247  C  "C5'" . C   A 1 12 ? -6.821  22.133  -13.138 1.00 117.95 ? 7   C   A "C5'" 1 
ATOM   248  C  "C4'" . C   A 1 12 ? -7.634  20.886  -13.386 1.00 117.47 ? 7   C   A "C4'" 1 
ATOM   249  O  "O4'" . C   A 1 12 ? -7.079  19.788  -12.614 1.00 116.35 ? 7   C   A "O4'" 1 
ATOM   250  C  "C3'" . C   A 1 12 ? -9.087  20.947  -12.943 1.00 118.25 ? 7   C   A "C3'" 1 
ATOM   251  O  "O3'" . C   A 1 12 ? -9.918  21.571  -13.911 1.00 120.38 ? 7   C   A "O3'" 1 
ATOM   252  C  "C2'" . C   A 1 12 ? -9.430  19.474  -12.764 1.00 117.09 ? 7   C   A "C2'" 1 
ATOM   253  O  "O2'" . C   A 1 12 ? -9.717  18.820  -13.986 1.00 116.62 ? 7   C   A "O2'" 1 
ATOM   254  C  "C1'" . C   A 1 12 ? -8.126  18.934  -12.176 1.00 115.62 ? 7   C   A "C1'" 1 
ATOM   255  N  N1    . C   A 1 12 ? -8.151  18.933  -10.706 1.00 113.81 ? 7   C   A N1    1 
ATOM   256  C  C2    . C   A 1 12 ? -8.812  17.883  -10.044 1.00 113.42 ? 7   C   A C2    1 
ATOM   257  O  O2    . C   A 1 12 ? -9.326  16.974  -10.720 1.00 112.02 ? 7   C   A O2    1 
ATOM   258  N  N3    . C   A 1 12 ? -8.869  17.888  -8.690  1.00 112.22 ? 7   C   A N3    1 
ATOM   259  C  C4    . C   A 1 12 ? -8.297  18.883  -8.002  1.00 111.19 ? 7   C   A C4    1 
ATOM   260  N  N4    . C   A 1 12 ? -8.390  18.858  -6.673  1.00 110.27 ? 7   C   A N4    1 
ATOM   261  C  C5    . C   A 1 12 ? -7.607  19.951  -8.649  1.00 111.09 ? 7   C   A C5    1 
ATOM   262  C  C6    . C   A 1 12 ? -7.558  19.936  -9.989  1.00 112.24 ? 7   C   A C6    1 
ATOM   263  P  P     . G   A 1 13 ? -11.278 22.289  -13.443 1.00 122.90 ? 8   G   A P     1 
ATOM   264  O  OP1   . G   A 1 13 ? -11.809 23.057  -14.601 1.00 121.51 ? 8   G   A OP1   1 
ATOM   265  O  OP2   . G   A 1 13 ? -10.987 22.989  -12.160 1.00 119.91 ? 8   G   A OP2   1 
ATOM   266  O  "O5'" . G   A 1 13 ? -12.278 21.083  -13.141 1.00 117.54 ? 8   G   A "O5'" 1 
ATOM   267  C  "C5'" . G   A 1 13 ? -12.743 20.238  -14.192 1.00 111.89 ? 8   G   A "C5'" 1 
ATOM   268  C  "C4'" . G   A 1 13 ? -13.555 19.102  -13.624 1.00 109.63 ? 8   G   A "C4'" 1 
ATOM   269  O  "O4'" . G   A 1 13 ? -12.716 18.318  -12.736 1.00 109.59 ? 8   G   A "O4'" 1 
ATOM   270  C  "C3'" . G   A 1 13 ? -14.719 19.523  -12.745 1.00 108.98 ? 8   G   A "C3'" 1 
ATOM   271  O  "O3'" . G   A 1 13 ? -15.847 19.971  -13.495 1.00 108.70 ? 8   G   A "O3'" 1 
ATOM   272  C  "C2'" . G   A 1 13 ? -14.930 18.291  -11.871 1.00 108.57 ? 8   G   A "C2'" 1 
ATOM   273  O  "O2'" . G   A 1 13 ? -15.634 17.253  -12.528 1.00 107.27 ? 8   G   A "O2'" 1 
ATOM   274  C  "C1'" . G   A 1 13 ? -13.484 17.842  -11.641 1.00 105.36 ? 8   G   A "C1'" 1 
ATOM   275  N  N9    . G   A 1 13 ? -12.890 18.352  -10.408 1.00 100.58 ? 8   G   A N9    1 
ATOM   276  C  C8    . G   A 1 13 ? -12.037 19.422  -10.279 1.00 99.22  ? 8   G   A C8    1 
ATOM   277  N  N7    . G   A 1 13 ? -11.651 19.625  -9.047  1.00 97.85  ? 8   G   A N7    1 
ATOM   278  C  C5    . G   A 1 13 ? -12.290 18.631  -8.317  1.00 96.71  ? 8   G   A C5    1 
ATOM   279  C  C6    . G   A 1 13 ? -12.253 18.341  -6.926  1.00 95.32  ? 8   G   A C6    1 
ATOM   280  O  O6    . G   A 1 13 ? -11.623 18.920  -6.032  1.00 94.64  ? 8   G   A O6    1 
ATOM   281  N  N1    . G   A 1 13 ? -13.056 17.249  -6.611  1.00 94.93  ? 8   G   A N1    1 
ATOM   282  C  C2    . G   A 1 13 ? -13.800 16.528  -7.512  1.00 96.07  ? 8   G   A C2    1 
ATOM   283  N  N2    . G   A 1 13 ? -14.519 15.511  -7.008  1.00 94.41  ? 8   G   A N2    1 
ATOM   284  N  N3    . G   A 1 13 ? -13.839 16.784  -8.811  1.00 97.39  ? 8   G   A N3    1 
ATOM   285  C  C4    . G   A 1 13 ? -13.065 17.842  -9.141  1.00 98.15  ? 8   G   A C4    1 
ATOM   286  O  "O5'" . C   B 2 1  ? -13.723 12.260  0.701   1.00 115.42 ? 2   C   B "O5'" 1 
ATOM   287  C  "C5'" . C   B 2 1  ? -14.938 11.521  0.568   1.00 114.67 ? 2   C   B "C5'" 1 
ATOM   288  C  "C4'" . C   B 2 1  ? -15.452 11.535  -0.851  1.00 114.08 ? 2   C   B "C4'" 1 
ATOM   289  O  "O4'" . C   B 2 1  ? -15.885 12.881  -1.192  1.00 113.65 ? 2   C   B "O4'" 1 
ATOM   290  C  "C3'" . C   B 2 1  ? -14.415 11.221  -1.915  1.00 114.57 ? 2   C   B "C3'" 1 
ATOM   291  O  "O3'" . C   B 2 1  ? -14.169 9.835   -2.073  1.00 115.47 ? 2   C   B "O3'" 1 
ATOM   292  C  "C2'" . C   B 2 1  ? -15.013 11.871  -3.154  1.00 112.54 ? 2   C   B "C2'" 1 
ATOM   293  O  "O2'" . C   B 2 1  ? -16.058 11.116  -3.736  1.00 113.79 ? 2   C   B "O2'" 1 
ATOM   294  C  "C1'" . C   B 2 1  ? -15.587 13.153  -2.558  1.00 109.82 ? 2   C   B "C1'" 1 
ATOM   295  N  N1    . C   B 2 1  ? -14.592 14.239  -2.618  1.00 106.20 ? 2   C   B N1    1 
ATOM   296  C  C2    . C   B 2 1  ? -14.426 14.925  -3.828  1.00 104.02 ? 2   C   B C2    1 
ATOM   297  O  O2    . C   B 2 1  ? -15.130 14.611  -4.797  1.00 103.38 ? 2   C   B O2    1 
ATOM   298  N  N3    . C   B 2 1  ? -13.505 15.911  -3.908  1.00 102.04 ? 2   C   B N3    1 
ATOM   299  C  C4    . C   B 2 1  ? -12.766 16.222  -2.842  1.00 102.41 ? 2   C   B C4    1 
ATOM   300  N  N4    . C   B 2 1  ? -11.866 17.200  -2.971  1.00 100.80 ? 2   C   B N4    1 
ATOM   301  C  C5    . C   B 2 1  ? -12.918 15.544  -1.594  1.00 103.06 ? 2   C   B C5    1 
ATOM   302  C  C6    . C   B 2 1  ? -13.835 14.568  -1.527  1.00 104.79 ? 2   C   B C6    1 
ATOM   303  P  P     . G   B 2 2  ? -12.778 9.362   -2.718  1.00 115.93 ? 3   G   B P     1 
ATOM   304  O  OP1   . G   B 2 2  ? -12.666 7.889   -2.545  1.00 117.26 ? 3   G   B OP1   1 
ATOM   305  O  OP2   . G   B 2 2  ? -11.721 10.249  -2.170  1.00 113.68 ? 3   G   B OP2   1 
ATOM   306  O  "O5'" . G   B 2 2  ? -12.949 9.692   -4.268  1.00 113.41 ? 3   G   B "O5'" 1 
ATOM   307  C  "C5'" . G   B 2 2  ? -13.942 9.027   -5.046  1.00 110.44 ? 3   G   B "C5'" 1 
ATOM   308  C  "C4'" . G   B 2 2  ? -13.898 9.513   -6.473  1.00 110.37 ? 3   G   B "C4'" 1 
ATOM   309  O  "O4'" . G   B 2 2  ? -14.286 10.911  -6.512  1.00 108.72 ? 3   G   B "O4'" 1 
ATOM   310  C  "C3'" . G   B 2 2  ? -12.531 9.493   -7.136  1.00 111.49 ? 3   G   B "C3'" 1 
ATOM   311  O  "O3'" . G   B 2 2  ? -12.190 8.214   -7.649  1.00 115.03 ? 3   G   B "O3'" 1 
ATOM   312  C  "C2'" . G   B 2 2  ? -12.690 10.543  -8.228  1.00 109.15 ? 3   G   B "C2'" 1 
ATOM   313  O  "O2'" . G   B 2 2  ? -13.386 10.070  -9.368  1.00 108.53 ? 3   G   B "O2'" 1 
ATOM   314  C  "C1'" . G   B 2 2  ? -13.529 11.593  -7.500  1.00 105.02 ? 3   G   B "C1'" 1 
ATOM   315  N  N9    . G   B 2 2  ? -12.671 12.551  -6.816  1.00 100.46 ? 3   G   B N9    1 
ATOM   316  C  C8    . G   B 2 2  ? -12.421 12.622  -5.467  1.00 98.68  ? 3   G   B C8    1 
ATOM   317  N  N7    . G   B 2 2  ? -11.589 13.576  -5.150  1.00 97.47  ? 3   G   B N7    1 
ATOM   318  C  C5    . G   B 2 2  ? -11.272 14.173  -6.363  1.00 97.11  ? 3   G   B C5    1 
ATOM   319  C  C6    . G   B 2 2  ? -10.405 15.262  -6.656  1.00 96.65  ? 3   G   B C6    1 
ATOM   320  O  O6    . G   B 2 2  ? -9.720  15.935  -5.872  1.00 95.26  ? 3   G   B O6    1 
ATOM   321  N  N1    . G   B 2 2  ? -10.374 15.538  -8.022  1.00 95.82  ? 3   G   B N1    1 
ATOM   322  C  C2    . G   B 2 2  ? -11.080 14.851  -8.983  1.00 97.59  ? 3   G   B C2    1 
ATOM   323  N  N2    . G   B 2 2  ? -10.907 15.254  -10.252 1.00 97.50  ? 3   G   B N2    1 
ATOM   324  N  N3    . G   B 2 2  ? -11.893 13.837  -8.722  1.00 97.49  ? 3   G   B N3    1 
ATOM   325  C  C4    . G   B 2 2  ? -11.938 13.553  -7.401  1.00 98.45  ? 3   G   B C4    1 
ATOM   326  P  P     . G   B 2 3  ? -10.643 7.811   -7.782  1.00 116.55 ? 4   G   B P     1 
ATOM   327  O  OP1   . G   B 2 3  ? -10.572 6.383   -8.192  1.00 116.31 ? 4   G   B OP1   1 
ATOM   328  O  OP2   . G   B 2 3  ? -9.970  8.256   -6.533  1.00 113.79 ? 4   G   B OP2   1 
ATOM   329  O  "O5'" . G   B 2 3  ? -10.117 8.711   -8.986  1.00 112.84 ? 4   G   B "O5'" 1 
ATOM   330  C  "C5'" . G   B 2 3  ? -10.610 8.512   -10.305 1.00 110.85 ? 4   G   B "C5'" 1 
ATOM   331  C  "C4'" . G   B 2 3  ? -9.901  9.424   -11.269 1.00 110.30 ? 4   G   B "C4'" 1 
ATOM   332  O  "O4'" . G   B 2 3  ? -10.310 10.796  -11.020 1.00 109.70 ? 4   G   B "O4'" 1 
ATOM   333  C  "C3'" . G   B 2 3  ? -8.390  9.463   -11.126 1.00 110.65 ? 4   G   B "C3'" 1 
ATOM   334  O  "O3'" . G   B 2 3  ? -7.743  8.379   -11.771 1.00 114.63 ? 4   G   B "O3'" 1 
ATOM   335  C  "C2'" . G   B 2 3  ? -8.049  10.812  -11.739 1.00 108.29 ? 4   G   B "C2'" 1 
ATOM   336  O  "O2'" . G   B 2 3  ? -8.058  10.789  -13.151 1.00 106.73 ? 4   G   B "O2'" 1 
ATOM   337  C  "C1'" . G   B 2 3  ? -9.206  11.668  -11.222 1.00 106.64 ? 4   G   B "C1'" 1 
ATOM   338  N  N9    . G   B 2 3  ? -8.848  12.250  -9.933  1.00 103.19 ? 4   G   B N9    1 
ATOM   339  C  C8    . G   B 2 3  ? -9.223  11.803  -8.688  1.00 102.04 ? 4   G   B C8    1 
ATOM   340  N  N7    . G   B 2 3  ? -8.704  12.504  -7.714  1.00 100.54 ? 4   G   B N7    1 
ATOM   341  C  C5    . G   B 2 3  ? -7.950  13.479  -8.357  1.00 99.21  ? 4   G   B C5    1 
ATOM   342  C  C6    . G   B 2 3  ? -7.150  14.525  -7.822  1.00 97.84  ? 4   G   B C6    1 
ATOM   343  O  O6    . G   B 2 3  ? -6.942  14.809  -6.639  1.00 97.40  ? 4   G   B O6    1 
ATOM   344  N  N1    . G   B 2 3  ? -6.555  15.278  -8.828  1.00 96.80  ? 4   G   B N1    1 
ATOM   345  C  C2    . G   B 2 3  ? -6.706  15.054  -10.175 1.00 97.60  ? 4   G   B C2    1 
ATOM   346  N  N2    . G   B 2 3  ? -6.035  15.885  -10.989 1.00 96.18  ? 4   G   B N2    1 
ATOM   347  N  N3    . G   B 2 3  ? -7.451  14.087  -10.686 1.00 98.50  ? 4   G   B N3    1 
ATOM   348  C  C4    . G   B 2 3  ? -8.037  13.342  -9.727  1.00 100.26 ? 4   G   B C4    1 
ATOM   349  P  P     . U   B 2 4  ? -6.321  7.869   -11.216 1.00 116.73 ? 5   U   B P     1 
ATOM   350  O  OP1   . U   B 2 4  ? -6.006  6.576   -11.877 1.00 117.40 ? 5   U   B OP1   1 
ATOM   351  O  OP2   . U   B 2 4  ? -6.371  7.943   -9.732  1.00 115.41 ? 5   U   B OP2   1 
ATOM   352  O  "O5'" . U   B 2 4  ? -5.293  8.973   -11.734 1.00 113.65 ? 5   U   B "O5'" 1 
ATOM   353  C  "C5'" . U   B 2 4  ? -5.154  9.233   -13.128 1.00 112.23 ? 5   U   B "C5'" 1 
ATOM   354  C  "C4'" . U   B 2 4  ? -4.297  10.455  -13.361 1.00 111.98 ? 5   U   B "C4'" 1 
ATOM   355  O  "O4'" . U   B 2 4  ? -4.958  11.617  -12.784 1.00 112.39 ? 5   U   B "O4'" 1 
ATOM   356  C  "C3'" . U   B 2 4  ? -2.929  10.452  -12.694 1.00 112.27 ? 5   U   B "C3'" 1 
ATOM   357  O  "O3'" . U   B 2 4  ? -1.944  9.744   -13.439 1.00 113.20 ? 5   U   B "O3'" 1 
ATOM   358  C  "C2'" . U   B 2 4  ? -2.613  11.938  -12.609 1.00 110.91 ? 5   U   B "C2'" 1 
ATOM   359  O  "O2'" . U   B 2 4  ? -2.177  12.468  -13.845 1.00 109.70 ? 5   U   B "O2'" 1 
ATOM   360  C  "C1'" . U   B 2 4  ? -3.985  12.512  -12.261 1.00 109.48 ? 5   U   B "C1'" 1 
ATOM   361  N  N1    . U   B 2 4  ? -4.153  12.605  -10.803 1.00 107.06 ? 5   U   B N1    1 
ATOM   362  C  C2    . U   B 2 4  ? -3.512  13.650  -10.159 1.00 105.40 ? 5   U   B C2    1 
ATOM   363  O  O2    . U   B 2 4  ? -2.870  14.499  -10.755 1.00 104.13 ? 5   U   B O2    1 
ATOM   364  N  N3    . U   B 2 4  ? -3.649  13.663  -8.791  1.00 103.50 ? 5   U   B N3    1 
ATOM   365  C  C4    . U   B 2 4  ? -4.353  12.763  -8.018  1.00 103.84 ? 5   U   B C4    1 
ATOM   366  O  O4    . U   B 2 4  ? -4.345  12.885  -6.793  1.00 102.84 ? 5   U   B O4    1 
ATOM   367  C  C5    . U   B 2 4  ? -5.012  11.723  -8.759  1.00 104.88 ? 5   U   B C5    1 
ATOM   368  C  C6    . U   B 2 4  ? -4.895  11.683  -10.094 1.00 106.20 ? 5   U   B C6    1 
ATOM   369  P  P     . G   B 2 5  ? -0.679  9.106   -12.676 1.00 112.91 ? 6   G   B P     1 
ATOM   370  O  OP1   . G   B 2 5  ? 0.108   8.327   -13.665 1.00 113.49 ? 6   G   B OP1   1 
ATOM   371  O  OP2   . G   B 2 5  ? -1.181  8.446   -11.444 1.00 111.37 ? 6   G   B OP2   1 
ATOM   372  O  "O5'" . G   B 2 5  ? 0.189   10.365  -12.232 1.00 107.69 ? 6   G   B "O5'" 1 
ATOM   373  C  "C5'" . G   B 2 5  ? 0.789   11.199  -13.208 1.00 101.68 ? 6   G   B "C5'" 1 
ATOM   374  C  "C4'" . G   B 2 5  ? 1.482   12.360  -12.548 1.00 98.75  ? 6   G   B "C4'" 1 
ATOM   375  O  "O4'" . G   B 2 5  ? 0.498   13.189  -11.871 1.00 97.34  ? 6   G   B "O4'" 1 
ATOM   376  C  "C3'" . G   B 2 5  ? 2.458   11.988  -11.449 1.00 96.76  ? 6   G   B "C3'" 1 
ATOM   377  O  "O3'" . G   B 2 5  ? 3.724   11.625  -11.979 1.00 98.40  ? 6   G   B "O3'" 1 
ATOM   378  C  "C2'" . G   B 2 5  ? 2.513   13.267  -10.624 1.00 94.87  ? 6   G   B "C2'" 1 
ATOM   379  O  "O2'" . G   B 2 5  ? 3.326   14.263  -11.207 1.00 92.23  ? 6   G   B "O2'" 1 
ATOM   380  C  "C1'" . G   B 2 5  ? 1.059   13.721  -10.682 1.00 93.52  ? 6   G   B "C1'" 1 
ATOM   381  N  N9    . G   B 2 5  ? 0.303   13.207  -9.549  1.00 92.26  ? 6   G   B N9    1 
ATOM   382  C  C8    . G   B 2 5  ? -0.580  12.152  -9.543  1.00 92.00  ? 6   G   B C8    1 
ATOM   383  N  N7    . G   B 2 5  ? -1.091  11.919  -8.363  1.00 91.45  ? 6   G   B N7    1 
ATOM   384  C  C5    . G   B 2 5  ? -0.513  12.881  -7.543  1.00 90.33  ? 6   G   B C5    1 
ATOM   385  C  C6    . G   B 2 5  ? -0.681  13.127  -6.161  1.00 89.22  ? 6   G   B C6    1 
ATOM   386  O  O6    . G   B 2 5  ? -1.402  12.526  -5.357  1.00 89.93  ? 6   G   B O6    1 
ATOM   387  N  N1    . G   B 2 5  ? 0.100   14.198  -5.732  1.00 86.74  ? 6   G   B N1    1 
ATOM   388  C  C2    . G   B 2 5  ? 0.931   14.939  -6.534  1.00 85.68  ? 6   G   B C2    1 
ATOM   389  N  N2    . G   B 2 5  ? 1.590   15.936  -5.939  1.00 83.87  ? 6   G   B N2    1 
ATOM   390  N  N3    . G   B 2 5  ? 1.098   14.720  -7.827  1.00 86.83  ? 6   G   B N3    1 
ATOM   391  C  C4    . G   B 2 5  ? 0.349   13.683  -8.262  1.00 90.15  ? 6   G   B C4    1 
ATOM   392  P  P     . A   B 2 6  ? 4.664   10.612  -11.160 1.00 98.03  ? 7   A   B P     1 
ATOM   393  O  OP1   . A   B 2 6  ? 5.822   10.236  -12.008 1.00 99.81  ? 7   A   B OP1   1 
ATOM   394  O  OP2   . A   B 2 6  ? 3.779   9.547   -10.610 1.00 97.09  ? 7   A   B OP2   1 
ATOM   395  O  "O5'" . A   B 2 6  ? 5.203   11.500  -9.955  1.00 92.27  ? 7   A   B "O5'" 1 
ATOM   396  C  "C5'" . A   B 2 6  ? 5.825   12.754  -10.196 1.00 88.81  ? 7   A   B "C5'" 1 
ATOM   397  C  "C4'" . A   B 2 6  ? 5.967   13.508  -8.901  1.00 89.47  ? 7   A   B "C4'" 1 
ATOM   398  O  "O4'" . A   B 2 6  ? 4.654   13.914  -8.428  1.00 89.67  ? 7   A   B "O4'" 1 
ATOM   399  C  "C3'" . A   B 2 6  ? 6.529   12.683  -7.761  1.00 90.33  ? 7   A   B "C3'" 1 
ATOM   400  O  "O3'" . A   B 2 6  ? 7.948   12.605  -7.811  1.00 91.72  ? 7   A   B "O3'" 1 
ATOM   401  C  "C2'" . A   B 2 6  ? 6.006   13.426  -6.539  1.00 89.48  ? 7   A   B "C2'" 1 
ATOM   402  O  "O2'" . A   B 2 6  ? 6.769   14.572  -6.225  1.00 88.05  ? 7   A   B "O2'" 1 
ATOM   403  C  "C1'" . A   B 2 6  ? 4.609   13.832  -7.011  1.00 88.90  ? 7   A   B "C1'" 1 
ATOM   404  N  N9    . A   B 2 6  ? 3.605   12.833  -6.643  1.00 89.46  ? 7   A   B N9    1 
ATOM   405  C  C8    . A   B 2 6  ? 3.085   11.832  -7.432  1.00 89.46  ? 7   A   B C8    1 
ATOM   406  N  N7    . A   B 2 6  ? 2.203   11.079  -6.821  1.00 88.34  ? 7   A   B N7    1 
ATOM   407  C  C5    . A   B 2 6  ? 2.133   11.618  -5.545  1.00 88.11  ? 7   A   B C5    1 
ATOM   408  C  C6    . A   B 2 6  ? 1.378   11.271  -4.418  1.00 87.92  ? 7   A   B C6    1 
ATOM   409  N  N6    . A   B 2 6  ? 0.518   10.250  -4.393  1.00 88.43  ? 7   A   B N6    1 
ATOM   410  N  N1    . A   B 2 6  ? 1.539   12.014  -3.302  1.00 87.59  ? 7   A   B N1    1 
ATOM   411  C  C2    . A   B 2 6  ? 2.405   13.034  -3.329  1.00 87.17  ? 7   A   B C2    1 
ATOM   412  N  N3    . A   B 2 6  ? 3.175   13.458  -4.327  1.00 87.12  ? 7   A   B N3    1 
ATOM   413  C  C4    . A   B 2 6  ? 2.990   12.699  -5.420  1.00 88.35  ? 7   A   B C4    1 
ATOM   414  P  P     . G   B 2 7  ? 8.681   11.257  -7.331  1.00 95.14  ? 8   G   B P     1 
ATOM   415  O  OP1   . G   B 2 7  ? 10.145  11.471  -7.354  1.00 93.96  ? 8   G   B OP1   1 
ATOM   416  O  OP2   . G   B 2 7  ? 8.096   10.051  -8.018  1.00 94.29  ? 8   G   B OP2   1 
ATOM   417  O  "O5'" . G   B 2 7  ? 8.250   11.166  -5.809  1.00 95.23  ? 8   G   B "O5'" 1 
ATOM   418  C  "C5'" . G   B 2 7  ? 8.354   12.271  -4.903  1.00 89.47  ? 8   G   B "C5'" 1 
ATOM   419  C  "C4'" . G   B 2 7  ? 7.678   11.855  -3.631  1.00 89.59  ? 8   G   B "C4'" 1 
ATOM   420  O  "O4'" . G   B 2 7  ? 6.272   11.656  -3.911  1.00 89.40  ? 8   G   B "O4'" 1 
ATOM   421  C  "C3'" . G   B 2 7  ? 8.195   10.486  -3.230  1.00 90.42  ? 8   G   B "C3'" 1 
ATOM   422  O  "O3'" . G   B 2 7  ? 9.240   10.698  -2.263  1.00 85.87  ? 8   G   B "O3'" 1 
ATOM   423  C  "C2'" . G   B 2 7  ? 7.006   9.852   -2.528  1.00 90.20  ? 8   G   B "C2'" 1 
ATOM   424  O  "O2'" . G   B 2 7  ? 7.014   9.948   -1.137  1.00 94.05  ? 8   G   B "O2'" 1 
ATOM   425  C  "C1'" . G   B 2 7  ? 5.806   10.528  -3.205  1.00 86.56  ? 8   G   B "C1'" 1 
ATOM   426  N  N9    . G   B 2 7  ? 5.044   9.693   -4.122  1.00 83.94  ? 8   G   B N9    1 
ATOM   427  C  C8    . G   B 2 7  ? 5.282   9.454   -5.457  1.00 84.28  ? 8   G   B C8    1 
ATOM   428  N  N7    . G   B 2 7  ? 4.424   8.625   -5.988  1.00 84.94  ? 8   G   B N7    1 
ATOM   429  C  C5    . G   B 2 7  ? 3.568   8.307   -4.942  1.00 82.18  ? 8   G   B C5    1 
ATOM   430  C  C6    . G   B 2 7  ? 2.457   7.452   -4.906  1.00 81.65  ? 8   G   B C6    1 
ATOM   431  O  O6    . G   B 2 7  ? 1.979   6.766   -5.819  1.00 83.68  ? 8   G   B O6    1 
ATOM   432  N  N1    . G   B 2 7  ? 1.883   7.424   -3.639  1.00 81.01  ? 8   G   B N1    1 
ATOM   433  C  C2    . G   B 2 7  ? 2.326   8.138   -2.551  1.00 79.91  ? 8   G   B C2    1 
ATOM   434  N  N2    . G   B 2 7  ? 1.641   7.983   -1.411  1.00 77.89  ? 8   G   B N2    1 
ATOM   435  N  N3    . G   B 2 7  ? 3.362   8.942   -2.578  1.00 79.07  ? 8   G   B N3    1 
ATOM   436  C  C4    . G   B 2 7  ? 3.936   8.975   -3.795  1.00 81.96  ? 8   G   B C4    1 
ATOM   437  P  P     . A   B 2 8  ? 9.916   9.443   -1.506  1.00 84.72  ? 9   A   B P     1 
ATOM   438  O  OP1   . A   B 2 8  ? 11.396  9.559   -1.583  1.00 87.37  ? 9   A   B OP1   1 
ATOM   439  O  OP2   . A   B 2 8  ? 9.248   8.200   -1.994  1.00 85.48  ? 9   A   B OP2   1 
ATOM   440  O  "O5'" . A   B 2 8  ? 9.518   9.625   0.018   1.00 79.64  ? 9   A   B "O5'" 1 
ATOM   441  C  "C5'" . A   B 2 8  ? 9.896   10.782  0.744   1.00 74.51  ? 9   A   B "C5'" 1 
ATOM   442  C  "C4'" . A   B 2 8  ? 9.293   10.735  2.128   1.00 73.32  ? 9   A   B "C4'" 1 
ATOM   443  O  "O4'" . A   B 2 8  ? 7.846   10.842  2.028   1.00 75.00  ? 9   A   B "O4'" 1 
ATOM   444  C  "C3'" . A   B 2 8  ? 9.535   9.448   2.897   1.00 72.47  ? 9   A   B "C3'" 1 
ATOM   445  O  "O3'" . A   B 2 8  ? 10.779  9.502   3.594   1.00 71.23  ? 9   A   B "O3'" 1 
ATOM   446  C  "C2'" . A   B 2 8  ? 8.362   9.437   3.869   1.00 73.27  ? 9   A   B "C2'" 1 
ATOM   447  O  "O2'" . A   B 2 8  ? 8.611   10.303  4.955   1.00 68.92  ? 9   A   B "O2'" 1 
ATOM   448  C  "C1'" . A   B 2 8  ? 7.232   10.017  3.011   1.00 74.29  ? 9   A   B "C1'" 1 
ATOM   449  N  N9    . A   B 2 8  ? 6.391   9.030   2.319   1.00 74.40  ? 9   A   B N9    1 
ATOM   450  C  C8    . A   B 2 8  ? 6.482   8.677   0.999   1.00 75.51  ? 9   A   B C8    1 
ATOM   451  N  N7    . A   B 2 8  ? 5.583   7.807   0.613   1.00 75.54  ? 9   A   B N7    1 
ATOM   452  C  C5    . A   B 2 8  ? 4.852   7.559   1.759   1.00 73.96  ? 9   A   B C5    1 
ATOM   453  C  C6    . A   B 2 8  ? 3.752   6.731   2.007   1.00 72.64  ? 9   A   B C6    1 
ATOM   454  N  N6    . A   B 2 8  ? 3.158   5.988   1.070   1.00 74.00  ? 9   A   B N6    1 
ATOM   455  N  N1    . A   B 2 8  ? 3.271   6.694   3.264   1.00 73.84  ? 9   A   B N1    1 
ATOM   456  C  C2    . A   B 2 8  ? 3.856   7.452   4.197   1.00 72.14  ? 9   A   B C2    1 
ATOM   457  N  N3    . A   B 2 8  ? 4.888   8.283   4.084   1.00 72.32  ? 9   A   B N3    1 
ATOM   458  C  C4    . A   B 2 8  ? 5.347   8.293   2.826   1.00 73.80  ? 9   A   B C4    1 
HETATM 459  P  P     . 1DP B 2 9  ? 11.616  8.147   3.851   1.00 74.93  ? 10  1DP B P     1 
HETATM 460  O  O1P   . 1DP B 2 9  ? 11.625  7.370   2.587   1.00 74.03  ? 10  1DP B O1P   1 
HETATM 461  O  O2P   . 1DP B 2 9  ? 12.901  8.473   4.515   1.00 77.73  ? 10  1DP B O2P   1 
HETATM 462  O  "O5'" . 1DP B 2 9  ? 10.730  7.328   4.888   1.00 74.48  ? 10  1DP B "O5'" 1 
HETATM 463  C  "C5'" . 1DP B 2 9  ? 10.553  7.770   6.228   1.00 66.25  ? 10  1DP B "C5'" 1 
HETATM 464  C  "C4'" . 1DP B 2 9  ? 9.580   6.857   6.919   1.00 65.19  ? 10  1DP B "C4'" 1 
HETATM 465  O  "O4'" . 1DP B 2 9  ? 8.262   7.078   6.371   1.00 65.82  ? 10  1DP B "O4'" 1 
HETATM 466  C  "C1'" . 1DP B 2 9  ? 7.569   5.851   6.286   1.00 65.97  ? 10  1DP B "C1'" 1 
HETATM 467  N  N9    . 1DP B 2 9  ? 7.273   5.612   4.877   1.00 66.42  ? 10  1DP B N9    1 
HETATM 468  C  C4    . 1DP B 2 9  ? 6.327   4.747   4.392   1.00 65.41  ? 10  1DP B C4    1 
HETATM 469  N  N3    . 1DP B 2 9  ? 5.493   3.972   5.105   1.00 64.18  ? 10  1DP B N3    1 
HETATM 470  C  C2    . 1DP B 2 9  ? 4.717   3.261   4.298   1.00 65.27  ? 10  1DP B C2    1 
HETATM 471  C  C1    . 1DP B 2 9  ? 4.685   3.235   2.961   1.00 65.66  ? 10  1DP B C1    1 
HETATM 472  C  C6    . 1DP B 2 9  ? 5.542   4.027   2.279   1.00 64.85  ? 10  1DP B C6    1 
HETATM 473  N  N6    . 1DP B 2 9  ? 5.518   4.002   0.951   1.00 66.42  ? 10  1DP B N6    1 
HETATM 474  C  C5    . 1DP B 2 9  ? 6.411   4.831   3.016   1.00 65.13  ? 10  1DP B C5    1 
HETATM 475  N  N7    . 1DP B 2 9  ? 7.387   5.740   2.636   1.00 65.52  ? 10  1DP B N7    1 
HETATM 476  C  C8    . 1DP B 2 9  ? 7.867   6.175   3.776   1.00 65.16  ? 10  1DP B C8    1 
HETATM 477  C  "C2'" . 1DP B 2 9  ? 8.470   4.769   6.882   1.00 65.90  ? 10  1DP B "C2'" 1 
HETATM 478  O  "O2'" . 1DP B 2 9  ? 8.140   4.547   8.232   1.00 67.95  ? 10  1DP B "O2'" 1 
HETATM 479  C  "C3'" . 1DP B 2 9  ? 9.846   5.384   6.685   1.00 65.62  ? 10  1DP B "C3'" 1 
HETATM 480  O  "O3'" . 1DP B 2 9  ? 10.765  4.903   7.647   1.00 65.22  ? 10  1DP B "O3'" 1 
ATOM   481  P  P     . G   B 2 10 ? 11.857  3.814   7.221   1.00 71.20  ? 11  G   B P     1 
ATOM   482  O  OP1   . G   B 2 10 ? 12.752  3.540   8.381   1.00 69.00  ? 11  G   B OP1   1 
ATOM   483  O  OP2   . G   B 2 10 ? 12.431  4.285   5.929   1.00 67.99  ? 11  G   B OP2   1 
ATOM   484  O  "O5'" . G   B 2 10 ? 11.009  2.497   6.961   1.00 65.58  ? 11  G   B "O5'" 1 
ATOM   485  C  "C5'" . G   B 2 10 ? 10.371  1.838   8.034   1.00 60.84  ? 11  G   B "C5'" 1 
ATOM   486  C  "C4'" . G   B 2 10 ? 9.383   0.843   7.501   1.00 61.57  ? 11  G   B "C4'" 1 
ATOM   487  O  "O4'" . G   B 2 10 ? 8.345   1.553   6.777   1.00 62.05  ? 11  G   B "O4'" 1 
ATOM   488  C  "C3'" . G   B 2 10 ? 9.948   -0.128  6.484   1.00 59.72  ? 11  G   B "C3'" 1 
ATOM   489  O  "O3'" . G   B 2 10 ? 10.568  -1.228  7.120   1.00 59.68  ? 11  G   B "O3'" 1 
ATOM   490  C  "C2'" . G   B 2 10 ? 8.702   -0.537  5.714   1.00 60.21  ? 11  G   B "C2'" 1 
ATOM   491  O  "O2'" . G   B 2 10 ? 7.917   -1.493  6.392   1.00 59.16  ? 11  G   B "O2'" 1 
ATOM   492  C  "C1'" . G   B 2 10 ? 7.944   0.787   5.656   1.00 61.28  ? 11  G   B "C1'" 1 
ATOM   493  N  N9    . G   B 2 10 ? 8.289   1.539   4.454   1.00 62.00  ? 11  G   B N9    1 
ATOM   494  C  C8    . G   B 2 10 ? 9.150   2.603   4.354   1.00 61.56  ? 11  G   B C8    1 
ATOM   495  N  N7    . G   B 2 10 ? 9.255   3.060   3.137   1.00 61.75  ? 11  G   B N7    1 
ATOM   496  C  C5    . G   B 2 10 ? 8.412   2.247   2.393   1.00 59.53  ? 11  G   B C5    1 
ATOM   497  C  C6    . G   B 2 10 ? 8.107   2.263   1.016   1.00 60.10  ? 11  G   B C6    1 
ATOM   498  O  O6    . G   B 2 10 ? 8.525   3.037   0.143   1.00 60.83  ? 11  G   B O6    1 
ATOM   499  N  N1    . G   B 2 10 ? 7.207   1.256   0.683   1.00 58.33  ? 11  G   B N1    1 
ATOM   500  C  C2    . G   B 2 10 ? 6.664   0.359   1.566   1.00 56.13  ? 11  G   B C2    1 
ATOM   501  N  N2    . G   B 2 10 ? 5.827   -0.546  1.058   1.00 54.35  ? 11  G   B N2    1 
ATOM   502  N  N3    . G   B 2 10 ? 6.928   0.346   2.850   1.00 57.38  ? 11  G   B N3    1 
ATOM   503  C  C4    . G   B 2 10 ? 7.808   1.305   3.192   1.00 59.39  ? 11  G   B C4    1 
ATOM   504  P  P     . G   B 2 11 ? 11.561  -2.164  6.280   1.00 64.02  ? 12  G   B P     1 
ATOM   505  O  OP1   . G   B 2 11 ? 12.169  -3.154  7.205   1.00 60.93  ? 12  G   B OP1   1 
ATOM   506  O  OP2   . G   B 2 11 ? 12.428  -1.252  5.491   1.00 62.59  ? 12  G   B OP2   1 
ATOM   507  O  "O5'" . G   B 2 11 ? 10.615  -2.949  5.271   1.00 60.42  ? 12  G   B "O5'" 1 
ATOM   508  C  "C5'" . G   B 2 11 ? 9.731   -3.941  5.755   1.00 59.93  ? 12  G   B "C5'" 1 
ATOM   509  C  "C4'" . G   B 2 11 ? 8.936   -4.546  4.625   1.00 61.93  ? 12  G   B "C4'" 1 
ATOM   510  O  "O4'" . G   B 2 11 ? 8.160   -3.503  3.977   1.00 65.57  ? 12  G   B "O4'" 1 
ATOM   511  C  "C3'" . G   B 2 11 ? 9.750   -5.136  3.488   1.00 64.14  ? 12  G   B "C3'" 1 
ATOM   512  O  "O3'" . G   B 2 11 ? 10.165  -6.454  3.780   1.00 67.07  ? 12  G   B "O3'" 1 
ATOM   513  C  "C2'" . G   B 2 11 ? 8.753   -5.112  2.344   1.00 63.22  ? 12  G   B "C2'" 1 
ATOM   514  O  "O2'" . G   B 2 11 ? 7.786   -6.133  2.491   1.00 63.40  ? 12  G   B "O2'" 1 
ATOM   515  C  "C1'" . G   B 2 11 ? 8.062   -3.776  2.590   1.00 61.33  ? 12  G   B "C1'" 1 
ATOM   516  N  N9    . G   B 2 11 ? 8.682   -2.684  1.847   1.00 58.69  ? 12  G   B N9    1 
ATOM   517  C  C8    . G   B 2 11 ? 9.503   -1.696  2.329   1.00 57.66  ? 12  G   B C8    1 
ATOM   518  N  N7    . G   B 2 11 ? 9.873   -0.846  1.406   1.00 58.12  ? 12  G   B N7    1 
ATOM   519  C  C5    . G   B 2 11 ? 9.267   -1.311  0.248   1.00 54.69  ? 12  G   B C5    1 
ATOM   520  C  C6    . G   B 2 11 ? 9.291   -0.801  -1.072  1.00 54.30  ? 12  G   B C6    1 
ATOM   521  O  O6    . G   B 2 11 ? 9.869   0.200   -1.500  1.00 54.97  ? 12  G   B O6    1 
ATOM   522  N  N1    . G   B 2 11 ? 8.533   -1.578  -1.934  1.00 55.32  ? 12  G   B N1    1 
ATOM   523  C  C2    . G   B 2 11 ? 7.833   -2.700  -1.573  1.00 57.03  ? 12  G   B C2    1 
ATOM   524  N  N2    . G   B 2 11 ? 7.135   -3.304  -2.540  1.00 56.10  ? 12  G   B N2    1 
ATOM   525  N  N3    . G   B 2 11 ? 7.808   -3.190  -0.349  1.00 57.53  ? 12  G   B N3    1 
ATOM   526  C  C4    . G   B 2 11 ? 8.538   -2.448  0.504   1.00 56.78  ? 12  G   B C4    1 
ATOM   527  P  P     . G   B 2 12 ? 11.443  -7.058  3.033   1.00 69.99  ? 13  G   B P     1 
ATOM   528  O  OP1   . G   B 2 12 ? 11.597  -8.442  3.552   1.00 70.08  ? 13  G   B OP1   1 
ATOM   529  O  OP2   . G   B 2 12 ? 12.562  -6.081  3.163   1.00 65.91  ? 13  G   B OP2   1 
ATOM   530  O  "O5'" . G   B 2 12 ? 10.998  -7.144  1.504   1.00 67.88  ? 13  G   B "O5'" 1 
ATOM   531  C  "C5'" . G   B 2 12 ? 10.146  -8.195  1.068   1.00 65.80  ? 13  G   B "C5'" 1 
ATOM   532  C  "C4'" . G   B 2 12 ? 9.821   -8.058  -0.405  1.00 66.97  ? 13  G   B "C4'" 1 
ATOM   533  O  "O4'" . G   B 2 12 ? 9.286   -6.729  -0.648  1.00 65.98  ? 13  G   B "O4'" 1 
ATOM   534  C  "C3'" . G   B 2 12 ? 10.996  -8.161  -1.371  1.00 68.04  ? 13  G   B "C3'" 1 
ATOM   535  O  "O3'" . G   B 2 12 ? 11.291  -9.543  -1.651  1.00 73.86  ? 13  G   B "O3'" 1 
ATOM   536  C  "C2'" . G   B 2 12 ? 10.460  -7.412  -2.593  1.00 66.87  ? 13  G   B "C2'" 1 
ATOM   537  O  "O2'" . G   B 2 12 ? 9.554   -8.171  -3.372  1.00 71.15  ? 13  G   B "O2'" 1 
ATOM   538  C  "C1'" . G   B 2 12 ? 9.666   -6.284  -1.939  1.00 63.79  ? 13  G   B "C1'" 1 
ATOM   539  N  N9    . G   B 2 12 ? 10.411  -5.038  -1.811  1.00 58.80  ? 13  G   B N9    1 
ATOM   540  C  C8    . G   B 2 12 ? 10.998  -4.544  -0.675  1.00 58.84  ? 13  G   B C8    1 
ATOM   541  N  N7    . G   B 2 12 ? 11.622  -3.414  -0.871  1.00 55.99  ? 13  G   B N7    1 
ATOM   542  C  C5    . G   B 2 12 ? 11.429  -3.146  -2.215  1.00 56.29  ? 13  G   B C5    1 
ATOM   543  C  C6    . G   B 2 12 ? 11.881  -2.058  -3.003  1.00 57.81  ? 13  G   B C6    1 
ATOM   544  O  O6    . G   B 2 12 ? 12.596  -1.105  -2.667  1.00 59.93  ? 13  G   B O6    1 
ATOM   545  N  N1    . G   B 2 12 ? 11.440  -2.162  -4.319  1.00 55.52  ? 13  G   B N1    1 
ATOM   546  C  C2    . G   B 2 12 ? 10.686  -3.191  -4.819  1.00 55.18  ? 13  G   B C2    1 
ATOM   547  N  N2    . G   B 2 12 ? 10.389  -3.109  -6.123  1.00 52.14  ? 13  G   B N2    1 
ATOM   548  N  N3    . G   B 2 12 ? 10.266  -4.223  -4.094  1.00 56.89  ? 13  G   B N3    1 
ATOM   549  C  C4    . G   B 2 12 ? 10.673  -4.132  -2.808  1.00 56.71  ? 13  G   B C4    1 
HETATM 550  P  P     . S9L B 2 13 ? 12.784  -10.000 -2.056  1.00 77.51  ? 14  S9L B P     1 
HETATM 551  O  O1P   . S9L B 2 13 ? 12.557  -11.443 -2.365  1.00 80.92  ? 14  S9L B O1P   1 
HETATM 552  O  O2P   . S9L B 2 13 ? 13.498  -9.426  -0.957  1.00 73.32  ? 14  S9L B O2P   1 
HETATM 553  O  "O5'" . S9L B 2 13 ? 12.810  -9.356  -3.531  1.00 86.15  ? 14  S9L B "O5'" 1 
HETATM 554  C  C12   . S9L B 2 13 ? 11.909  -9.761  -4.585  1.00 91.94  ? 14  S9L B C12   1 
HETATM 555  C  C22   . S9L B 2 13 ? 12.603  -9.653  -5.955  1.00 101.60 ? 14  S9L B C22   1 
HETATM 556  O  OH3   . S9L B 2 13 ? 12.894  -10.966 -6.432  1.00 108.25 ? 14  S9L B OH3   1 
HETATM 557  C  C13   . S9L B 2 13 ? 14.625  -12.560 -7.130  1.00 111.79 ? 14  S9L B C13   1 
HETATM 558  C  C23   . S9L B 2 13 ? 14.297  -11.277 -6.325  1.00 111.54 ? 14  S9L B C23   1 
HETATM 559  O  OH4   . S9L B 2 13 ? 13.690  -12.744 -8.211  1.00 110.54 ? 14  S9L B OH4   1 
HETATM 560  C  C14   . S9L B 2 13 ? 13.255  -11.126 -9.987  1.00 101.75 ? 14  S9L B C14   1 
HETATM 561  C  C24   . S9L B 2 13 ? 14.194  -12.216 -9.450  1.00 105.15 ? 14  S9L B C24   1 
HETATM 562  O  "O3'" . S9L B 2 13 ? 11.933  -11.668 -10.019 1.00 89.01  ? 14  S9L B "O3'" 1 
ATOM   563  P  P     . G   B 2 14 ? 10.621  -12.574 -10.228 1.00 75.81  ? 15  G   B P     1 
ATOM   564  O  OP1   . G   B 2 14 ? 9.484   -11.879 -9.579  1.00 77.76  ? 15  G   B OP1   1 
ATOM   565  O  OP2   . G   B 2 14 ? 10.975  -13.953 -9.814  1.00 75.96  ? 15  G   B OP2   1 
ATOM   566  O  "O5'" . G   B 2 14 ? 10.378  -12.546 -11.805 1.00 75.12  ? 15  G   B "O5'" 1 
ATOM   567  C  "C5'" . G   B 2 14 ? 11.121  -11.652 -12.642 1.00 68.93  ? 15  G   B "C5'" 1 
ATOM   568  C  "C4'" . G   B 2 14 ? 10.501  -11.568 -14.012 1.00 64.32  ? 15  G   B "C4'" 1 
ATOM   569  O  "O4'" . G   B 2 14 ? 10.696  -12.823 -14.714 1.00 66.98  ? 15  G   B "O4'" 1 
ATOM   570  C  "C3'" . G   B 2 14 ? 9.004   -11.331 -14.042 1.00 62.50  ? 15  G   B "C3'" 1 
ATOM   571  O  "O3'" . G   B 2 14 ? 8.751   -9.933  -13.959 1.00 61.81  ? 15  G   B "O3'" 1 
ATOM   572  C  "C2'" . G   B 2 14 ? 8.626   -11.892 -15.410 1.00 61.54  ? 15  G   B "C2'" 1 
ATOM   573  O  "O2'" . G   B 2 14 ? 8.911   -10.985 -16.452 1.00 58.23  ? 15  G   B "O2'" 1 
ATOM   574  C  "C1'" . G   B 2 14 ? 9.567   -13.092 -15.522 1.00 61.48  ? 15  G   B "C1'" 1 
ATOM   575  N  N9    . G   B 2 14 ? 8.966   -14.336 -15.062 1.00 61.17  ? 15  G   B N9    1 
ATOM   576  C  C8    . G   B 2 14 ? 9.172   -14.966 -13.859 1.00 62.05  ? 15  G   B C8    1 
ATOM   577  N  N7    . G   B 2 14 ? 8.477   -16.062 -13.731 1.00 61.67  ? 15  G   B N7    1 
ATOM   578  C  C5    . G   B 2 14 ? 7.774   -16.161 -14.925 1.00 60.96  ? 15  G   B C5    1 
ATOM   579  C  C6    . G   B 2 14 ? 6.857   -17.138 -15.370 1.00 59.17  ? 15  G   B C6    1 
ATOM   580  O  O6    . G   B 2 14 ? 6.469   -18.154 -14.783 1.00 59.59  ? 15  G   B O6    1 
ATOM   581  N  N1    . G   B 2 14 ? 6.381   -16.847 -16.643 1.00 57.44  ? 15  G   B N1    1 
ATOM   582  C  C2    . G   B 2 14 ? 6.743   -15.757 -17.390 1.00 58.28  ? 15  G   B C2    1 
ATOM   583  N  N2    . G   B 2 14 ? 6.174   -15.642 -18.591 1.00 60.20  ? 15  G   B N2    1 
ATOM   584  N  N3    . G   B 2 14 ? 7.599   -14.843 -16.987 1.00 60.89  ? 15  G   B N3    1 
ATOM   585  C  C4    . G   B 2 14 ? 8.071   -15.104 -15.755 1.00 60.70  ? 15  G   B C4    1 
ATOM   586  P  P     . G   B 2 15 ? 7.299   -9.403  -13.510 1.00 61.41  ? 16  G   B P     1 
ATOM   587  O  OP1   . G   B 2 15 ? 7.418   -7.936  -13.319 1.00 67.10  ? 16  G   B OP1   1 
ATOM   588  O  OP2   . G   B 2 15 ? 6.788   -10.255 -12.409 1.00 55.27  ? 16  G   B OP2   1 
ATOM   589  O  "O5'" . G   B 2 15 ? 6.371   -9.652  -14.776 1.00 62.89  ? 16  G   B "O5'" 1 
ATOM   590  C  "C5'" . G   B 2 15 ? 6.463   -8.836  -15.937 1.00 62.35  ? 16  G   B "C5'" 1 
ATOM   591  C  "C4'" . G   B 2 15 ? 5.405   -9.260  -16.911 1.00 66.42  ? 16  G   B "C4'" 1 
ATOM   592  O  "O4'" . G   B 2 15 ? 5.721   -10.592 -17.381 1.00 71.92  ? 16  G   B "O4'" 1 
ATOM   593  C  "C3'" . G   B 2 15 ? 4.032   -9.409  -16.287 1.00 67.22  ? 16  G   B "C3'" 1 
ATOM   594  O  "O3'" . G   B 2 15 ? 3.324   -8.191  -16.297 1.00 65.64  ? 16  G   B "O3'" 1 
ATOM   595  C  "C2'" . G   B 2 15 ? 3.364   -10.401 -17.213 1.00 68.39  ? 16  G   B "C2'" 1 
ATOM   596  O  "O2'" . G   B 2 15 ? 2.909   -9.756  -18.382 1.00 68.71  ? 16  G   B "O2'" 1 
ATOM   597  C  "C1'" . G   B 2 15 ? 4.530   -11.344 -17.519 1.00 73.03  ? 16  G   B "C1'" 1 
ATOM   598  N  N9    . G   B 2 15 ? 4.595   -12.434 -16.552 1.00 75.42  ? 16  G   B N9    1 
ATOM   599  C  C8    . G   B 2 15 ? 5.343   -12.469 -15.401 1.00 74.91  ? 16  G   B C8    1 
ATOM   600  N  N7    . G   B 2 15 ? 5.193   -13.576 -14.727 1.00 76.42  ? 16  G   B N7    1 
ATOM   601  C  C5    . G   B 2 15 ? 4.294   -14.319 -15.480 1.00 76.72  ? 16  G   B C5    1 
ATOM   602  C  C6    . G   B 2 15 ? 3.753   -15.615 -15.257 1.00 77.84  ? 16  G   B C6    1 
ATOM   603  O  O6    . G   B 2 15 ? 3.973   -16.393 -14.321 1.00 78.05  ? 16  G   B O6    1 
ATOM   604  N  N1    . G   B 2 15 ? 2.874   -15.980 -16.272 1.00 78.11  ? 16  G   B N1    1 
ATOM   605  C  C2    . G   B 2 15 ? 2.557   -15.203 -17.361 1.00 78.70  ? 16  G   B C2    1 
ATOM   606  N  N2    . G   B 2 15 ? 1.673   -15.719 -18.224 1.00 80.64  ? 16  G   B N2    1 
ATOM   607  N  N3    . G   B 2 15 ? 3.065   -14.004 -17.587 1.00 77.43  ? 16  G   B N3    1 
ATOM   608  C  C4    . G   B 2 15 ? 3.917   -13.625 -16.612 1.00 76.71  ? 16  G   B C4    1 
ATOM   609  P  P     . C   B 2 16 ? 2.198   -7.939  -15.192 1.00 64.88  ? 17  C   B P     1 
ATOM   610  O  OP1   . C   B 2 16 ? 1.731   -6.540  -15.349 1.00 67.16  ? 17  C   B OP1   1 
ATOM   611  O  OP2   . C   B 2 16 ? 2.768   -8.407  -13.895 1.00 70.88  ? 17  C   B OP2   1 
ATOM   612  O  "O5'" . C   B 2 16 ? 1.005   -8.912  -15.577 1.00 63.43  ? 17  C   B "O5'" 1 
ATOM   613  C  "C5'" . C   B 2 16 ? 0.214   -8.645  -16.716 1.00 64.06  ? 17  C   B "C5'" 1 
ATOM   614  C  "C4'" . C   B 2 16 ? -0.705  -9.797  -16.979 1.00 65.24  ? 17  C   B "C4'" 1 
ATOM   615  O  "O4'" . C   B 2 16 ? 0.106   -10.987 -17.162 1.00 69.60  ? 17  C   B "O4'" 1 
ATOM   616  C  "C3'" . C   B 2 16 ? -1.604  -10.172 -15.819 1.00 65.20  ? 17  C   B "C3'" 1 
ATOM   617  O  "O3'" . C   B 2 16 ? -2.757  -9.363  -15.733 1.00 68.39  ? 17  C   B "O3'" 1 
ATOM   618  C  "C2'" . C   B 2 16 ? -1.931  -11.618 -16.140 1.00 64.04  ? 17  C   B "C2'" 1 
ATOM   619  O  "O2'" . C   B 2 16 ? -2.839  -11.693 -17.218 1.00 60.79  ? 17  C   B "O2'" 1 
ATOM   620  C  "C1'" . C   B 2 16 ? -0.575  -12.111 -16.631 1.00 65.54  ? 17  C   B "C1'" 1 
ATOM   621  N  N1    . C   B 2 16 ? 0.211   -12.653 -15.522 1.00 64.21  ? 17  C   B N1    1 
ATOM   622  C  C2    . C   B 2 16 ? 0.034   -13.996 -15.180 1.00 64.82  ? 17  C   B C2    1 
ATOM   623  O  O2    . C   B 2 16 ? -0.757  -14.674 -15.842 1.00 65.79  ? 17  C   B O2    1 
ATOM   624  N  N3    . C   B 2 16 ? 0.726   -14.518 -14.140 1.00 64.74  ? 17  C   B N3    1 
ATOM   625  C  C4    . C   B 2 16 ? 1.572   -13.745 -13.454 1.00 63.55  ? 17  C   B C4    1 
ATOM   626  N  N4    . C   B 2 16 ? 2.228   -14.295 -12.433 1.00 59.29  ? 17  C   B N4    1 
ATOM   627  C  C5    . C   B 2 16 ? 1.780   -12.369 -13.791 1.00 64.69  ? 17  C   B C5    1 
ATOM   628  C  C6    . C   B 2 16 ? 1.086   -11.871 -14.824 1.00 62.67  ? 17  C   B C6    1 
ATOM   629  P  P     . A   B 2 17 ? -3.428  -9.109  -14.299 1.00 69.46  ? 18  A   B P     1 
ATOM   630  O  OP1   . A   B 2 17 ? -4.515  -8.113  -14.485 1.00 70.68  ? 18  A   B OP1   1 
ATOM   631  O  OP2   . A   B 2 17 ? -2.329  -8.837  -13.340 1.00 66.48  ? 18  A   B OP2   1 
ATOM   632  O  "O5'" . A   B 2 17 ? -4.079  -10.515 -13.932 1.00 68.34  ? 18  A   B "O5'" 1 
ATOM   633  C  "C5'" . A   B 2 17 ? -5.137  -11.034 -14.720 1.00 67.12  ? 18  A   B "C5'" 1 
ATOM   634  C  "C4'" . A   B 2 17 ? -5.547  -12.390 -14.222 1.00 69.99  ? 18  A   B "C4'" 1 
ATOM   635  O  "O4'" . A   B 2 17 ? -4.466  -13.337 -14.441 1.00 71.74  ? 18  A   B "O4'" 1 
ATOM   636  C  "C3'" . A   B 2 17 ? -5.773  -12.462 -12.725 1.00 72.47  ? 18  A   B "C3'" 1 
ATOM   637  O  "O3'" . A   B 2 17 ? -7.048  -11.983 -12.351 1.00 77.21  ? 18  A   B "O3'" 1 
ATOM   638  C  "C2'" . A   B 2 17 ? -5.595  -13.944 -12.447 1.00 71.63  ? 18  A   B "C2'" 1 
ATOM   639  O  "O2'" . A   B 2 17 ? -6.731  -14.695 -12.810 1.00 71.39  ? 18  A   B "O2'" 1 
ATOM   640  C  "C1'" . A   B 2 17 ? -4.441  -14.284 -13.388 1.00 70.63  ? 18  A   B "C1'" 1 
ATOM   641  N  N9    . A   B 2 17 ? -3.168  -14.175 -12.685 1.00 69.11  ? 18  A   B N9    1 
ATOM   642  C  C8    . A   B 2 17 ? -2.228  -13.176 -12.731 1.00 68.91  ? 18  A   B C8    1 
ATOM   643  N  N7    . A   B 2 17 ? -1.205  -13.378 -11.932 1.00 67.66  ? 18  A   B N7    1 
ATOM   644  C  C5    . A   B 2 17 ? -1.491  -14.595 -11.326 1.00 66.18  ? 18  A   B C5    1 
ATOM   645  C  C6    . A   B 2 17 ? -0.806  -15.361 -10.369 1.00 64.77  ? 18  A   B C6    1 
ATOM   646  N  N6    . A   B 2 17 ? 0.354   -15.002 -9.829  1.00 63.15  ? 18  A   B N6    1 
ATOM   647  N  N1    . A   B 2 17 ? -1.363  -16.526 -9.980  1.00 66.20  ? 18  A   B N1    1 
ATOM   648  C  C2    . A   B 2 17 ? -2.536  -16.887 -10.522 1.00 68.49  ? 18  A   B C2    1 
ATOM   649  N  N3    . A   B 2 17 ? -3.279  -16.252 -11.429 1.00 66.31  ? 18  A   B N3    1 
ATOM   650  C  C4    . A   B 2 17 ? -2.692  -15.100 -11.790 1.00 67.42  ? 18  A   B C4    1 
ATOM   651  P  P     . G   B 2 18 ? -7.243  -11.327 -10.899 1.00 81.55  ? 19  G   B P     1 
ATOM   652  O  OP1   . G   B 2 18 ? -8.610  -10.746 -10.873 1.00 76.93  ? 19  G   B OP1   1 
ATOM   653  O  OP2   . G   B 2 18 ? -6.061  -10.457 -10.633 1.00 78.83  ? 19  G   B OP2   1 
ATOM   654  O  "O5'" . G   B 2 18 ? -7.187  -12.579 -9.909  1.00 79.09  ? 19  G   B "O5'" 1 
ATOM   655  C  "C5'" . G   B 2 18 ? -8.111  -13.644 -10.076 1.00 73.95  ? 19  G   B "C5'" 1 
ATOM   656  C  "C4'" . G   B 2 18 ? -7.775  -14.815 -9.182  1.00 72.96  ? 19  G   B "C4'" 1 
ATOM   657  O  "O4'" . G   B 2 18 ? -6.475  -15.362 -9.546  1.00 74.65  ? 19  G   B "O4'" 1 
ATOM   658  C  "C3'" . G   B 2 18 ? -7.589  -14.468 -7.718  1.00 75.17  ? 19  G   B "C3'" 1 
ATOM   659  O  "O3'" . G   B 2 18 ? -8.812  -14.340 -7.026  1.00 78.58  ? 19  G   B "O3'" 1 
ATOM   660  C  "C2'" . G   B 2 18 ? -6.767  -15.640 -7.204  1.00 75.03  ? 19  G   B "C2'" 1 
ATOM   661  O  "O2'" . G   B 2 18 ? -7.540  -16.796 -6.967  1.00 76.47  ? 19  G   B "O2'" 1 
ATOM   662  C  "C1'" . G   B 2 18 ? -5.846  -15.899 -8.390  1.00 72.17  ? 19  G   B "C1'" 1 
ATOM   663  N  N9    . G   B 2 18 ? -4.546  -15.280 -8.178  1.00 69.02  ? 19  G   B N9    1 
ATOM   664  C  C8    . G   B 2 18 ? -4.044  -14.126 -8.724  1.00 68.57  ? 19  G   B C8    1 
ATOM   665  N  N7    . G   B 2 18 ? -2.845  -13.840 -8.291  1.00 67.85  ? 19  G   B N7    1 
ATOM   666  C  C5    . G   B 2 18 ? -2.544  -14.872 -7.413  1.00 66.30  ? 19  G   B C5    1 
ATOM   667  C  C6    . G   B 2 18 ? -1.386  -15.108 -6.631  1.00 66.18  ? 19  G   B C6    1 
ATOM   668  O  O6    . G   B 2 18 ? -0.360  -14.432 -6.550  1.00 65.93  ? 19  G   B O6    1 
ATOM   669  N  N1    . G   B 2 18 ? -1.504  -16.269 -5.884  1.00 67.35  ? 19  G   B N1    1 
ATOM   670  C  C2    . G   B 2 18 ? -2.593  -17.097 -5.884  1.00 67.87  ? 19  G   B C2    1 
ATOM   671  N  N2    . G   B 2 18 ? -2.516  -18.173 -5.090  1.00 68.27  ? 19  G   B N2    1 
ATOM   672  N  N3    . G   B 2 18 ? -3.677  -16.888 -6.605  1.00 67.25  ? 19  G   B N3    1 
ATOM   673  C  C4    . G   B 2 18 ? -3.582  -15.766 -7.340  1.00 66.98  ? 19  G   B C4    1 
ATOM   674  P  P     . A   B 2 19 ? -8.910  -13.322 -5.788  1.00 81.12  ? 20  A   B P     1 
ATOM   675  O  OP1   . A   B 2 19 ? -10.326 -13.351 -5.330  1.00 78.35  ? 20  A   B OP1   1 
ATOM   676  O  OP2   . A   B 2 19 ? -8.299  -12.031 -6.213  1.00 80.55  ? 20  A   B OP2   1 
ATOM   677  O  "O5'" . A   B 2 19 ? -7.967  -13.976 -4.677  1.00 74.97  ? 20  A   B "O5'" 1 
ATOM   678  C  "C5'" . A   B 2 19 ? -8.331  -15.204 -4.065  1.00 70.91  ? 20  A   B "C5'" 1 
ATOM   679  C  "C4'" . A   B 2 19 ? -7.221  -15.720 -3.184  1.00 69.61  ? 20  A   B "C4'" 1 
ATOM   680  O  "O4'" . A   B 2 19 ? -6.048  -15.971 -3.998  1.00 68.23  ? 20  A   B "O4'" 1 
ATOM   681  C  "C3'" . A   B 2 19 ? -6.729  -14.766 -2.106  1.00 68.78  ? 20  A   B "C3'" 1 
ATOM   682  O  "O3'" . A   B 2 19 ? -7.531  -14.840 -0.930  1.00 69.77  ? 20  A   B "O3'" 1 
ATOM   683  C  "C2'" . A   B 2 19 ? -5.324  -15.286 -1.842  1.00 66.84  ? 20  A   B "C2'" 1 
ATOM   684  O  "O2'" . A   B 2 19 ? -5.306  -16.408 -0.992  1.00 66.81  ? 20  A   B "O2'" 1 
ATOM   685  C  "C1'" . A   B 2 19 ? -4.878  -15.691 -3.248  1.00 67.81  ? 20  A   B "C1'" 1 
ATOM   686  N  N9    . A   B 2 19 ? -4.149  -14.604 -3.896  1.00 66.89  ? 20  A   B N9    1 
ATOM   687  C  C8    . A   B 2 19 ? -4.583  -13.716 -4.845  1.00 65.33  ? 20  A   B C8    1 
ATOM   688  N  N7    . A   B 2 19 ? -3.692  -12.810 -5.163  1.00 64.64  ? 20  A   B N7    1 
ATOM   689  C  C5    . A   B 2 19 ? -2.593  -13.135 -4.381  1.00 62.83  ? 20  A   B C5    1 
ATOM   690  C  C6    . A   B 2 19 ? -1.325  -12.555 -4.246  1.00 63.29  ? 20  A   B C6    1 
ATOM   691  N  N6    . A   B 2 19 ? -0.931  -11.474 -4.914  1.00 60.77  ? 20  A   B N6    1 
ATOM   692  N  N1    . A   B 2 19 ? -0.461  -13.131 -3.384  1.00 65.38  ? 20  A   B N1    1 
ATOM   693  C  C2    . A   B 2 19 ? -0.857  -14.218 -2.711  1.00 64.73  ? 20  A   B C2    1 
ATOM   694  N  N3    . A   B 2 19 ? -2.020  -14.853 -2.753  1.00 63.41  ? 20  A   B N3    1 
ATOM   695  C  C4    . A   B 2 19 ? -2.854  -14.250 -3.615  1.00 63.76  ? 20  A   B C4    1 
ATOM   696  P  P     . G   B 2 20 ? -7.627  -13.566 0.047   1.00 72.55  ? 21  G   B P     1 
ATOM   697  O  OP1   . G   B 2 20 ? -8.394  -13.937 1.269   1.00 70.58  ? 21  G   B OP1   1 
ATOM   698  O  OP2   . G   B 2 20 ? -8.082  -12.419 -0.790  1.00 67.83  ? 21  G   B OP2   1 
ATOM   699  O  "O5'" . G   B 2 20 ? -6.118  -13.316 0.499   1.00 70.71  ? 21  G   B "O5'" 1 
ATOM   700  C  "C5'" . G   B 2 20 ? -5.443  -14.268 1.305   1.00 67.11  ? 21  G   B "C5'" 1 
ATOM   701  C  "C4'" . G   B 2 20 ? -4.038  -13.804 1.601   1.00 70.63  ? 21  G   B "C4'" 1 
ATOM   702  O  "O4'" . G   B 2 20 ? -3.253  -13.810 0.377   1.00 70.41  ? 21  G   B "O4'" 1 
ATOM   703  C  "C3'" . G   B 2 20 ? -3.917  -12.378 2.105   1.00 70.56  ? 21  G   B "C3'" 1 
ATOM   704  O  "O3'" . G   B 2 20 ? -4.128  -12.316 3.506   1.00 75.74  ? 21  G   B "O3'" 1 
ATOM   705  C  "C2'" . G   B 2 20 ? -2.475  -12.051 1.755   1.00 69.50  ? 21  G   B "C2'" 1 
ATOM   706  O  "O2'" . G   B 2 20 ? -1.595  -12.679 2.663   1.00 68.66  ? 21  G   B "O2'" 1 
ATOM   707  C  "C1'" . G   B 2 20 ? -2.333  -12.733 0.396   1.00 67.33  ? 21  G   B "C1'" 1 
ATOM   708  N  N9    . G   B 2 20 ? -2.641  -11.833 -0.713  1.00 65.35  ? 21  G   B N9    1 
ATOM   709  C  C8    . G   B 2 20 ? -3.851  -11.681 -1.347  1.00 63.29  ? 21  G   B C8    1 
ATOM   710  N  N7    . G   B 2 20 ? -3.824  -10.776 -2.289  1.00 62.80  ? 21  G   B N7    1 
ATOM   711  C  C5    . G   B 2 20 ? -2.516  -10.308 -2.282  1.00 62.77  ? 21  G   B C5    1 
ATOM   712  C  C6    . G   B 2 20 ? -1.885  -9.316  -3.087  1.00 62.66  ? 21  G   B C6    1 
ATOM   713  O  O6    . G   B 2 20 ? -2.372  -8.637  -4.001  1.00 66.13  ? 21  G   B O6    1 
ATOM   714  N  N1    . G   B 2 20 ? -0.549  -9.149  -2.739  1.00 60.32  ? 21  G   B N1    1 
ATOM   715  C  C2    . G   B 2 20 ? 0.102   -9.844  -1.757  1.00 60.15  ? 21  G   B C2    1 
ATOM   716  N  N2    . G   B 2 20 ? 1.391   -9.539  -1.588  1.00 58.81  ? 21  G   B N2    1 
ATOM   717  N  N3    . G   B 2 20 ? -0.469  -10.771 -1.000  1.00 61.10  ? 21  G   B N3    1 
ATOM   718  C  C4    . G   B 2 20 ? -1.772  -10.951 -1.317  1.00 63.31  ? 21  G   B C4    1 
ATOM   719  P  P     . A   B 2 21 ? -5.226  -11.307 4.100   1.00 76.81  ? 22  A   B P     1 
ATOM   720  O  OP1   . A   B 2 21 ? -6.495  -12.065 4.248   1.00 78.72  ? 22  A   B OP1   1 
ATOM   721  O  OP2   . A   B 2 21 ? -5.212  -10.049 3.309   1.00 74.63  ? 22  A   B OP2   1 
ATOM   722  O  "O5'" . A   B 2 21 ? -4.661  -10.981 5.549   1.00 76.59  ? 22  A   B "O5'" 1 
ATOM   723  C  "C5'" . A   B 2 21 ? -3.575  -10.083 5.729   1.00 72.01  ? 22  A   B "C5'" 1 
ATOM   724  C  "C4'" . A   B 2 21 ? -2.352  -10.838 6.182   1.00 69.90  ? 22  A   B "C4'" 1 
ATOM   725  O  "O4'" . A   B 2 21 ? -1.629  -11.320 5.018   1.00 67.38  ? 22  A   B "O4'" 1 
ATOM   726  C  "C3'" . A   B 2 21 ? -1.335  -9.992  6.919   1.00 70.01  ? 22  A   B "C3'" 1 
ATOM   727  O  "O3'" . A   B 2 21 ? -1.683  -9.908  8.289   1.00 70.93  ? 22  A   B "O3'" 1 
ATOM   728  C  "C2'" . A   B 2 21 ? -0.048  -10.774 6.705   1.00 69.05  ? 22  A   B "C2'" 1 
ATOM   729  O  "O2'" . A   B 2 21 ? 0.067   -11.872 7.584   1.00 68.56  ? 22  A   B "O2'" 1 
ATOM   730  C  "C1'" . A   B 2 21 ? -0.228  -11.257 5.262   1.00 68.68  ? 22  A   B "C1'" 1 
ATOM   731  N  N9    . A   B 2 21 ? 0.377   -10.330 4.295   1.00 68.06  ? 22  A   B N9    1 
ATOM   732  C  C8    . A   B 2 21 ? -0.263  -9.517  3.389   1.00 66.79  ? 22  A   B C8    1 
ATOM   733  N  N7    . A   B 2 21 ? 0.549   -8.771  2.679   1.00 63.56  ? 22  A   B N7    1 
ATOM   734  C  C5    . A   B 2 21 ? 1.810   -9.118  3.142   1.00 64.15  ? 22  A   B C5    1 
ATOM   735  C  C6    . A   B 2 21 ? 3.099   -8.673  2.793   1.00 64.29  ? 22  A   B C6    1 
ATOM   736  N  N6    . A   B 2 21 ? 3.335   -7.736  1.875   1.00 63.49  ? 22  A   B N6    1 
ATOM   737  N  N1    . A   B 2 21 ? 4.150   -9.227  3.433   1.00 64.19  ? 22  A   B N1    1 
ATOM   738  C  C2    . A   B 2 21 ? 3.911   -10.158 4.363   1.00 65.84  ? 22  A   B C2    1 
ATOM   739  N  N3    . A   B 2 21 ? 2.747   -10.653 4.785   1.00 65.44  ? 22  A   B N3    1 
ATOM   740  C  C4    . A   B 2 21 ? 1.723   -10.084 4.127   1.00 65.34  ? 22  A   B C4    1 
ATOM   741  P  P     . A   B 2 22 ? -1.541  -8.507  9.060   1.00 73.75  ? 23  A   B P     1 
ATOM   742  O  OP1   . A   B 2 22 ? -2.126  -8.676  10.418  1.00 73.76  ? 23  A   B OP1   1 
ATOM   743  O  OP2   . A   B 2 22 ? -2.033  -7.418  8.178   1.00 63.26  ? 23  A   B OP2   1 
ATOM   744  O  "O5'" . A   B 2 22 ? 0.028   -8.330  9.211   1.00 66.89  ? 23  A   B "O5'" 1 
ATOM   745  C  "C5'" . A   B 2 22 ? 0.830   -9.369  9.746   1.00 62.14  ? 23  A   B "C5'" 1 
ATOM   746  C  "C4'" . A   B 2 22 ? 2.273   -9.094  9.430   1.00 64.26  ? 23  A   B "C4'" 1 
ATOM   747  O  "O4'" . A   B 2 22 ? 2.484   -9.260  8.002   1.00 67.54  ? 23  A   B "O4'" 1 
ATOM   748  C  "C3'" . A   B 2 22 ? 2.697   -7.659  9.701   1.00 63.76  ? 23  A   B "C3'" 1 
ATOM   749  O  "O3'" . A   B 2 22 ? 3.062   -7.473  11.061  1.00 61.57  ? 23  A   B "O3'" 1 
ATOM   750  C  "C2'" . A   B 2 22 ? 3.885   -7.488  8.764   1.00 63.62  ? 23  A   B "C2'" 1 
ATOM   751  O  "O2'" . A   B 2 22 ? 5.093   -7.998  9.281   1.00 62.91  ? 23  A   B "O2'" 1 
ATOM   752  C  "C1'" . A   B 2 22 ? 3.435   -8.305  7.548   1.00 66.39  ? 23  A   B "C1'" 1 
ATOM   753  N  N9    . A   B 2 22 ? 2.810   -7.457  6.532   1.00 63.72  ? 23  A   B N9    1 
ATOM   754  C  C8    . A   B 2 22 ? 1.482   -7.293  6.233   1.00 63.06  ? 23  A   B C8    1 
ATOM   755  N  N7    . A   B 2 22 ? 1.257   -6.389  5.310   1.00 62.21  ? 23  A   B N7    1 
ATOM   756  C  C5    . A   B 2 22 ? 2.528   -5.943  4.965   1.00 60.18  ? 23  A   B C5    1 
ATOM   757  C  C6    . A   B 2 22 ? 2.978   -4.970  4.058   1.00 58.31  ? 23  A   B C6    1 
ATOM   758  N  N6    . A   B 2 22 ? 2.175   -4.228  3.297   1.00 54.15  ? 23  A   B N6    1 
ATOM   759  N  N1    . A   B 2 22 ? 4.309   -4.774  3.964   1.00 59.32  ? 23  A   B N1    1 
ATOM   760  C  C2    . A   B 2 22 ? 5.121   -5.504  4.731   1.00 59.16  ? 23  A   B C2    1 
ATOM   761  N  N3    . A   B 2 22 ? 4.819   -6.437  5.620   1.00 61.32  ? 23  A   B N3    1 
ATOM   762  C  C4    . A   B 2 22 ? 3.490   -6.608  5.694   1.00 61.20  ? 23  A   B C4    1 
ATOM   763  P  P     . A   B 2 23 ? 3.068   -5.993  11.689  1.00 67.29  ? 24  A   B P     1 
ATOM   764  O  OP1   . A   B 2 23 ? 3.556   -6.094  13.094  1.00 68.38  ? 24  A   B OP1   1 
ATOM   765  O  OP2   . A   B 2 23 ? 1.751   -5.359  11.403  1.00 59.25  ? 24  A   B OP2   1 
ATOM   766  O  "O5'" . A   B 2 23 ? 4.171   -5.207  10.851  1.00 64.56  ? 24  A   B "O5'" 1 
ATOM   767  C  "C5'" . A   B 2 23 ? 5.556   -5.445  11.058  1.00 62.72  ? 24  A   B "C5'" 1 
ATOM   768  C  "C4'" . A   B 2 23 ? 6.361   -4.479  10.235  1.00 64.37  ? 24  A   B "C4'" 1 
ATOM   769  O  "O4'" . A   B 2 23 ? 6.138   -4.748  8.826   1.00 64.25  ? 24  A   B "O4'" 1 
ATOM   770  C  "C3'" . A   B 2 23 ? 5.994   -3.018  10.417  1.00 64.15  ? 24  A   B "C3'" 1 
ATOM   771  O  "O3'" . A   B 2 23 ? 6.681   -2.473  11.535  1.00 61.39  ? 24  A   B "O3'" 1 
ATOM   772  C  "C2'" . A   B 2 23 ? 6.454   -2.412  9.096   1.00 65.25  ? 24  A   B "C2'" 1 
ATOM   773  O  "O2'" . A   B 2 23 ? 7.846   -2.180  9.050   1.00 65.30  ? 24  A   B "O2'" 1 
ATOM   774  C  "C1'" . A   B 2 23 ? 6.086   -3.525  8.111   1.00 64.94  ? 24  A   B "C1'" 1 
ATOM   775  N  N9    . A   B 2 23 ? 4.714   -3.373  7.640   1.00 65.16  ? 24  A   B N9    1 
ATOM   776  C  C8    . A   B 2 23 ? 3.619   -4.068  8.089   1.00 65.70  ? 24  A   B C8    1 
ATOM   777  N  N7    . A   B 2 23 ? 2.497   -3.720  7.510   1.00 65.51  ? 24  A   B N7    1 
ATOM   778  C  C5    . A   B 2 23 ? 2.880   -2.735  6.613   1.00 64.48  ? 24  A   B C5    1 
ATOM   779  C  C6    . A   B 2 23 ? 2.152   -1.968  5.700   1.00 64.53  ? 24  A   B C6    1 
ATOM   780  N  N6    . A   B 2 23 ? 0.830   -2.075  5.535   1.00 63.75  ? 24  A   B N6    1 
ATOM   781  N  N1    . A   B 2 23 ? 2.832   -1.075  4.950   1.00 64.17  ? 24  A   B N1    1 
ATOM   782  C  C2    . A   B 2 23 ? 4.158   -0.970  5.122   1.00 64.09  ? 24  A   B C2    1 
ATOM   783  N  N3    . A   B 2 23 ? 4.954   -1.634  5.954   1.00 64.00  ? 24  A   B N3    1 
ATOM   784  C  C4    . A   B 2 23 ? 4.245   -2.513  6.680   1.00 64.40  ? 24  A   B C4    1 
ATOM   785  P  P     . C   B 2 24 ? 6.027   -1.255  12.355  1.00 62.65  ? 25  C   B P     1 
ATOM   786  O  OP1   . C   B 2 24 ? 7.021   -0.761  13.343  1.00 63.44  ? 25  C   B OP1   1 
ATOM   787  O  OP2   . C   B 2 24 ? 4.687   -1.714  12.811  1.00 62.62  ? 25  C   B OP2   1 
ATOM   788  O  "O5'" . C   B 2 24 ? 5.839   -0.102  11.275  1.00 61.70  ? 25  C   B "O5'" 1 
ATOM   789  C  "C5'" . C   B 2 24 ? 6.970   0.496   10.652  1.00 60.05  ? 25  C   B "C5'" 1 
ATOM   790  C  "C4'" . C   B 2 24 ? 6.526   1.425   9.554   1.00 58.06  ? 25  C   B "C4'" 1 
ATOM   791  O  "O4'" . C   B 2 24 ? 5.815   0.663   8.542   1.00 57.45  ? 25  C   B "O4'" 1 
ATOM   792  C  "C3'" . C   B 2 24 ? 5.525   2.475   10.000  1.00 56.94  ? 25  C   B "C3'" 1 
ATOM   793  O  "O3'" . C   B 2 24 ? 6.207   3.594   10.552  1.00 59.90  ? 25  C   B "O3'" 1 
ATOM   794  C  "C2'" . C   B 2 24 ? 4.814   2.820   8.698   1.00 54.74  ? 25  C   B "C2'" 1 
ATOM   795  O  "O2'" . C   B 2 24 ? 5.536   3.736   7.913   1.00 55.32  ? 25  C   B "O2'" 1 
ATOM   796  C  "C1'" . C   B 2 24 ? 4.767   1.456   8.006   1.00 55.92  ? 25  C   B "C1'" 1 
ATOM   797  N  N1    . C   B 2 24 ? 3.490   0.756   8.213   1.00 53.29  ? 25  C   B N1    1 
ATOM   798  C  C2    . C   B 2 24 ? 2.371   1.169   7.472   1.00 52.47  ? 25  C   B C2    1 
ATOM   799  O  O2    . C   B 2 24 ? 2.499   2.096   6.664   1.00 54.44  ? 25  C   B O2    1 
ATOM   800  N  N3    . C   B 2 24 ? 1.187   0.552   7.658   1.00 49.90  ? 25  C   B N3    1 
ATOM   801  C  C4    . C   B 2 24 ? 1.088   -0.439  8.543   1.00 49.87  ? 25  C   B C4    1 
ATOM   802  N  N4    . C   B 2 24 ? -0.108  -1.005  8.710   1.00 47.19  ? 25  C   B N4    1 
ATOM   803  C  C5    . C   B 2 24 ? 2.213   -0.890  9.302   1.00 50.12  ? 25  C   B C5    1 
ATOM   804  C  C6    . C   B 2 24 ? 3.385   -0.268  9.109   1.00 49.52  ? 25  C   B C6    1 
ATOM   805  P  P     . A   B 2 25 ? 5.404   4.666   11.443  1.00 63.79  ? 26  A   B P     1 
ATOM   806  O  OP1   . A   B 2 25 ? 6.374   5.711   11.851  1.00 64.67  ? 26  A   B OP1   1 
ATOM   807  O  OP2   . A   B 2 25 ? 4.610   3.948   12.473  1.00 58.10  ? 26  A   B OP2   1 
ATOM   808  O  "O5'" . A   B 2 25 ? 4.381   5.331   10.429  1.00 60.53  ? 26  A   B "O5'" 1 
ATOM   809  C  "C5'" . A   B 2 25 ? 4.831   6.248   9.454   1.00 57.10  ? 26  A   B "C5'" 1 
ATOM   810  C  "C4'" . A   B 2 25 ? 3.664   6.733   8.641   1.00 61.26  ? 26  A   B "C4'" 1 
ATOM   811  O  "O4'" . A   B 2 25 ? 3.056   5.594   7.985   1.00 56.65  ? 26  A   B "O4'" 1 
ATOM   812  C  "C3'" . A   B 2 25 ? 2.526   7.323   9.450   1.00 61.80  ? 26  A   B "C3'" 1 
ATOM   813  O  "O3'" . A   B 2 25 ? 2.735   8.689   9.739   1.00 68.04  ? 26  A   B "O3'" 1 
ATOM   814  C  "C2'" . A   B 2 25 ? 1.341   7.139   8.522   1.00 58.68  ? 26  A   B "C2'" 1 
ATOM   815  O  "O2'" . A   B 2 25 ? 1.310   8.116   7.505   1.00 62.16  ? 26  A   B "O2'" 1 
ATOM   816  C  "C1'" . A   B 2 25 ? 1.656   5.777   7.919   1.00 54.78  ? 26  A   B "C1'" 1 
ATOM   817  N  N9    . A   B 2 25 ? 1.038   4.691   8.656   1.00 51.37  ? 26  A   B N9    1 
ATOM   818  C  C8    . A   B 2 25 ? 1.646   3.793   9.493   1.00 51.46  ? 26  A   B C8    1 
ATOM   819  N  N7    . A   B 2 25 ? 0.831   2.888   9.971   1.00 52.21  ? 26  A   B N7    1 
ATOM   820  C  C5    . A   B 2 25 ? -0.397  3.223   9.419   1.00 51.24  ? 26  A   B C5    1 
ATOM   821  C  C6    . A   B 2 25 ? -1.659  2.636   9.520   1.00 52.90  ? 26  A   B C6    1 
ATOM   822  N  N6    . A   B 2 25 ? -1.905  1.547   10.248  1.00 54.30  ? 26  A   B N6    1 
ATOM   823  N  N1    . A   B 2 25 ? -2.676  3.207   8.836   1.00 52.63  ? 26  A   B N1    1 
ATOM   824  C  C2    . A   B 2 25 ? -2.418  4.302   8.108   1.00 53.57  ? 26  A   B C2    1 
ATOM   825  N  N3    . A   B 2 25 ? -1.265  4.948   7.939   1.00 52.90  ? 26  A   B N3    1 
ATOM   826  C  C4    . A   B 2 25 ? -0.282  4.341   8.626   1.00 50.07  ? 26  A   B C4    1 
ATOM   827  P  P     . C   B 2 26 ? 2.106   9.309   11.075  1.00 71.04  ? 27  C   B P     1 
ATOM   828  O  OP1   . C   B 2 26 ? 2.526   10.731  11.118  1.00 72.23  ? 27  C   B OP1   1 
ATOM   829  O  OP2   . C   B 2 26 ? 2.470   8.387   12.191  1.00 67.21  ? 27  C   B OP2   1 
ATOM   830  O  "O5'" . C   B 2 26 ? 0.530   9.245   10.831  1.00 67.70  ? 27  C   B "O5'" 1 
ATOM   831  C  "C5'" . C   B 2 26 ? -0.071  10.030  9.805   1.00 62.47  ? 27  C   B "C5'" 1 
ATOM   832  C  "C4'" . C   B 2 26 ? -1.522  9.647   9.614   1.00 60.43  ? 27  C   B "C4'" 1 
ATOM   833  O  "O4'" . C   B 2 26 ? -1.609  8.250   9.226   1.00 58.51  ? 27  C   B "O4'" 1 
ATOM   834  C  "C3'" . C   B 2 26 ? -2.388  9.716   10.860  1.00 59.88  ? 27  C   B "C3'" 1 
ATOM   835  O  "O3'" . C   B 2 26 ? -2.838  11.036  11.105  1.00 63.82  ? 27  C   B "O3'" 1 
ATOM   836  C  "C2'" . C   B 2 26 ? -3.530  8.771   10.516  1.00 57.37  ? 27  C   B "C2'" 1 
ATOM   837  O  "O2'" . C   B 2 26 ? -4.480  9.335   9.637   1.00 56.60  ? 27  C   B "O2'" 1 
ATOM   838  C  "C1'" . C   B 2 26 ? -2.786  7.674   9.768   1.00 54.12  ? 27  C   B "C1'" 1 
ATOM   839  N  N1    . C   B 2 26 ? -2.415  6.575   10.660  1.00 50.71  ? 27  C   B N1    1 
ATOM   840  C  C2    . C   B 2 26 ? -3.369  5.593   10.916  1.00 47.61  ? 27  C   B C2    1 
ATOM   841  O  O2    . C   B 2 26 ? -4.478  5.700   10.381  1.00 47.98  ? 27  C   B O2    1 
ATOM   842  N  N3    . C   B 2 26 ? -3.063  4.557   11.730  1.00 45.14  ? 27  C   B N3    1 
ATOM   843  C  C4    . C   B 2 26 ? -1.849  4.483   12.276  1.00 46.62  ? 27  C   B C4    1 
ATOM   844  N  N4    . C   B 2 26 ? -1.585  3.437   13.057  1.00 45.28  ? 27  C   B N4    1 
ATOM   845  C  C5    . C   B 2 26 ? -0.850  5.479   12.039  1.00 49.37  ? 27  C   B C5    1 
ATOM   846  C  C6    . C   B 2 26 ? -1.174  6.502   11.230  1.00 48.85  ? 27  C   B C6    1 
ATOM   847  P  P     . A   B 2 27 ? -3.161  11.494  12.611  1.00 66.58  ? 28  A   B P     1 
ATOM   848  O  OP1   . A   B 2 27 ? -3.432  12.957  12.552  1.00 61.89  ? 28  A   B OP1   1 
ATOM   849  O  OP2   . A   B 2 27 ? -2.071  10.981  13.490  1.00 58.86  ? 28  A   B OP2   1 
ATOM   850  O  "O5'" . A   B 2 27 ? -4.516  10.725  12.964  1.00 57.73  ? 28  A   B "O5'" 1 
ATOM   851  C  "C5'" . A   B 2 27 ? -5.719  11.050  12.283  1.00 55.72  ? 28  A   B "C5'" 1 
ATOM   852  C  "C4'" . A   B 2 27 ? -6.821  10.097  12.671  1.00 60.36  ? 28  A   B "C4'" 1 
ATOM   853  O  "O4'" . A   B 2 27 ? -6.467  8.752   12.254  1.00 62.05  ? 28  A   B "O4'" 1 
ATOM   854  C  "C3'" . A   B 2 27 ? -7.065  9.959   14.163  1.00 60.32  ? 28  A   B "C3'" 1 
ATOM   855  O  "O3'" . A   B 2 27 ? -7.907  10.986  14.642  1.00 59.28  ? 28  A   B "O3'" 1 
ATOM   856  C  "C2'" . A   B 2 27 ? -7.735  8.595   14.254  1.00 58.46  ? 28  A   B "C2'" 1 
ATOM   857  O  "O2'" . A   B 2 27 ? -9.088  8.637   13.870  1.00 55.01  ? 28  A   B "O2'" 1 
ATOM   858  C  "C1'" . A   B 2 27 ? -6.954  7.811   13.202  1.00 57.80  ? 28  A   B "C1'" 1 
ATOM   859  N  N9    . A   B 2 27 ? -5.819  7.111   13.798  1.00 54.46  ? 28  A   B N9    1 
ATOM   860  C  C8    . A   B 2 27 ? -4.514  7.533   13.897  1.00 56.53  ? 28  A   B C8    1 
ATOM   861  N  N7    . A   B 2 27 ? -3.728  6.681   14.518  1.00 55.40  ? 28  A   B N7    1 
ATOM   862  C  C5    . A   B 2 27 ? -4.573  5.627   14.841  1.00 51.95  ? 28  A   B C5    1 
ATOM   863  C  C6    . A   B 2 27 ? -4.349  4.410   15.501  1.00 51.39  ? 28  A   B C6    1 
ATOM   864  N  N6    . A   B 2 27 ? -3.160  4.035   15.977  1.00 50.29  ? 28  A   B N6    1 
ATOM   865  N  N1    . A   B 2 27 ? -5.401  3.577   15.658  1.00 54.77  ? 28  A   B N1    1 
ATOM   866  C  C2    . A   B 2 27 ? -6.594  3.954   15.176  1.00 55.41  ? 28  A   B C2    1 
ATOM   867  N  N3    . A   B 2 27 ? -6.928  5.073   14.535  1.00 54.88  ? 28  A   B N3    1 
ATOM   868  C  C4    . A   B 2 27 ? -5.860  5.876   14.399  1.00 53.05  ? 28  A   B C4    1 
ATOM   869  P  P     . C   B 2 28 ? -7.764  11.484  16.161  1.00 64.46  ? 29  C   B P     1 
ATOM   870  O  OP1   . C   B 2 28 ? -8.647  12.674  16.298  1.00 65.59  ? 29  C   B OP1   1 
ATOM   871  O  OP2   . C   B 2 28 ? -6.323  11.600  16.502  1.00 62.28  ? 29  C   B OP2   1 
ATOM   872  O  "O5'" . C   B 2 28 ? -8.397  10.295  17.009  1.00 55.57  ? 29  C   B "O5'" 1 
ATOM   873  C  "C5'" . C   B 2 28 ? -9.780  10.027  16.913  1.00 53.97  ? 29  C   B "C5'" 1 
ATOM   874  C  "C4'" . C   B 2 28 ? -10.111 8.689   17.521  1.00 59.29  ? 29  C   B "C4'" 1 
ATOM   875  O  "O4'" . C   B 2 28 ? -9.402  7.641   16.800  1.00 58.92  ? 29  C   B "O4'" 1 
ATOM   876  C  "C3'" . C   B 2 28 ? -9.695  8.490   18.969  1.00 57.29  ? 29  C   B "C3'" 1 
ATOM   877  O  "O3'" . C   B 2 28 ? -10.656 9.057   19.849  1.00 57.99  ? 29  C   B "O3'" 1 
ATOM   878  C  "C2'" . C   B 2 28 ? -9.643  6.968   19.057  1.00 58.08  ? 29  C   B "C2'" 1 
ATOM   879  O  "O2'" . C   B 2 28 ? -10.937 6.402   19.111  1.00 54.65  ? 29  C   B "O2'" 1 
ATOM   880  C  "C1'" . C   B 2 28 ? -9.039  6.607   17.699  1.00 54.25  ? 29  C   B "C1'" 1 
ATOM   881  N  N1    . C   B 2 28 ? -7.574  6.540   17.782  1.00 51.45  ? 29  C   B N1    1 
ATOM   882  C  C2    . C   B 2 28 ? -6.989  5.376   18.292  1.00 49.49  ? 29  C   B C2    1 
ATOM   883  O  O2    . C   B 2 28 ? -7.719  4.410   18.548  1.00 50.40  ? 29  C   B O2    1 
ATOM   884  N  N3    . C   B 2 28 ? -5.649  5.333   18.482  1.00 45.93  ? 29  C   B N3    1 
ATOM   885  C  C4    . C   B 2 28 ? -4.901  6.390   18.159  1.00 46.08  ? 29  C   B C4    1 
ATOM   886  N  N4    . C   B 2 28 ? -3.593  6.329   18.401  1.00 43.31  ? 29  C   B N4    1 
ATOM   887  C  C5    . C   B 2 28 ? -5.466  7.569   17.580  1.00 46.41  ? 29  C   B C5    1 
ATOM   888  C  C6    . C   B 2 28 ? -6.794  7.599   17.410  1.00 47.43  ? 29  C   B C6    1 
ATOM   889  P  P     . G   B 2 29 ? -10.230 9.493   21.336  1.00 59.45  ? 30  G   B P     1 
ATOM   890  O  OP1   . G   B 2 29 ? -11.438 10.079  21.965  1.00 62.64  ? 30  G   B OP1   1 
ATOM   891  O  OP2   . G   B 2 29 ? -8.972  10.276  21.303  1.00 60.23  ? 30  G   B OP2   1 
ATOM   892  O  "O5'" . G   B 2 29 ? -9.948  8.108   22.063  1.00 58.60  ? 30  G   B "O5'" 1 
ATOM   893  C  "C5'" . G   B 2 29 ? -11.001 7.177   22.242  1.00 56.81  ? 30  G   B "C5'" 1 
ATOM   894  C  "C4'" . G   B 2 29 ? -10.484 5.910   22.862  1.00 61.97  ? 30  G   B "C4'" 1 
ATOM   895  O  "O4'" . G   B 2 29 ? -9.607  5.238   21.917  1.00 64.63  ? 30  G   B "O4'" 1 
ATOM   896  C  "C3'" . G   B 2 29 ? -9.610  6.103   24.088  1.00 63.46  ? 30  G   B "C3'" 1 
ATOM   897  O  "O3'" . G   B 2 29 ? -10.367 6.289   25.273  1.00 60.98  ? 30  G   B "O3'" 1 
ATOM   898  C  "C2'" . G   B 2 29 ? -8.817  4.807   24.106  1.00 62.10  ? 30  G   B "C2'" 1 
ATOM   899  O  "O2'" . G   B 2 29 ? -9.618  3.743   24.562  1.00 64.09  ? 30  G   B "O2'" 1 
ATOM   900  C  "C1'" . G   B 2 29 ? -8.557  4.598   22.618  1.00 62.07  ? 30  G   B "C1'" 1 
ATOM   901  N  N9    . G   B 2 29 ? -7.292  5.205   22.226  1.00 62.41  ? 30  G   B N9    1 
ATOM   902  C  C8    . G   B 2 29 ? -7.087  6.410   21.598  1.00 63.46  ? 30  G   B C8    1 
ATOM   903  N  N7    . G   B 2 29 ? -5.820  6.693   21.433  1.00 61.48  ? 30  G   B N7    1 
ATOM   904  C  C5    . G   B 2 29 ? -5.155  5.599   21.974  1.00 60.14  ? 30  G   B C5    1 
ATOM   905  C  C6    . G   B 2 29 ? -3.763  5.328   22.095  1.00 59.12  ? 30  G   B C6    1 
ATOM   906  O  O6    . G   B 2 29 ? -2.801  6.023   21.732  1.00 55.61  ? 30  G   B O6    1 
ATOM   907  N  N1    . G   B 2 29 ? -3.539  4.104   22.717  1.00 59.25  ? 30  G   B N1    1 
ATOM   908  C  C2    . G   B 2 29 ? -4.520  3.250   23.161  1.00 60.85  ? 30  G   B C2    1 
ATOM   909  N  N2    . G   B 2 29 ? -4.108  2.124   23.750  1.00 64.47  ? 30  G   B N2    1 
ATOM   910  N  N3    . G   B 2 29 ? -5.811  3.484   23.043  1.00 60.45  ? 30  G   B N3    1 
ATOM   911  C  C4    . G   B 2 29 ? -6.054  4.668   22.453  1.00 61.57  ? 30  G   B C4    1 
ATOM   912  P  P     . A   B 2 30 ? -9.791  7.245   26.429  1.00 63.91  ? 31  A   B P     1 
ATOM   913  O  OP1   . A   B 2 30 ? -10.802 7.293   27.512  1.00 66.56  ? 31  A   B OP1   1 
ATOM   914  O  OP2   . A   B 2 30 ? -9.360  8.500   25.768  1.00 62.53  ? 31  A   B OP2   1 
ATOM   915  O  "O5'" . A   B 2 30 ? -8.516  6.464   26.982  1.00 63.16  ? 31  A   B "O5'" 1 
ATOM   916  C  "C5'" . A   B 2 30 ? -8.680  5.181   27.579  1.00 65.11  ? 31  A   B "C5'" 1 
ATOM   917  C  "C4'" . A   B 2 30 ? -7.345  4.559   27.923  1.00 68.05  ? 31  A   B "C4'" 1 
ATOM   918  O  "O4'" . A   B 2 30 ? -6.601  4.292   26.700  1.00 71.46  ? 31  A   B "O4'" 1 
ATOM   919  C  "C3'" . A   B 2 30 ? -6.399  5.447   28.718  1.00 68.80  ? 31  A   B "C3'" 1 
ATOM   920  O  "O3'" . A   B 2 30 ? -6.670  5.573   30.108  1.00 74.51  ? 31  A   B "O3'" 1 
ATOM   921  C  "C2'" . A   B 2 30 ? -5.044  4.826   28.424  1.00 69.04  ? 31  A   B "C2'" 1 
ATOM   922  O  "O2'" . A   B 2 30 ? -4.812  3.676   29.210  1.00 72.78  ? 31  A   B "O2'" 1 
ATOM   923  C  "C1'" . A   B 2 30 ? -5.207  4.427   26.956  1.00 69.60  ? 31  A   B "C1'" 1 
ATOM   924  N  N9    . A   B 2 30 ? -4.626  5.421   26.055  1.00 65.13  ? 31  A   B N9    1 
ATOM   925  C  C8    . A   B 2 30 ? -5.210  6.505   25.450  1.00 65.37  ? 31  A   B C8    1 
ATOM   926  N  N7    . A   B 2 30 ? -4.366  7.250   24.775  1.00 63.22  ? 31  A   B N7    1 
ATOM   927  C  C5    . A   B 2 30 ? -3.151  6.599   24.931  1.00 61.52  ? 31  A   B C5    1 
ATOM   928  C  C6    . A   B 2 30 ? -1.863  6.884   24.472  1.00 59.20  ? 31  A   B C6    1 
ATOM   929  N  N6    . A   B 2 30 ? -1.563  7.950   23.736  1.00 56.69  ? 31  A   B N6    1 
ATOM   930  N  N1    . A   B 2 30 ? -0.874  6.026   24.801  1.00 59.71  ? 31  A   B N1    1 
ATOM   931  C  C2    . A   B 2 30 ? -1.175  4.958   25.538  1.00 58.35  ? 31  A   B C2    1 
ATOM   932  N  N3    . A   B 2 30 ? -2.345  4.583   26.031  1.00 60.42  ? 31  A   B N3    1 
ATOM   933  C  C4    . A   B 2 30 ? -3.303  5.458   25.692  1.00 62.41  ? 31  A   B C4    1 
ATOM   934  O  "O5'" . U   C 3 1  ? 6.738   4.903   21.067  1.00 53.56  ? 31  U   C "O5'" 1 
ATOM   935  C  "C5'" . U   C 3 1  ? 7.586   4.223   21.989  1.00 58.00  ? 31  U   C "C5'" 1 
ATOM   936  C  "C4'" . U   C 3 1  ? 6.792   3.471   23.026  1.00 60.34  ? 31  U   C "C4'" 1 
ATOM   937  O  "O4'" . U   C 3 1  ? 6.230   4.406   23.986  1.00 60.92  ? 31  U   C "O4'" 1 
ATOM   938  C  "C3'" . U   C 3 1  ? 5.603   2.693   22.494  1.00 58.72  ? 31  U   C "C3'" 1 
ATOM   939  O  "O3'" . U   C 3 1  ? 6.018   1.409   22.059  1.00 58.95  ? 31  U   C "O3'" 1 
ATOM   940  C  "C2'" . U   C 3 1  ? 4.716   2.597   23.726  1.00 60.76  ? 31  U   C "C2'" 1 
ATOM   941  O  "O2'" . U   C 3 1  ? 5.131   1.566   24.604  1.00 60.21  ? 31  U   C "O2'" 1 
ATOM   942  C  "C1'" . U   C 3 1  ? 4.942   3.970   24.375  1.00 61.58  ? 31  U   C "C1'" 1 
ATOM   943  N  N1    . U   C 3 1  ? 3.977   4.993   23.943  1.00 59.48  ? 31  U   C N1    1 
ATOM   944  C  C2    . U   C 3 1  ? 2.686   4.955   24.471  1.00 58.20  ? 31  U   C C2    1 
ATOM   945  O  O2    . U   C 3 1  ? 2.325   4.136   25.305  1.00 56.07  ? 31  U   C O2    1 
ATOM   946  N  N3    . U   C 3 1  ? 1.835   5.915   23.983  1.00 57.24  ? 31  U   C N3    1 
ATOM   947  C  C4    . U   C 3 1  ? 2.135   6.892   23.050  1.00 59.06  ? 31  U   C C4    1 
ATOM   948  O  O4    . U   C 3 1  ? 1.240   7.628   22.636  1.00 55.57  ? 31  U   C O4    1 
ATOM   949  C  C5    . U   C 3 1  ? 3.497   6.879   22.583  1.00 57.47  ? 31  U   C C5    1 
ATOM   950  C  C6    . U   C 3 1  ? 4.343   5.954   23.033  1.00 56.30  ? 31  U   C C6    1 
ATOM   951  P  P     . C   C 3 2  ? 5.219   0.672   20.881  1.00 63.75  ? 32  C   C P     1 
ATOM   952  O  OP1   . C   C 3 2  ? 6.089   -0.409  20.359  1.00 67.99  ? 32  C   C OP1   1 
ATOM   953  O  OP2   . C   C 3 2  ? 4.726   1.731   19.961  1.00 60.19  ? 32  C   C OP2   1 
ATOM   954  O  "O5'" . C   C 3 2  ? 3.978   -0.009  21.613  1.00 60.75  ? 32  C   C "O5'" 1 
ATOM   955  C  "C5'" . C   C 3 2  ? 4.183   -0.876  22.722  1.00 57.42  ? 32  C   C "C5'" 1 
ATOM   956  C  "C4'" . C   C 3 2  ? 2.911   -1.015  23.528  1.00 60.01  ? 32  C   C "C4'" 1 
ATOM   957  O  "O4'" . C   C 3 2  ? 2.588   0.252   24.171  1.00 57.92  ? 32  C   C "O4'" 1 
ATOM   958  C  "C3'" . C   C 3 2  ? 1.667   -1.363  22.731  1.00 57.13  ? 32  C   C "C3'" 1 
ATOM   959  O  "O3'" . C   C 3 2  ? 1.555   -2.761  22.543  1.00 55.20  ? 32  C   C "O3'" 1 
ATOM   960  C  "C2'" . C   C 3 2  ? 0.558   -0.854  23.637  1.00 56.09  ? 32  C   C "C2'" 1 
ATOM   961  O  "O2'" . C   C 3 2  ? 0.332   -1.746  24.705  1.00 58.14  ? 32  C   C "O2'" 1 
ATOM   962  C  "C1'" . C   C 3 2  ? 1.184   0.425   24.188  1.00 55.32  ? 32  C   C "C1'" 1 
ATOM   963  N  N1    . C   C 3 2  ? 0.857   1.599   23.372  1.00 58.48  ? 32  C   C N1    1 
ATOM   964  C  C2    . C   C 3 2  ? -0.466  2.059   23.358  1.00 59.53  ? 32  C   C C2    1 
ATOM   965  O  O2    . C   C 3 2  ? -1.315  1.449   24.013  1.00 59.74  ? 32  C   C O2    1 
ATOM   966  N  N3    . C   C 3 2  ? -0.781  3.157   22.635  1.00 58.70  ? 32  C   C N3    1 
ATOM   967  C  C4    . C   C 3 2  ? 0.171   3.798   21.956  1.00 58.12  ? 32  C   C C4    1 
ATOM   968  N  N4    . C   C 3 2  ? -0.176  4.902   21.293  1.00 56.68  ? 32  C   C N4    1 
ATOM   969  C  C5    . C   C 3 2  ? 1.526   3.341   21.936  1.00 58.23  ? 32  C   C C5    1 
ATOM   970  C  C6    . C   C 3 2  ? 1.820   2.245   22.647  1.00 56.79  ? 32  C   C C6    1 
ATOM   971  P  P     . G   C 3 3  ? 0.937   -3.324  21.172  1.00 60.06  ? 33  G   C P     1 
ATOM   972  O  OP1   . G   C 3 3  ? 1.349   -4.745  21.030  1.00 59.04  ? 33  G   C OP1   1 
ATOM   973  O  OP2   . G   C 3 3  ? 1.290   -2.331  20.122  1.00 54.10  ? 33  G   C OP2   1 
ATOM   974  O  "O5'" . G   C 3 3  ? -0.645  -3.263  21.347  1.00 58.43  ? 33  G   C "O5'" 1 
ATOM   975  C  "C5'" . G   C 3 3  ? -1.312  -3.909  22.430  1.00 55.47  ? 33  G   C "C5'" 1 
ATOM   976  C  "C4'" . G   C 3 3  ? -2.725  -3.404  22.499  1.00 56.25  ? 33  G   C "C4'" 1 
ATOM   977  O  "O4'" . G   C 3 3  ? -2.697  -1.984  22.794  1.00 59.79  ? 33  G   C "O4'" 1 
ATOM   978  C  "C3'" . G   C 3 3  ? -3.449  -3.486  21.171  1.00 56.82  ? 33  G   C "C3'" 1 
ATOM   979  O  "O3'" . G   C 3 3  ? -4.046  -4.769  21.037  1.00 57.08  ? 33  G   C "O3'" 1 
ATOM   980  C  "C2'" . G   C 3 3  ? -4.496  -2.382  21.287  1.00 54.60  ? 33  G   C "C2'" 1 
ATOM   981  O  "O2'" . G   C 3 3  ? -5.636  -2.763  22.014  1.00 51.82  ? 33  G   C "O2'" 1 
ATOM   982  C  "C1'" . G   C 3 3  ? -3.738  -1.330  22.090  1.00 56.24  ? 33  G   C "C1'" 1 
ATOM   983  N  N9    . G   C 3 3  ? -3.141  -0.250  21.315  1.00 57.80  ? 33  G   C N9    1 
ATOM   984  C  C8    . G   C 3 3  ? -1.800  -0.025  21.117  1.00 57.91  ? 33  G   C C8    1 
ATOM   985  N  N7    . G   C 3 3  ? -1.559  1.081   20.465  1.00 58.86  ? 33  G   C N7    1 
ATOM   986  C  C5    . G   C 3 3  ? -2.817  1.604   20.198  1.00 55.10  ? 33  G   C C5    1 
ATOM   987  C  C6    . G   C 3 3  ? -3.187  2.799   19.544  1.00 53.95  ? 33  G   C C6    1 
ATOM   988  O  O6    . G   C 3 3  ? -2.454  3.662   19.058  1.00 54.84  ? 33  G   C O6    1 
ATOM   989  N  N1    . G   C 3 3  ? -4.567  2.950   19.494  1.00 51.97  ? 33  G   C N1    1 
ATOM   990  C  C2    . G   C 3 3  ? -5.476  2.059   20.012  1.00 53.60  ? 33  G   C C2    1 
ATOM   991  N  N2    . G   C 3 3  ? -6.762  2.380   19.870  1.00 55.01  ? 33  G   C N2    1 
ATOM   992  N  N3    . G   C 3 3  ? -5.143  0.936   20.627  1.00 53.75  ? 33  G   C N3    1 
ATOM   993  C  C4    . G   C 3 3  ? -3.805  0.778   20.690  1.00 56.54  ? 33  G   C C4    1 
ATOM   994  P  P     . U   C 3 4  ? -4.465  -5.294  19.582  1.00 59.76  ? 34  U   C P     1 
ATOM   995  O  OP1   . U   C 3 4  ? -5.071  -6.642  19.722  1.00 64.77  ? 34  U   C OP1   1 
ATOM   996  O  OP2   . U   C 3 4  ? -3.284  -5.106  18.703  1.00 64.44  ? 34  U   C OP2   1 
ATOM   997  O  "O5'" . U   C 3 4  ? -5.600  -4.280  19.104  1.00 59.98  ? 34  U   C "O5'" 1 
ATOM   998  C  "C5'" . U   C 3 4  ? -6.904  -4.356  19.657  1.00 61.22  ? 34  U   C "C5'" 1 
ATOM   999  C  "C4'" . U   C 3 4  ? -7.788  -3.276  19.090  1.00 63.73  ? 34  U   C "C4'" 1 
ATOM   1000 O  "O4'" . U   C 3 4  ? -7.239  -1.971  19.428  1.00 63.05  ? 34  U   C "O4'" 1 
ATOM   1001 C  "C3'" . U   C 3 4  ? -7.868  -3.247  17.574  1.00 63.22  ? 34  U   C "C3'" 1 
ATOM   1002 O  "O3'" . U   C 3 4  ? -8.850  -4.157  17.106  1.00 64.38  ? 34  U   C "O3'" 1 
ATOM   1003 C  "C2'" . U   C 3 4  ? -8.284  -1.811  17.302  1.00 60.80  ? 34  U   C "C2'" 1 
ATOM   1004 O  "O2'" . U   C 3 4  ? -9.661  -1.623  17.523  1.00 63.37  ? 34  U   C "O2'" 1 
ATOM   1005 C  "C1'" . U   C 3 4  ? -7.512  -1.060  18.381  1.00 60.36  ? 34  U   C "C1'" 1 
ATOM   1006 N  N1    . U   C 3 4  ? -6.252  -0.498  17.887  1.00 61.93  ? 34  U   C N1    1 
ATOM   1007 C  C2    . U   C 3 4  ? -6.338  0.670   17.164  1.00 62.70  ? 34  U   C C2    1 
ATOM   1008 O  O2    . U   C 3 4  ? -7.398  1.214   16.924  1.00 67.13  ? 34  U   C O2    1 
ATOM   1009 N  N3    . U   C 3 4  ? -5.141  1.181   16.736  1.00 59.11  ? 34  U   C N3    1 
ATOM   1010 C  C4    . U   C 3 4  ? -3.897  0.651   16.954  1.00 58.06  ? 34  U   C C4    1 
ATOM   1011 O  O4    . U   C 3 4  ? -2.914  1.259   16.553  1.00 58.42  ? 34  U   C O4    1 
ATOM   1012 C  C5    . U   C 3 4  ? -3.886  -0.573  17.699  1.00 59.08  ? 34  U   C C5    1 
ATOM   1013 C  C6    . U   C 3 4  ? -5.040  -1.095  18.130  1.00 62.23  ? 34  U   C C6    1 
ATOM   1014 P  P     . G   C 3 5  ? -8.812  -4.647  15.579  1.00 66.21  ? 35  G   C P     1 
ATOM   1015 O  OP1   . G   C 3 5  ? -9.758  -5.786  15.453  1.00 65.43  ? 35  G   C OP1   1 
ATOM   1016 O  OP2   . G   C 3 5  ? -7.389  -4.828  15.183  1.00 66.58  ? 35  G   C OP2   1 
ATOM   1017 O  "O5'" . G   C 3 5  ? -9.346  -3.401  14.741  1.00 62.71  ? 35  G   C "O5'" 1 
ATOM   1018 C  "C5'" . G   C 3 5  ? -10.624 -2.834  14.986  1.00 57.49  ? 35  G   C "C5'" 1 
ATOM   1019 C  "C4'" . G   C 3 5  ? -10.797 -1.579  14.164  1.00 57.58  ? 35  G   C "C4'" 1 
ATOM   1020 O  "O4'" . G   C 3 5  ? -9.896  -0.542  14.635  1.00 58.43  ? 35  G   C "O4'" 1 
ATOM   1021 C  "C3'" . G   C 3 5  ? -10.459 -1.735  12.697  1.00 58.31  ? 35  G   C "C3'" 1 
ATOM   1022 O  "O3'" . G   C 3 5  ? -11.616 -2.227  12.047  1.00 63.75  ? 35  G   C "O3'" 1 
ATOM   1023 C  "C2'" . G   C 3 5  ? -10.124 -0.303  12.287  1.00 60.36  ? 35  G   C "C2'" 1 
ATOM   1024 O  "O2'" . G   C 3 5  ? -11.271 0.481   12.030  1.00 60.09  ? 35  G   C "O2'" 1 
ATOM   1025 C  "C1'" . G   C 3 5  ? -9.425  0.225   13.542  1.00 55.40  ? 35  G   C "C1'" 1 
ATOM   1026 N  N9    . G   C 3 5  ? -7.964  0.150   13.548  1.00 56.93  ? 35  G   C N9    1 
ATOM   1027 C  C8    . G   C 3 5  ? -7.198  -0.880  14.046  1.00 55.75  ? 35  G   C C8    1 
ATOM   1028 N  N7    . G   C 3 5  ? -5.913  -0.644  13.983  1.00 55.45  ? 35  G   C N7    1 
ATOM   1029 C  C5    . G   C 3 5  ? -5.820  0.613   13.394  1.00 53.79  ? 35  G   C C5    1 
ATOM   1030 C  C6    . G   C 3 5  ? -4.676  1.405   13.080  1.00 52.72  ? 35  G   C C6    1 
ATOM   1031 O  O6    . G   C 3 5  ? -3.487  1.162   13.292  1.00 52.96  ? 35  G   C O6    1 
ATOM   1032 N  N1    . G   C 3 5  ? -5.033  2.597   12.469  1.00 52.35  ? 35  G   C N1    1 
ATOM   1033 C  C2    . G   C 3 5  ? -6.314  2.990   12.201  1.00 52.91  ? 35  G   C C2    1 
ATOM   1034 N  N2    . G   C 3 5  ? -6.438  4.165   11.567  1.00 50.99  ? 35  G   C N2    1 
ATOM   1035 N  N3    . G   C 3 5  ? -7.392  2.283   12.518  1.00 52.54  ? 35  G   C N3    1 
ATOM   1036 C  C4    . G   C 3 5  ? -7.074  1.112   13.100  1.00 54.01  ? 35  G   C C4    1 
ATOM   1037 P  P     . G   C 3 6  ? -11.508 -2.857  10.577  1.00 68.75  ? 36  G   C P     1 
ATOM   1038 O  OP1   . G   C 3 6  ? -12.824 -3.498  10.300  1.00 67.97  ? 36  G   C OP1   1 
ATOM   1039 O  OP2   . G   C 3 6  ? -10.268 -3.666  10.496  1.00 63.45  ? 36  G   C OP2   1 
ATOM   1040 O  "O5'" . G   C 3 6  ? -11.385 -1.580  9.632   1.00 66.30  ? 36  G   C "O5'" 1 
ATOM   1041 C  "C5'" . G   C 3 6  ? -12.469 -0.665  9.525   1.00 62.19  ? 36  G   C "C5'" 1 
ATOM   1042 C  "C4'" . G   C 3 6  ? -12.236 0.307   8.394   1.00 62.55  ? 36  G   C "C4'" 1 
ATOM   1043 O  "O4'" . G   C 3 6  ? -11.040 1.077   8.692   1.00 62.49  ? 36  G   C "O4'" 1 
ATOM   1044 C  "C3'" . G   C 3 6  ? -11.961 -0.370  7.058   1.00 64.66  ? 36  G   C "C3'" 1 
ATOM   1045 O  "O3'" . G   C 3 6  ? -12.927 -0.290  5.999   1.00 68.50  ? 36  G   C "O3'" 1 
ATOM   1046 C  "C2'" . G   C 3 6  ? -10.448 -0.397  6.871   1.00 61.52  ? 36  G   C "C2'" 1 
ATOM   1047 O  "O2'" . G   C 3 6  ? -10.023 -0.078  5.563   1.00 62.66  ? 36  G   C "O2'" 1 
ATOM   1048 C  "C1'" . G   C 3 6  ? -9.990  0.722   7.810   1.00 60.47  ? 36  G   C "C1'" 1 
ATOM   1049 N  N9    . G   C 3 6  ? -8.783  0.407   8.572   1.00 54.79  ? 36  G   C N9    1 
ATOM   1050 C  C8    . G   C 3 6  ? -8.480  -0.767  9.218   1.00 53.71  ? 36  G   C C8    1 
ATOM   1051 N  N7    . G   C 3 6  ? -7.267  -0.781  9.706   1.00 51.79  ? 36  G   C N7    1 
ATOM   1052 C  C5    . G   C 3 6  ? -6.750  0.465   9.377   1.00 50.34  ? 36  G   C C5    1 
ATOM   1053 C  C6    . G   C 3 6  ? -5.465  1.020   9.614   1.00 50.51  ? 36  G   C C6    1 
ATOM   1054 O  O6    . G   C 3 6  ? -4.483  0.489   10.131  1.00 52.64  ? 36  G   C O6    1 
ATOM   1055 N  N1    . G   C 3 6  ? -5.379  2.329   9.158   1.00 49.27  ? 36  G   C N1    1 
ATOM   1056 C  C2    . G   C 3 6  ? -6.395  3.014   8.538   1.00 52.88  ? 36  G   C C2    1 
ATOM   1057 N  N2    . G   C 3 6  ? -6.139  4.289   8.206   1.00 50.81  ? 36  G   C N2    1 
ATOM   1058 N  N3    . G   C 3 6  ? -7.584  2.491   8.271   1.00 52.92  ? 36  G   C N3    1 
ATOM   1059 C  C4    . G   C 3 6  ? -7.689  1.224   8.716   1.00 51.63  ? 36  G   C C4    1 
ATOM   1060 P  P     . U   C 3 7  ? -13.102 1.080   5.167   1.00 69.37  ? 37  U   C P     1 
ATOM   1061 O  OP1   . U   C 3 7  ? -12.729 2.203   6.057   1.00 70.47  ? 37  U   C OP1   1 
ATOM   1062 O  OP2   . U   C 3 7  ? -14.439 1.067   4.544   1.00 68.33  ? 37  U   C OP2   1 
ATOM   1063 O  "O5'" . U   C 3 7  ? -12.031 0.990   3.997   1.00 68.82  ? 37  U   C "O5'" 1 
ATOM   1064 C  "C5'" . U   C 3 7  ? -12.387 1.357   2.678   1.00 64.99  ? 37  U   C "C5'" 1 
ATOM   1065 C  "C4'" . U   C 3 7  ? -11.276 2.137   2.025   1.00 65.09  ? 37  U   C "C4'" 1 
ATOM   1066 O  "O4'" . U   C 3 7  ? -11.006 3.335   2.804   1.00 67.73  ? 37  U   C "O4'" 1 
ATOM   1067 C  "C3'" . U   C 3 7  ? -9.978  1.335   2.041   1.00 63.20  ? 37  U   C "C3'" 1 
ATOM   1068 O  "O3'" . U   C 3 7  ? -9.323  1.311   0.784   1.00 62.46  ? 37  U   C "O3'" 1 
ATOM   1069 C  "C2'" . U   C 3 7  ? -9.158  1.861   3.215   1.00 65.37  ? 37  U   C "C2'" 1 
ATOM   1070 O  "O2'" . U   C 3 7  ? -7.783  1.976   2.910   1.00 65.29  ? 37  U   C "O2'" 1 
ATOM   1071 C  "C1'" . U   C 3 7  ? -9.712  3.275   3.349   1.00 66.39  ? 37  U   C "C1'" 1 
ATOM   1072 N  N1    . U   C 3 7  ? -9.661  3.941   4.653   1.00 67.60  ? 37  U   C N1    1 
ATOM   1073 C  C2    . U   C 3 7  ? -8.676  4.897   4.806   1.00 69.12  ? 37  U   C C2    1 
ATOM   1074 O  O2    . U   C 3 7  ? -7.926  5.210   3.906   1.00 67.77  ? 37  U   C O2    1 
ATOM   1075 N  N3    . U   C 3 7  ? -8.607  5.475   6.049   1.00 71.63  ? 37  U   C N3    1 
ATOM   1076 C  C4    . U   C 3 7  ? -9.415  5.204   7.131   1.00 71.46  ? 37  U   C C4    1 
ATOM   1077 O  O4    . U   C 3 7  ? -9.175  5.745   8.213   1.00 72.47  ? 37  U   C O4    1 
ATOM   1078 C  C5    . U   C 3 7  ? -10.433 4.216   6.881   1.00 70.89  ? 37  U   C C5    1 
ATOM   1079 C  C6    . U   C 3 7  ? -10.516 3.634   5.675   1.00 68.09  ? 37  U   C C6    1 
ATOM   1080 P  P     . A   C 3 8  ? -8.996  -0.084  0.082   1.00 64.90  ? 38  A   C P     1 
ATOM   1081 O  OP1   . A   C 3 8  ? -8.059  0.233   -1.019  1.00 62.62  ? 38  A   C OP1   1 
ATOM   1082 O  OP2   . A   C 3 8  ? -10.302 -0.742  -0.212  1.00 65.82  ? 38  A   C OP2   1 
ATOM   1083 O  "O5'" . A   C 3 8  ? -8.245  -0.943  1.200   1.00 66.40  ? 38  A   C "O5'" 1 
ATOM   1084 C  "C5'" . A   C 3 8  ? -6.822  -1.003  1.259   1.00 59.42  ? 38  A   C "C5'" 1 
ATOM   1085 C  "C4'" . A   C 3 8  ? -6.377  -2.064  2.245   1.00 62.49  ? 38  A   C "C4'" 1 
ATOM   1086 O  "O4'" . A   C 3 8  ? -4.930  -2.106  2.272   1.00 61.19  ? 38  A   C "O4'" 1 
ATOM   1087 C  "C3'" . A   C 3 8  ? -6.820  -1.725  3.667   1.00 60.97  ? 38  A   C "C3'" 1 
ATOM   1088 O  "O3'" . A   C 3 8  ? -7.119  -2.922  4.408   1.00 64.19  ? 38  A   C "O3'" 1 
ATOM   1089 C  "C2'" . A   C 3 8  ? -5.617  -1.016  4.292   1.00 60.24  ? 38  A   C "C2'" 1 
ATOM   1090 O  "O2'" . A   C 3 8  ? -5.430  -1.323  5.660   1.00 64.93  ? 38  A   C "O2'" 1 
ATOM   1091 C  "C1'" . A   C 3 8  ? -4.465  -1.650  3.512   1.00 56.51  ? 38  A   C "C1'" 1 
ATOM   1092 N  N9    . A   C 3 8  ? -3.222  -0.924  3.319   1.00 53.05  ? 38  A   C N9    1 
ATOM   1093 C  C8    . A   C 3 8  ? -1.976  -1.274  3.775   1.00 52.74  ? 38  A   C C8    1 
ATOM   1094 N  N7    . A   C 3 8  ? -1.033  -0.424  3.448   1.00 50.87  ? 38  A   C N7    1 
ATOM   1095 C  C5    . A   C 3 8  ? -1.705  0.551   2.727   1.00 51.64  ? 38  A   C C5    1 
ATOM   1096 C  C6    . A   C 3 8  ? -1.274  1.727   2.101   1.00 51.37  ? 38  A   C C6    1 
ATOM   1097 N  N6    . A   C 3 8  ? -0.010  2.154   2.105   1.00 45.69  ? 38  A   C N6    1 
ATOM   1098 N  N1    . A   C 3 8  ? -2.204  2.469   1.460   1.00 55.45  ? 38  A   C N1    1 
ATOM   1099 C  C2    . A   C 3 8  ? -3.479  2.042   1.456   1.00 56.25  ? 38  A   C C2    1 
ATOM   1100 N  N3    . A   C 3 8  ? -4.005  0.954   2.010   1.00 52.40  ? 38  A   C N3    1 
ATOM   1101 C  C4    . A   C 3 8  ? -3.056  0.248   2.639   1.00 53.04  ? 38  A   C C4    1 
ATOM   1102 P  P     . C   C 3 9  ? -8.585  -3.572  4.396   1.00 67.22  ? 39  C   C P     1 
ATOM   1103 O  OP1   . C   C 3 9  ? -9.569  -2.534  4.800   1.00 67.80  ? 39  C   C OP1   1 
ATOM   1104 O  OP2   . C   C 3 9  ? -8.459  -4.817  5.200   1.00 65.52  ? 39  C   C OP2   1 
ATOM   1105 O  "O5'" . C   C 3 9  ? -8.823  -4.012  2.875   1.00 69.36  ? 39  C   C "O5'" 1 
ATOM   1106 C  "C5'" . C   C 3 9  ? -8.502  -5.337  2.434   1.00 68.56  ? 39  C   C "C5'" 1 
ATOM   1107 C  "C4'" . C   C 3 9  ? -9.263  -5.686  1.168   1.00 73.15  ? 39  C   C "C4'" 1 
ATOM   1108 O  "O4'" . C   C 3 9  ? -10.683 -5.494  1.413   1.00 74.78  ? 39  C   C "O4'" 1 
ATOM   1109 C  "C3'" . C   C 3 9  ? -8.907  -4.756  0.006   1.00 73.20  ? 39  C   C "C3'" 1 
ATOM   1110 O  "O3'" . C   C 3 9  ? -8.749  -5.404  -1.254  1.00 71.04  ? 39  C   C "O3'" 1 
ATOM   1111 C  "C2'" . C   C 3 9  ? -10.000 -3.697  -0.031  1.00 73.50  ? 39  C   C "C2'" 1 
ATOM   1112 O  "O2'" . C   C 3 9  ? -10.397 -3.451  -1.357  1.00 75.93  ? 39  C   C "O2'" 1 
ATOM   1113 C  "C1'" . C   C 3 9  ? -11.166 -4.419  0.645   1.00 74.58  ? 39  C   C "C1'" 1 
ATOM   1114 N  N1    . C   C 3 9  ? -12.052 -3.584  1.454   1.00 75.29  ? 39  C   C N1    1 
ATOM   1115 C  C2    . C   C 3 9  ? -13.362 -3.410  1.017   1.00 75.66  ? 39  C   C C2    1 
ATOM   1116 O  O2    . C   C 3 9  ? -13.729 -4.015  0.002   1.00 74.75  ? 39  C   C O2    1 
ATOM   1117 N  N3    . C   C 3 9  ? -14.194 -2.598  1.710   1.00 76.89  ? 39  C   C N3    1 
ATOM   1118 C  C4    . C   C 3 9  ? -13.755 -1.986  2.816   1.00 78.25  ? 39  C   C C4    1 
ATOM   1119 N  N4    . C   C 3 9  ? -14.602 -1.189  3.471   1.00 76.82  ? 39  C   C N4    1 
ATOM   1120 C  C5    . C   C 3 9  ? -12.423 -2.167  3.299   1.00 78.39  ? 39  C   C C5    1 
ATOM   1121 C  C6    . C   C 3 9  ? -11.613 -2.970  2.593   1.00 77.23  ? 39  C   C C6    1 
ATOM   1122 P  P     . A   C 3 10 ? -7.415  -6.227  -1.591  1.00 77.07  ? 40  A   C P     1 
ATOM   1123 O  OP1   . A   C 3 10 ? -7.689  -6.978  -2.844  1.00 81.67  ? 40  A   C OP1   1 
ATOM   1124 O  OP2   . A   C 3 10 ? -6.974  -6.973  -0.381  1.00 74.13  ? 40  A   C OP2   1 
ATOM   1125 O  "O5'" . A   C 3 10 ? -6.351  -5.095  -1.929  1.00 72.64  ? 40  A   C "O5'" 1 
ATOM   1126 C  "C5'" . A   C 3 10 ? -6.754  -3.860  -2.508  1.00 65.97  ? 40  A   C "C5'" 1 
ATOM   1127 C  "C4'" . A   C 3 10 ? -5.678  -2.839  -2.274  1.00 64.56  ? 40  A   C "C4'" 1 
ATOM   1128 O  "O4'" . A   C 3 10 ? -5.514  -2.670  -0.844  1.00 66.74  ? 40  A   C "O4'" 1 
ATOM   1129 C  "C3'" . A   C 3 10 ? -4.304  -3.263  -2.761  1.00 63.51  ? 40  A   C "C3'" 1 
ATOM   1130 O  "O3'" . A   C 3 10 ? -4.140  -2.885  -4.122  1.00 63.30  ? 40  A   C "O3'" 1 
ATOM   1131 C  "C2'" . A   C 3 10 ? -3.379  -2.452  -1.866  1.00 61.42  ? 40  A   C "C2'" 1 
ATOM   1132 O  "O2'" . A   C 3 10 ? -3.235  -1.125  -2.328  1.00 57.09  ? 40  A   C "O2'" 1 
ATOM   1133 C  "C1'" . A   C 3 10 ? -4.145  -2.477  -0.540  1.00 59.30  ? 40  A   C "C1'" 1 
ATOM   1134 N  N9    . A   C 3 10 ? -3.746  -3.541  0.382   1.00 53.85  ? 40  A   C N9    1 
ATOM   1135 C  C8    . A   C 3 10 ? -4.504  -4.598  0.823   1.00 51.41  ? 40  A   C C8    1 
ATOM   1136 N  N7    . A   C 3 10 ? -3.891  -5.362  1.697   1.00 49.15  ? 40  A   C N7    1 
ATOM   1137 C  C5    . A   C 3 10 ? -2.643  -4.777  1.828   1.00 49.24  ? 40  A   C C5    1 
ATOM   1138 C  C6    . A   C 3 10 ? -1.531  -5.100  2.608   1.00 48.36  ? 40  A   C C6    1 
ATOM   1139 N  N6    . A   C 3 10 ? -1.481  -6.138  3.438   1.00 47.95  ? 40  A   C N6    1 
ATOM   1140 N  N1    . A   C 3 10 ? -0.448  -4.308  2.507   1.00 49.56  ? 40  A   C N1    1 
ATOM   1141 C  C2    . A   C 3 10 ? -0.486  -3.268  1.671   1.00 48.14  ? 40  A   C C2    1 
ATOM   1142 N  N3    . A   C 3 10 ? -1.468  -2.861  0.885   1.00 50.60  ? 40  A   C N3    1 
ATOM   1143 C  C4    . A   C 3 10 ? -2.534  -3.664  1.014   1.00 51.36  ? 40  A   C C4    1 
ATOM   1144 P  P     . U   C 3 11 ? -3.565  -3.947  -5.181  1.00 61.87  ? 41  U   C P     1 
ATOM   1145 O  OP1   . U   C 3 11 ? -3.553  -3.244  -6.492  1.00 54.88  ? 41  U   C OP1   1 
ATOM   1146 O  OP2   . U   C 3 11 ? -4.317  -5.229  -5.009  1.00 57.27  ? 41  U   C OP2   1 
ATOM   1147 O  "O5'" . U   C 3 11 ? -2.056  -4.191  -4.730  1.00 56.22  ? 41  U   C "O5'" 1 
ATOM   1148 C  "C5'" . U   C 3 11 ? -1.184  -3.084  -4.605  1.00 58.65  ? 41  U   C "C5'" 1 
ATOM   1149 C  "C4'" . U   C 3 11 ? 0.093   -3.470  -3.908  1.00 57.33  ? 41  U   C "C4'" 1 
ATOM   1150 O  "O4'" . U   C 3 11 ? -0.198  -3.991  -2.577  1.00 57.84  ? 41  U   C "O4'" 1 
ATOM   1151 C  "C3'" . U   C 3 11 ? 0.781   -4.608  -4.658  1.00 55.35  ? 41  U   C "C3'" 1 
ATOM   1152 O  "O3'" . U   C 3 11 ? 2.134   -4.258  -4.924  1.00 55.58  ? 41  U   C "O3'" 1 
ATOM   1153 C  "C2'" . U   C 3 11 ? 0.436   -5.888  -3.900  1.00 51.19  ? 41  U   C "C2'" 1 
ATOM   1154 O  "O2'" . U   C 3 11 ? 1.502   -6.792  -3.765  1.00 54.89  ? 41  U   C "O2'" 1 
ATOM   1155 C  "C1'" . U   C 3 11 ? 0.193   -5.334  -2.504  1.00 54.53  ? 41  U   C "C1'" 1 
ATOM   1156 N  N1    . U   C 3 11 ? -0.616  -6.085  -1.542  1.00 55.58  ? 41  U   C N1    1 
ATOM   1157 C  C2    . U   C 3 11 ? 0.073   -6.640  -0.477  1.00 56.16  ? 41  U   C C2    1 
ATOM   1158 O  O2    . U   C 3 11 ? 1.265   -6.433  -0.282  1.00 53.13  ? 41  U   C O2    1 
ATOM   1159 N  N3    . U   C 3 11 ? -0.677  -7.431  0.356   1.00 54.97  ? 41  U   C N3    1 
ATOM   1160 C  C4    . U   C 3 11 ? -2.017  -7.701  0.248   1.00 54.99  ? 41  U   C C4    1 
ATOM   1161 O  O4    . U   C 3 11 ? -2.520  -8.545  0.990   1.00 58.23  ? 41  U   C O4    1 
ATOM   1162 C  C5    . U   C 3 11 ? -2.671  -7.041  -0.846  1.00 56.81  ? 41  U   C C5    1 
ATOM   1163 C  C6    . U   C 3 11 ? -1.962  -6.273  -1.685  1.00 56.39  ? 41  U   C C6    1 
ATOM   1164 P  P     . U   C 3 12 ? 3.106   -5.250  -5.720  1.00 54.52  ? 42  U   C P     1 
ATOM   1165 O  OP1   . U   C 3 12 ? 3.503   -4.513  -6.938  1.00 62.23  ? 42  U   C OP1   1 
ATOM   1166 O  OP2   . U   C 3 12 ? 2.524   -6.604  -5.852  1.00 54.39  ? 42  U   C OP2   1 
ATOM   1167 O  "O5'" . U   C 3 12 ? 4.346   -5.317  -4.729  1.00 56.04  ? 42  U   C "O5'" 1 
ATOM   1168 C  "C5'" . U   C 3 12 ? 5.568   -5.925  -5.092  1.00 53.76  ? 42  U   C "C5'" 1 
ATOM   1169 C  "C4'" . U   C 3 12 ? 6.096   -6.715  -3.926  1.00 59.65  ? 42  U   C "C4'" 1 
ATOM   1170 O  "O4'" . U   C 3 12 ? 6.174   -5.859  -2.752  1.00 59.37  ? 42  U   C "O4'" 1 
ATOM   1171 C  "C3'" . U   C 3 12 ? 5.087   -7.807  -3.574  1.00 57.51  ? 42  U   C "C3'" 1 
ATOM   1172 O  "O3'" . U   C 3 12 ? 5.785   -8.964  -3.157  1.00 62.75  ? 42  U   C "O3'" 1 
ATOM   1173 C  "C2'" . U   C 3 12 ? 4.258   -7.255  -2.425  1.00 54.59  ? 42  U   C "C2'" 1 
ATOM   1174 O  "O2'" . U   C 3 12 ? 4.026   -8.257  -1.475  1.00 59.16  ? 42  U   C "O2'" 1 
ATOM   1175 C  "C1'" . U   C 3 12 ? 5.247   -6.292  -1.786  1.00 55.83  ? 42  U   C "C1'" 1 
ATOM   1176 N  N1    . U   C 3 12 ? 4.735   -5.160  -1.010  1.00 56.28  ? 42  U   C N1    1 
ATOM   1177 C  C2    . U   C 3 12 ? 4.929   -5.217  0.361   1.00 55.56  ? 42  U   C C2    1 
ATOM   1178 O  O2    . U   C 3 12 ? 5.486   -6.153  0.909   1.00 51.68  ? 42  U   C O2    1 
ATOM   1179 N  N3    . U   C 3 12 ? 4.449   -4.141  1.062   1.00 54.85  ? 42  U   C N3    1 
ATOM   1180 C  C4    . U   C 3 12 ? 3.803   -3.045  0.549   1.00 55.92  ? 42  U   C C4    1 
ATOM   1181 O  O4    . U   C 3 12 ? 3.403   -2.167  1.315   1.00 58.26  ? 42  U   C O4    1 
ATOM   1182 C  C5    . U   C 3 12 ? 3.634   -3.063  -0.875  1.00 57.29  ? 42  U   C C5    1 
ATOM   1183 C  C6    . U   C 3 12 ? 4.096   -4.098  -1.588  1.00 57.39  ? 42  U   C C6    1 
ATOM   1184 P  P     . A   C 3 13 ? 5.579   -10.354 -3.896  1.00 60.22  ? 43  A   C P     1 
ATOM   1185 O  OP1   . A   C 3 13 ? 6.182   -10.189 -5.240  1.00 63.44  ? 43  A   C OP1   1 
ATOM   1186 O  OP2   . A   C 3 13 ? 4.154   -10.751 -3.769  1.00 60.78  ? 43  A   C OP2   1 
ATOM   1187 O  "O5'" . A   C 3 13 ? 6.499   -11.313 -3.015  1.00 55.91  ? 43  A   C "O5'" 1 
ATOM   1188 C  "C5'" . A   C 3 13 ? 7.844   -10.945 -2.717  1.00 58.93  ? 43  A   C "C5'" 1 
ATOM   1189 C  "C4'" . A   C 3 13 ? 8.134   -11.155 -1.253  1.00 63.48  ? 43  A   C "C4'" 1 
ATOM   1190 O  "O4'" . A   C 3 13 ? 7.244   -10.321 -0.472  1.00 68.55  ? 43  A   C "O4'" 1 
ATOM   1191 C  "C3'" . A   C 3 13 ? 7.889   -12.561 -0.732  1.00 64.57  ? 43  A   C "C3'" 1 
ATOM   1192 O  "O3'" . A   C 3 13 ? 9.046   -13.352 -0.948  1.00 66.92  ? 43  A   C "O3'" 1 
ATOM   1193 C  "C2'" . A   C 3 13 ? 7.635   -12.319 0.753   1.00 64.21  ? 43  A   C "C2'" 1 
ATOM   1194 O  "O2'" . A   C 3 13 ? 8.811   -12.138 1.515   1.00 58.44  ? 43  A   C "O2'" 1 
ATOM   1195 C  "C1'" . A   C 3 13 ? 6.861   -11.002 0.711   1.00 63.55  ? 43  A   C "C1'" 1 
ATOM   1196 N  N9    . A   C 3 13 ? 5.415   -11.183 0.654   1.00 62.74  ? 43  A   C N9    1 
ATOM   1197 C  C8    . A   C 3 13 ? 4.549   -10.607 -0.238  1.00 62.34  ? 43  A   C C8    1 
ATOM   1198 N  N7    . A   C 3 13 ? 3.294   -10.932 -0.048  1.00 61.48  ? 43  A   C N7    1 
ATOM   1199 C  C5    . A   C 3 13 ? 3.339   -11.788 1.041   1.00 61.99  ? 43  A   C C5    1 
ATOM   1200 C  C6    . A   C 3 13 ? 2.338   -12.473 1.735   1.00 60.37  ? 43  A   C C6    1 
ATOM   1201 N  N6    . A   C 3 13 ? 1.046   -12.392 1.425   1.00 58.09  ? 43  A   C N6    1 
ATOM   1202 N  N1    . A   C 3 13 ? 2.713   -13.248 2.774   1.00 60.33  ? 43  A   C N1    1 
ATOM   1203 C  C2    . A   C 3 13 ? 4.017   -13.315 3.088   1.00 60.81  ? 43  A   C C2    1 
ATOM   1204 N  N3    . A   C 3 13 ? 5.053   -12.711 2.515   1.00 62.61  ? 43  A   C N3    1 
ATOM   1205 C  C4    . A   C 3 13 ? 4.641   -11.954 1.483   1.00 62.80  ? 43  A   C C4    1 
ATOM   1206 P  P     . C   C 3 14 ? 8.935   -14.686 -1.831  1.00 69.04  ? 44  C   C P     1 
ATOM   1207 O  OP1   . C   C 3 14 ? 10.245  -15.372 -1.721  1.00 67.97  ? 44  C   C OP1   1 
ATOM   1208 O  OP2   . C   C 3 14 ? 8.405   -14.320 -3.174  1.00 63.16  ? 44  C   C OP2   1 
ATOM   1209 O  "O5'" . C   C 3 14 ? 7.827   -15.538 -1.069  1.00 68.88  ? 44  C   C "O5'" 1 
ATOM   1210 C  "C5'" . C   C 3 14 ? 8.085   -16.097 0.218   1.00 70.92  ? 44  C   C "C5'" 1 
ATOM   1211 C  "C4'" . C   C 3 14 ? 6.843   -16.772 0.742   1.00 70.53  ? 44  C   C "C4'" 1 
ATOM   1212 O  "O4'" . C   C 3 14 ? 5.889   -15.770 1.171   1.00 70.73  ? 44  C   C "O4'" 1 
ATOM   1213 C  "C3'" . C   C 3 14 ? 6.093   -17.592 -0.292  1.00 73.40  ? 44  C   C "C3'" 1 
ATOM   1214 O  "O3'" . C   C 3 14 ? 6.662   -18.888 -0.407  1.00 76.02  ? 44  C   C "O3'" 1 
ATOM   1215 C  "C2'" . C   C 3 14 ? 4.680   -17.610 0.277   1.00 73.31  ? 44  C   C "C2'" 1 
ATOM   1216 O  "O2'" . C   C 3 14 ? 4.497   -18.573 1.291   1.00 79.10  ? 44  C   C "O2'" 1 
ATOM   1217 C  "C1'" . C   C 3 14 ? 4.572   -16.203 0.870   1.00 70.80  ? 44  C   C "C1'" 1 
ATOM   1218 N  N1    . C   C 3 14 ? 3.992   -15.249 -0.083  1.00 69.26  ? 44  C   C N1    1 
ATOM   1219 C  C2    . C   C 3 14 ? 2.604   -15.243 -0.271  1.00 69.02  ? 44  C   C C2    1 
ATOM   1220 O  O2    . C   C 3 14 ? 1.905   -16.015 0.400   1.00 70.27  ? 44  C   C O2    1 
ATOM   1221 N  N3    . C   C 3 14 ? 2.065   -14.399 -1.178  1.00 67.54  ? 44  C   C N3    1 
ATOM   1222 C  C4    . C   C 3 14 ? 2.854   -13.579 -1.875  1.00 66.72  ? 44  C   C C4    1 
ATOM   1223 N  N4    . C   C 3 14 ? 2.278   -12.768 -2.768  1.00 66.28  ? 44  C   C N4    1 
ATOM   1224 C  C5    . C   C 3 14 ? 4.270   -13.552 -1.690  1.00 65.79  ? 44  C   C C5    1 
ATOM   1225 C  C6    . C   C 3 14 ? 4.790   -14.393 -0.790  1.00 66.41  ? 44  C   C C6    1 
ATOM   1226 P  P     . C   C 3 15 ? 6.701   -19.616 -1.839  1.00 78.05  ? 45  C   C P     1 
ATOM   1227 O  OP1   . C   C 3 15 ? 7.585   -20.800 -1.723  1.00 77.66  ? 45  C   C OP1   1 
ATOM   1228 O  OP2   . C   C 3 15 ? 6.991   -18.586 -2.870  1.00 77.60  ? 45  C   C OP2   1 
ATOM   1229 O  "O5'" . C   C 3 15 ? 5.204   -20.119 -2.039  1.00 71.72  ? 45  C   C "O5'" 1 
ATOM   1230 C  "C5'" . C   C 3 15 ? 4.612   -20.996 -1.101  1.00 68.95  ? 45  C   C "C5'" 1 
ATOM   1231 C  "C4'" . C   C 3 15 ? 3.140   -21.132 -1.374  1.00 74.08  ? 45  C   C "C4'" 1 
ATOM   1232 O  "O4'" . C   C 3 15 ? 2.475   -19.873 -1.093  1.00 74.19  ? 45  C   C "O4'" 1 
ATOM   1233 C  "C3'" . C   C 3 15 ? 2.796   -21.396 -2.830  1.00 76.78  ? 45  C   C "C3'" 1 
ATOM   1234 O  "O3'" . C   C 3 15 ? 2.928   -22.769 -3.164  1.00 82.22  ? 45  C   C "O3'" 1 
ATOM   1235 C  "C2'" . C   C 3 15 ? 1.357   -20.907 -2.924  1.00 74.89  ? 45  C   C "C2'" 1 
ATOM   1236 O  "O2'" . C   C 3 15 ? 0.390   -21.821 -2.456  1.00 75.37  ? 45  C   C "O2'" 1 
ATOM   1237 C  "C1'" . C   C 3 15 ? 1.394   -19.695 -1.999  1.00 74.89  ? 45  C   C "C1'" 1 
ATOM   1238 N  N1    . C   C 3 15 ? 1.589   -18.454 -2.757  1.00 75.61  ? 45  C   C N1    1 
ATOM   1239 C  C2    . C   C 3 15 ? 0.498   -17.936 -3.461  1.00 74.28  ? 45  C   C C2    1 
ATOM   1240 O  O2    . C   C 3 15 ? -0.585  -18.531 -3.401  1.00 74.97  ? 45  C   C O2    1 
ATOM   1241 N  N3    . C   C 3 15 ? 0.651   -16.807 -4.183  1.00 72.82  ? 45  C   C N3    1 
ATOM   1242 C  C4    . C   C 3 15 ? 1.833   -16.196 -4.213  1.00 72.27  ? 45  C   C C4    1 
ATOM   1243 N  N4    . C   C 3 15 ? 1.935   -15.085 -4.933  1.00 70.75  ? 45  C   C N4    1 
ATOM   1244 C  C5    . C   C 3 15 ? 2.965   -16.696 -3.501  1.00 72.80  ? 45  C   C C5    1 
ATOM   1245 C  C6    . C   C 3 15 ? 2.799   -17.819 -2.790  1.00 74.46  ? 45  C   C C6    1 
ATOM   1246 P  P     . U   C 3 16 ? 3.221   -23.185 -4.686  1.00 85.17  ? 46  U   C P     1 
ATOM   1247 O  OP1   . U   C 3 16 ? 3.578   -24.630 -4.698  1.00 87.19  ? 46  U   C OP1   1 
ATOM   1248 O  OP2   . U   C 3 16 ? 4.180   -22.189 -5.239  1.00 82.58  ? 46  U   C OP2   1 
ATOM   1249 O  "O5'" . U   C 3 16 ? 1.806   -23.008 -5.399  1.00 76.71  ? 46  U   C "O5'" 1 
ATOM   1250 C  "C5'" . U   C 3 16 ? 0.695   -23.785 -4.979  1.00 74.56  ? 46  U   C "C5'" 1 
ATOM   1251 C  "C4'" . U   C 3 16 ? -0.530  -23.435 -5.787  1.00 77.43  ? 46  U   C "C4'" 1 
ATOM   1252 O  "O4'" . U   C 3 16 ? -0.966  -22.092 -5.451  1.00 76.52  ? 46  U   C "O4'" 1 
ATOM   1253 C  "C3'" . U   C 3 16 ? -0.335  -23.392 -7.294  1.00 79.88  ? 46  U   C "C3'" 1 
ATOM   1254 O  "O3'" . U   C 3 16 ? -0.389  -24.679 -7.888  1.00 84.68  ? 46  U   C "O3'" 1 
ATOM   1255 C  "C2'" . U   C 3 16 ? -1.477  -22.485 -7.736  1.00 77.65  ? 46  U   C "C2'" 1 
ATOM   1256 O  "O2'" . U   C 3 16 ? -2.723  -23.148 -7.779  1.00 74.18  ? 46  U   C "O2'" 1 
ATOM   1257 C  "C1'" . U   C 3 16 ? -1.486  -21.451 -6.609  1.00 75.31  ? 46  U   C "C1'" 1 
ATOM   1258 N  N1    . U   C 3 16 ? -0.631  -20.298 -6.923  1.00 72.24  ? 46  U   C N1    1 
ATOM   1259 C  C2    . U   C 3 16 ? -1.130  -19.341 -7.796  1.00 71.52  ? 46  U   C C2    1 
ATOM   1260 O  O2    . U   C 3 16 ? -2.241  -19.416 -8.301  1.00 71.24  ? 46  U   C O2    1 
ATOM   1261 N  N3    . U   C 3 16 ? -0.279  -18.295 -8.056  1.00 69.71  ? 46  U   C N3    1 
ATOM   1262 C  C4    . U   C 3 16 ? 0.992   -18.111 -7.546  1.00 70.18  ? 46  U   C C4    1 
ATOM   1263 O  O4    . U   C 3 16 ? 1.634   -17.111 -7.870  1.00 68.77  ? 46  U   C O4    1 
ATOM   1264 C  C5    . U   C 3 16 ? 1.435   -19.141 -6.654  1.00 70.34  ? 46  U   C C5    1 
ATOM   1265 C  C6    . U   C 3 16 ? 0.629   -20.172 -6.379  1.00 71.64  ? 46  U   C C6    1 
ATOM   1266 P  P     . G   C 3 17 ? 0.392   -24.948 -9.269  1.00 87.74  ? 47  G   C P     1 
ATOM   1267 O  OP1   . G   C 3 17 ? 0.390   -26.418 -9.499  1.00 89.22  ? 47  G   C OP1   1 
ATOM   1268 O  OP2   . G   C 3 17 ? 1.687   -24.217 -9.213  1.00 84.52  ? 47  G   C OP2   1 
ATOM   1269 O  "O5'" . G   C 3 17 ? -0.542  -24.266 -10.364 1.00 79.05  ? 47  G   C "O5'" 1 
ATOM   1270 C  "C5'" . G   C 3 17 ? -1.872  -24.724 -10.558 1.00 76.28  ? 47  G   C "C5'" 1 
ATOM   1271 C  "C4'" . G   C 3 17 ? -2.590  -23.841 -11.545 1.00 77.13  ? 47  G   C "C4'" 1 
ATOM   1272 O  "O4'" . G   C 3 17 ? -2.742  -22.518 -10.974 1.00 77.03  ? 47  G   C "O4'" 1 
ATOM   1273 C  "C3'" . G   C 3 17 ? -1.872  -23.611 -12.862 1.00 78.60  ? 47  G   C "C3'" 1 
ATOM   1274 O  "O3'" . G   C 3 17 ? -2.142  -24.669 -13.774 1.00 80.57  ? 47  G   C "O3'" 1 
ATOM   1275 C  "C2'" . G   C 3 17 ? -2.470  -22.287 -13.322 1.00 77.23  ? 47  G   C "C2'" 1 
ATOM   1276 O  "O2'" . G   C 3 17 ? -3.743  -22.438 -13.916 1.00 75.58  ? 47  G   C "O2'" 1 
ATOM   1277 C  "C1'" . G   C 3 17 ? -2.602  -21.538 -11.993 1.00 76.03  ? 47  G   C "C1'" 1 
ATOM   1278 N  N9    . G   C 3 17 ? -1.422  -20.731 -11.684 1.00 73.68  ? 47  G   C N9    1 
ATOM   1279 C  C8    . G   C 3 17 ? -0.418  -21.042 -10.796 1.00 72.28  ? 47  G   C C8    1 
ATOM   1280 N  N7    . G   C 3 17 ? 0.525   -20.140 -10.755 1.00 71.09  ? 47  G   C N7    1 
ATOM   1281 C  C5    . G   C 3 17 ? 0.116   -19.173 -11.664 1.00 69.69  ? 47  G   C C5    1 
ATOM   1282 C  C6    . G   C 3 17 ? 0.739   -17.962 -12.056 1.00 69.55  ? 47  G   C C6    1 
ATOM   1283 O  O6    . G   C 3 17 ? 1.816   -17.487 -11.669 1.00 69.69  ? 47  G   C O6    1 
ATOM   1284 N  N1    . G   C 3 17 ? -0.016  -17.283 -13.007 1.00 67.76  ? 47  G   C N1    1 
ATOM   1285 C  C2    . G   C 3 17 ? -1.210  -17.717 -13.517 1.00 68.68  ? 47  G   C C2    1 
ATOM   1286 N  N2    . G   C 3 17 ? -1.780  -16.929 -14.433 1.00 69.43  ? 47  G   C N2    1 
ATOM   1287 N  N3    . G   C 3 17 ? -1.802  -18.844 -13.160 1.00 69.83  ? 47  G   C N3    1 
ATOM   1288 C  C4    . G   C 3 17 ? -1.088  -19.517 -12.238 1.00 70.27  ? 47  G   C C4    1 
ATOM   1289 P  P     . C   C 3 18 ? -1.081  -25.023 -14.931 1.00 83.21  ? 48  C   C P     1 
ATOM   1290 O  OP1   . C   C 3 18 ? -1.595  -26.238 -15.609 1.00 83.85  ? 48  C   C OP1   1 
ATOM   1291 O  OP2   . C   C 3 18 ? 0.288   -25.037 -14.342 1.00 79.00  ? 48  C   C OP2   1 
ATOM   1292 O  "O5'" . C   C 3 18 ? -1.213  -23.805 -15.950 1.00 77.52  ? 48  C   C "O5'" 1 
ATOM   1293 C  "C5'" . C   C 3 18 ? -2.454  -23.544 -16.590 1.00 72.78  ? 48  C   C "C5'" 1 
ATOM   1294 C  "C4'" . C   C 3 18 ? -2.336  -22.355 -17.508 1.00 75.24  ? 48  C   C "C4'" 1 
ATOM   1295 O  "O4'" . C   C 3 18 ? -2.279  -21.134 -16.722 1.00 75.49  ? 48  C   C "O4'" 1 
ATOM   1296 C  "C3'" . C   C 3 18 ? -1.088  -22.309 -18.372 1.00 74.70  ? 48  C   C "C3'" 1 
ATOM   1297 O  "O3'" . C   C 3 18 ? -1.227  -23.081 -19.551 1.00 71.38  ? 48  C   C "O3'" 1 
ATOM   1298 C  "C2'" . C   C 3 18 ? -0.973  -20.824 -18.681 1.00 75.26  ? 48  C   C "C2'" 1 
ATOM   1299 O  "O2'" . C   C 3 18 ? -1.874  -20.429 -19.693 1.00 72.96  ? 48  C   C "O2'" 1 
ATOM   1300 C  "C1'" . C   C 3 18 ? -1.400  -20.208 -17.347 1.00 75.02  ? 48  C   C "C1'" 1 
ATOM   1301 N  N1    . C   C 3 18 ? -0.246  -19.993 -16.457 1.00 74.56  ? 48  C   C N1    1 
ATOM   1302 C  C2    . C   C 3 18 ? 0.578   -18.879 -16.677 1.00 72.39  ? 48  C   C C2    1 
ATOM   1303 O  O2    . C   C 3 18 ? 0.301   -18.104 -17.604 1.00 71.16  ? 48  C   C O2    1 
ATOM   1304 N  N3    . C   C 3 18 ? 1.648   -18.677 -15.876 1.00 70.56  ? 48  C   C N3    1 
ATOM   1305 C  C4    . C   C 3 18 ? 1.909   -19.535 -14.887 1.00 70.63  ? 48  C   C C4    1 
ATOM   1306 N  N4    . C   C 3 18 ? 2.976   -19.303 -14.129 1.00 70.12  ? 48  C   C N4    1 
ATOM   1307 C  C5    . C   C 3 18 ? 1.086   -20.674 -14.636 1.00 72.21  ? 48  C   C C5    1 
ATOM   1308 C  C6    . C   C 3 18 ? 0.029   -20.863 -15.436 1.00 72.61  ? 48  C   C C6    1 
ATOM   1309 P  P     . C   C 3 19 ? 0.071   -23.766 -20.200 1.00 74.27  ? 49  C   C P     1 
ATOM   1310 O  OP1   . C   C 3 19 ? -0.383  -24.660 -21.300 1.00 77.41  ? 49  C   C OP1   1 
ATOM   1311 O  OP2   . C   C 3 19 ? 0.900   -24.314 -19.094 1.00 71.64  ? 49  C   C OP2   1 
ATOM   1312 O  "O5'" . C   C 3 19 ? 0.860   -22.549 -20.853 1.00 72.94  ? 49  C   C "O5'" 1 
ATOM   1313 C  "C5'" . C   C 3 19 ? 0.210   -21.688 -21.774 1.00 71.50  ? 49  C   C "C5'" 1 
ATOM   1314 C  "C4'" . C   C 3 19 ? 1.018   -20.435 -21.982 1.00 75.61  ? 49  C   C "C4'" 1 
ATOM   1315 O  "O4'" . C   C 3 19 ? 1.064   -19.677 -20.741 1.00 76.61  ? 49  C   C "O4'" 1 
ATOM   1316 C  "C3'" . C   C 3 19 ? 2.485   -20.650 -22.324 1.00 73.87  ? 49  C   C "C3'" 1 
ATOM   1317 O  "O3'" . C   C 3 19 ? 2.750   -21.055 -23.674 1.00 75.40  ? 49  C   C "O3'" 1 
ATOM   1318 C  "C2'" . C   C 3 19 ? 3.096   -19.320 -21.914 1.00 73.50  ? 49  C   C "C2'" 1 
ATOM   1319 O  "O2'" . C   C 3 19 ? 2.767   -18.312 -22.850 1.00 69.19  ? 49  C   C "O2'" 1 
ATOM   1320 C  "C1'" . C   C 3 19 ? 2.318   -19.018 -20.633 1.00 74.86  ? 49  C   C "C1'" 1 
ATOM   1321 N  N1    . C   C 3 19 ? 3.010   -19.476 -19.414 1.00 76.15  ? 49  C   C N1    1 
ATOM   1322 C  C2    . C   C 3 19 ? 3.945   -18.617 -18.810 1.00 75.28  ? 49  C   C C2    1 
ATOM   1323 O  O2    . C   C 3 19 ? 4.131   -17.496 -19.300 1.00 77.13  ? 49  C   C O2    1 
ATOM   1324 N  N3    . C   C 3 19 ? 4.613   -19.028 -17.710 1.00 73.87  ? 49  C   C N3    1 
ATOM   1325 C  C4    . C   C 3 19 ? 4.369   -20.233 -17.198 1.00 74.12  ? 49  C   C C4    1 
ATOM   1326 N  N4    . C   C 3 19 ? 5.052   -20.597 -16.113 1.00 72.15  ? 49  C   C N4    1 
ATOM   1327 C  C5    . C   C 3 19 ? 3.411   -21.121 -17.778 1.00 75.53  ? 49  C   C C5    1 
ATOM   1328 C  C6    . C   C 3 19 ? 2.762   -20.706 -18.877 1.00 75.10  ? 49  C   C C6    1 
HETATM 1329 S  S     . SO4 D 4 .  ? 13.518  4.977   -3.819  0.50 81.89  ? 103 SO4 A S     1 
HETATM 1330 O  O1    . SO4 D 4 .  ? 13.248  6.344   -3.341  0.50 81.93  ? 103 SO4 A O1    1 
HETATM 1331 O  O2    . SO4 D 4 .  ? 14.495  4.345   -2.914  0.50 82.08  ? 103 SO4 A O2    1 
HETATM 1332 O  O3    . SO4 D 4 .  ? 12.275  4.187   -3.817  0.50 81.95  ? 103 SO4 A O3    1 
HETATM 1333 O  O4    . SO4 D 4 .  ? 14.044  5.049   -5.193  0.50 81.91  ? 103 SO4 A O4    1 
HETATM 1334 CO CO    . NCO E 5 .  ? -6.135  -9.314  -4.973  1.00 76.64  ? 101 NCO B CO    1 
HETATM 1335 N  N1    . NCO E 5 .  ? -6.673  -7.438  -5.539  1.00 78.28  ? 101 NCO B N1    1 
HETATM 1336 N  N2    . NCO E 5 .  ? -7.911  -9.405  -4.025  1.00 76.64  ? 101 NCO B N2    1 
HETATM 1337 N  N3    . NCO E 5 .  ? -6.761  -10.149 -6.670  1.00 77.66  ? 101 NCO B N3    1 
HETATM 1338 N  N4    . NCO E 5 .  ? -5.426  -8.642  -3.270  1.00 77.94  ? 101 NCO B N4    1 
HETATM 1339 N  N5    . NCO E 5 .  ? -5.634  -11.101 -4.348  1.00 76.77  ? 101 NCO B N5    1 
HETATM 1340 N  N6    . NCO E 5 .  ? -4.344  -9.119  -5.906  1.00 82.88  ? 101 NCO B N6    1 
HETATM 1341 CO CO    . NCO F 5 .  ? 13.447  1.241   -0.013  1.00 80.55  ? 102 NCO B CO    1 
HETATM 1342 N  N1    . NCO F 5 .  ? 12.241  1.321   1.612   1.00 81.55  ? 102 NCO B N1    1 
HETATM 1343 N  N2    . NCO F 5 .  ? 13.138  -0.749  -0.007  1.00 82.53  ? 102 NCO B N2    1 
HETATM 1344 N  N3    . NCO F 5 .  ? 11.994  1.676   -1.301  1.00 81.08  ? 102 NCO B N3    1 
HETATM 1345 N  N4    . NCO F 5 .  ? 15.005  0.842   1.112   1.00 80.93  ? 102 NCO B N4    1 
HETATM 1346 N  N5    . NCO F 5 .  ? 14.643  1.139   -1.529  1.00 83.64  ? 102 NCO B N5    1 
HETATM 1347 N  N6    . NCO F 5 .  ? 13.776  3.240   0.088   1.00 82.19  ? 102 NCO B N6    1 
# 
loop_
_pdbx_poly_seq_scheme.asym_id 
_pdbx_poly_seq_scheme.entity_id 
_pdbx_poly_seq_scheme.seq_id 
_pdbx_poly_seq_scheme.mon_id 
_pdbx_poly_seq_scheme.ndb_seq_num 
_pdbx_poly_seq_scheme.pdb_seq_num 
_pdbx_poly_seq_scheme.auth_seq_num 
_pdbx_poly_seq_scheme.pdb_mon_id 
_pdbx_poly_seq_scheme.auth_mon_id 
_pdbx_poly_seq_scheme.pdb_strand_id 
_pdbx_poly_seq_scheme.pdb_ins_code 
_pdbx_poly_seq_scheme.hetero 
A 1 1  U   1  -5 -5 U   U   A . n 
A 1 2  C   2  -4 -4 C   C   A . n 
A 1 3  C   3  -3 -3 C   C   A . n 
A 1 4  C   4  -2 -2 C   C   A . n 
A 1 5  A2M 5  -1 -1 A2M A2M A . n 
A 1 6  G   6  1  1  G   G   A . n 
A 1 7  U   7  2  2  U   U   A . n 
A 1 8  C   8  3  3  C   C   A . n 
A 1 9  C   9  4  4  C   C   A . n 
A 1 10 A   10 5  5  A   A   A . n 
A 1 11 C   11 6  6  C   C   A . n 
A 1 12 C   12 7  7  C   C   A . n 
A 1 13 G   13 8  8  G   G   A . n 
A 1 14 U   14 9  ?  ?   ?   A . n 
B 2 1  C   1  2  2  C   C   B . n 
B 2 2  G   2  3  3  G   G   B . n 
B 2 3  G   3  4  4  G   G   B . n 
B 2 4  U   4  5  5  U   U   B . n 
B 2 5  G   5  6  6  G   G   B . n 
B 2 6  A   6  7  7  A   A   B . n 
B 2 7  G   7  8  8  G   G   B . n 
B 2 8  A   8  9  9  A   A   B . n 
B 2 9  1DP 9  10 10 1DP A   B . n 
B 2 10 G   10 11 11 G   G   B . n 
B 2 11 G   11 12 12 G   G   B . n 
B 2 12 G   12 13 13 G   G   B . n 
B 2 13 S9L 13 14 14 S9L S9L B . n 
B 2 14 G   14 15 15 G   G   B . n 
B 2 15 G   15 16 16 G   G   B . n 
B 2 16 C   16 17 17 C   C   B . n 
B 2 17 A   17 18 18 A   A   B . n 
B 2 18 G   18 19 19 G   G   B . n 
B 2 19 A   19 20 20 A   A   B . n 
B 2 20 G   20 21 21 G   G   B . n 
B 2 21 A   21 22 22 A   A   B . n 
B 2 22 A   22 23 23 A   A   B . n 
B 2 23 A   23 24 24 A   A   B . n 
B 2 24 C   24 25 25 C   C   B . n 
B 2 25 A   25 26 26 A   A   B . n 
B 2 26 C   26 27 27 C   C   B . n 
B 2 27 A   27 28 28 A   A   B . n 
B 2 28 C   28 29 29 C   C   B . n 
B 2 29 G   29 30 30 G   G   B . n 
B 2 30 A   30 31 31 A   A   B . n 
C 3 1  U   1  31 31 U   U   C . n 
C 3 2  C   2  32 32 C   C   C . n 
C 3 3  G   3  33 33 G   G   C . n 
C 3 4  U   4  34 34 U   U   C . n 
C 3 5  G   5  35 35 G   G   C . n 
C 3 6  G   6  36 36 G   G   C . n 
C 3 7  U   7  37 37 U   U   C . n 
C 3 8  A   8  38 38 A   A   C . n 
C 3 9  C   9  39 39 C   C   C . n 
C 3 10 A   10 40 40 A   A   C . n 
C 3 11 U   11 41 41 U   U   C . n 
C 3 12 U   12 42 42 U   U   C . n 
C 3 13 A   13 43 43 A   A   C . n 
C 3 14 C   14 44 44 C   C   C . n 
C 3 15 C   15 45 45 C   C   C . n 
C 3 16 U   16 46 46 U   U   C . n 
C 3 17 G   17 47 47 G   G   C . n 
C 3 18 C   18 48 48 C   C   C . n 
C 3 19 C   19 49 49 C   C   C . n 
# 
loop_
_pdbx_nonpoly_scheme.asym_id 
_pdbx_nonpoly_scheme.entity_id 
_pdbx_nonpoly_scheme.mon_id 
_pdbx_nonpoly_scheme.ndb_seq_num 
_pdbx_nonpoly_scheme.pdb_seq_num 
_pdbx_nonpoly_scheme.auth_seq_num 
_pdbx_nonpoly_scheme.pdb_mon_id 
_pdbx_nonpoly_scheme.auth_mon_id 
_pdbx_nonpoly_scheme.pdb_strand_id 
_pdbx_nonpoly_scheme.pdb_ins_code 
D 4 SO4 1 103 1 SO4 SO4 A . 
E 5 NCO 1 101 1 NCO NCO B . 
F 5 NCO 1 102 2 NCO NCO B . 
# 
_pdbx_struct_mod_residue.id               1 
_pdbx_struct_mod_residue.label_asym_id    A 
_pdbx_struct_mod_residue.label_comp_id    A2M 
_pdbx_struct_mod_residue.label_seq_id     5 
_pdbx_struct_mod_residue.auth_asym_id     A 
_pdbx_struct_mod_residue.auth_comp_id     A2M 
_pdbx_struct_mod_residue.auth_seq_id      -1 
_pdbx_struct_mod_residue.PDB_ins_code     ? 
_pdbx_struct_mod_residue.parent_comp_id   A 
_pdbx_struct_mod_residue.details          "2'-O-METHYL-ADENOSINE-5'-MONOPHOSPHATE" 
# 
_pdbx_struct_assembly.id                   1 
_pdbx_struct_assembly.details              author_and_software_defined_assembly 
_pdbx_struct_assembly.method_details       PISA 
_pdbx_struct_assembly.oligomeric_details   trimeric 
_pdbx_struct_assembly.oligomeric_count     3 
# 
_pdbx_struct_assembly_gen.assembly_id       1 
_pdbx_struct_assembly_gen.oper_expression   1 
_pdbx_struct_assembly_gen.asym_id_list      A,B,C,D,E,F 
# 
loop_
_pdbx_struct_assembly_prop.biol_id 
_pdbx_struct_assembly_prop.type 
_pdbx_struct_assembly_prop.value 
_pdbx_struct_assembly_prop.details 
1 'ABSA (A^2)' 2870  ? 
1 MORE         -3.2  ? 
1 'SSA (A^2)'  11240 ? 
# 
_pdbx_struct_oper_list.id                   1 
_pdbx_struct_oper_list.type                 'identity operation' 
_pdbx_struct_oper_list.name                 1_555 
_pdbx_struct_oper_list.symmetry_operation   x,y,z 
_pdbx_struct_oper_list.matrix[1][1]         1.0000000000 
_pdbx_struct_oper_list.matrix[1][2]         0.0000000000 
_pdbx_struct_oper_list.matrix[1][3]         0.0000000000 
_pdbx_struct_oper_list.vector[1]            0.0000000000 
_pdbx_struct_oper_list.matrix[2][1]         0.0000000000 
_pdbx_struct_oper_list.matrix[2][2]         1.0000000000 
_pdbx_struct_oper_list.matrix[2][3]         0.0000000000 
_pdbx_struct_oper_list.vector[2]            0.0000000000 
_pdbx_struct_oper_list.matrix[3][1]         0.0000000000 
_pdbx_struct_oper_list.matrix[3][2]         0.0000000000 
_pdbx_struct_oper_list.matrix[3][3]         1.0000000000 
_pdbx_struct_oper_list.vector[3]            0.0000000000 
# 
loop_
_pdbx_audit_revision_history.ordinal 
_pdbx_audit_revision_history.data_content_type 
_pdbx_audit_revision_history.major_revision 
_pdbx_audit_revision_history.minor_revision 
_pdbx_audit_revision_history.revision_date 
1 'Structure model' 1 0 2009-11-03 
2 'Structure model' 1 1 2011-07-13 
3 'Structure model' 1 2 2023-09-06 
# 
_pdbx_audit_revision_details.ordinal             1 
_pdbx_audit_revision_details.revision_ordinal    1 
_pdbx_audit_revision_details.data_content_type   'Structure model' 
_pdbx_audit_revision_details.provider            repository 
_pdbx_audit_revision_details.type                'Initial release' 
_pdbx_audit_revision_details.description         ? 
_pdbx_audit_revision_details.details             ? 
# 
loop_
_pdbx_audit_revision_group.ordinal 
_pdbx_audit_revision_group.revision_ordinal 
_pdbx_audit_revision_group.data_content_type 
_pdbx_audit_revision_group.group 
1 2 'Structure model' 'Non-polymer description'   
2 2 'Structure model' 'Version format compliance' 
3 3 'Structure model' 'Data collection'           
4 3 'Structure model' 'Database references'       
5 3 'Structure model' 'Derived calculations'      
6 3 'Structure model' 'Refinement description'    
# 
loop_
_pdbx_audit_revision_category.ordinal 
_pdbx_audit_revision_category.revision_ordinal 
_pdbx_audit_revision_category.data_content_type 
_pdbx_audit_revision_category.category 
1 3 'Structure model' chem_comp_atom                
2 3 'Structure model' chem_comp_bond                
3 3 'Structure model' database_2                    
4 3 'Structure model' pdbx_initial_refinement_model 
5 3 'Structure model' struct_conn                   
6 3 'Structure model' struct_ref_seq                
7 3 'Structure model' struct_site                   
# 
loop_
_pdbx_audit_revision_item.ordinal 
_pdbx_audit_revision_item.revision_ordinal 
_pdbx_audit_revision_item.data_content_type 
_pdbx_audit_revision_item.item 
1 3 'Structure model' '_database_2.pdbx_DOI'                
2 3 'Structure model' '_database_2.pdbx_database_accession' 
3 3 'Structure model' '_struct_conn.pdbx_leaving_atom_flag' 
4 3 'Structure model' '_struct_ref_seq.db_align_end'        
5 3 'Structure model' '_struct_site.pdbx_auth_asym_id'      
6 3 'Structure model' '_struct_site.pdbx_auth_comp_id'      
7 3 'Structure model' '_struct_site.pdbx_auth_seq_id'       
# 
loop_
_software.name 
_software.classification 
_software.version 
_software.citation_id 
_software.pdbx_ordinal 
HKL-2000 'data collection' . ? 1 
CNS      refinement        . ? 2 
HKL-2000 'data reduction'  . ? 3 
HKL-2000 'data scaling'    . ? 4 
CNS      phasing           . ? 5 
# 
_pdbx_validate_close_contact.id               1 
_pdbx_validate_close_contact.PDB_model_num    1 
_pdbx_validate_close_contact.auth_atom_id_1   O4 
_pdbx_validate_close_contact.auth_asym_id_1   A 
_pdbx_validate_close_contact.auth_comp_id_1   U 
_pdbx_validate_close_contact.auth_seq_id_1    -5 
_pdbx_validate_close_contact.PDB_ins_code_1   ? 
_pdbx_validate_close_contact.label_alt_id_1   B 
_pdbx_validate_close_contact.auth_atom_id_2   N5 
_pdbx_validate_close_contact.auth_asym_id_2   B 
_pdbx_validate_close_contact.auth_comp_id_2   NCO 
_pdbx_validate_close_contact.auth_seq_id_2    102 
_pdbx_validate_close_contact.PDB_ins_code_2   ? 
_pdbx_validate_close_contact.label_alt_id_2   ? 
_pdbx_validate_close_contact.dist             2.14 
# 
loop_
_pdbx_validate_rmsd_angle.id 
_pdbx_validate_rmsd_angle.PDB_model_num 
_pdbx_validate_rmsd_angle.auth_atom_id_1 
_pdbx_validate_rmsd_angle.auth_asym_id_1 
_pdbx_validate_rmsd_angle.auth_comp_id_1 
_pdbx_validate_rmsd_angle.auth_seq_id_1 
_pdbx_validate_rmsd_angle.PDB_ins_code_1 
_pdbx_validate_rmsd_angle.label_alt_id_1 
_pdbx_validate_rmsd_angle.auth_atom_id_2 
_pdbx_validate_rmsd_angle.auth_asym_id_2 
_pdbx_validate_rmsd_angle.auth_comp_id_2 
_pdbx_validate_rmsd_angle.auth_seq_id_2 
_pdbx_validate_rmsd_angle.PDB_ins_code_2 
_pdbx_validate_rmsd_angle.label_alt_id_2 
_pdbx_validate_rmsd_angle.auth_atom_id_3 
_pdbx_validate_rmsd_angle.auth_asym_id_3 
_pdbx_validate_rmsd_angle.auth_comp_id_3 
_pdbx_validate_rmsd_angle.auth_seq_id_3 
_pdbx_validate_rmsd_angle.PDB_ins_code_3 
_pdbx_validate_rmsd_angle.label_alt_id_3 
_pdbx_validate_rmsd_angle.angle_value 
_pdbx_validate_rmsd_angle.angle_target_value 
_pdbx_validate_rmsd_angle.angle_deviation 
_pdbx_validate_rmsd_angle.angle_standard_deviation 
_pdbx_validate_rmsd_angle.linker_flag 
1 1 "O5'" A U -5 ? B "C5'" A U -5 ? B "C4'" A U -5 ? B 103.69 109.40 -5.71  0.80 N 
2 1 "O3'" A U -5 ? A P     A C -4 ? ? OP2   A C -4 ? ? 123.95 110.50 13.45  1.10 Y 
3 1 "O3'" A U -5 ? B P     A C -4 ? ? OP2   A C -4 ? ? 91.91  105.20 -13.29 2.20 Y 
4 1 "O3'" A U -5 ? B P     A C -4 ? ? OP1   A C -4 ? ? 124.22 110.50 13.72  1.10 Y 
5 1 "C2'" A C -4 ? ? "C3'" A C -4 ? ? "O3'" A C -4 ? ? 127.62 113.70 13.92  1.60 N 
6 1 "C2'" C G 36 ? ? "C3'" C G 36 ? ? "O3'" C G 36 ? ? 125.30 113.70 11.60  1.60 N 
# 
loop_
_pdbx_validate_planes.id 
_pdbx_validate_planes.PDB_model_num 
_pdbx_validate_planes.auth_comp_id 
_pdbx_validate_planes.auth_asym_id 
_pdbx_validate_planes.auth_seq_id 
_pdbx_validate_planes.PDB_ins_code 
_pdbx_validate_planes.label_alt_id 
_pdbx_validate_planes.rmsd 
_pdbx_validate_planes.type 
1 1 U A -5 ? A 0.138 'SIDE CHAIN' 
2 1 G C 36 ? ? 0.062 'SIDE CHAIN' 
# 
_pdbx_unobs_or_zero_occ_residues.id               1 
_pdbx_unobs_or_zero_occ_residues.PDB_model_num    1 
_pdbx_unobs_or_zero_occ_residues.polymer_flag     Y 
_pdbx_unobs_or_zero_occ_residues.occupancy_flag   1 
_pdbx_unobs_or_zero_occ_residues.auth_asym_id     A 
_pdbx_unobs_or_zero_occ_residues.auth_comp_id     U 
_pdbx_unobs_or_zero_occ_residues.auth_seq_id      9 
_pdbx_unobs_or_zero_occ_residues.PDB_ins_code     ? 
_pdbx_unobs_or_zero_occ_residues.label_asym_id    A 
_pdbx_unobs_or_zero_occ_residues.label_comp_id    U 
_pdbx_unobs_or_zero_occ_residues.label_seq_id     14 
# 
loop_
_chem_comp_atom.comp_id 
_chem_comp_atom.atom_id 
_chem_comp_atom.type_symbol 
_chem_comp_atom.pdbx_aromatic_flag 
_chem_comp_atom.pdbx_stereo_config 
_chem_comp_atom.pdbx_ordinal 
1DP O3P    O  N N 1   
1DP P      P  N N 2   
1DP O1P    O  N N 3   
1DP O2P    O  N N 4   
1DP "O5'"  O  N N 5   
1DP "C5'"  C  N N 6   
1DP "C4'"  C  N R 7   
1DP "O4'"  O  N N 8   
1DP "C1'"  C  N R 9   
1DP N9     N  Y N 10  
1DP C4     C  Y N 11  
1DP N3     N  Y N 12  
1DP C2     C  Y N 13  
1DP C1     C  Y N 14  
1DP C6     C  Y N 15  
1DP N6     N  N N 16  
1DP C5     C  Y N 17  
1DP N7     N  Y N 18  
1DP C8     C  Y N 19  
1DP "C2'"  C  N R 20  
1DP "O2'"  O  N N 21  
1DP "C3'"  C  N S 22  
1DP "O3'"  O  N N 23  
1DP HO3P   H  N N 24  
1DP HO2P   H  N N 25  
1DP "H5'"  H  N N 26  
1DP "H5'A" H  N N 27  
1DP "H4'"  H  N N 28  
1DP "H1'"  H  N N 29  
1DP H2     H  N N 30  
1DP H1     H  N N 31  
1DP HN6    H  N N 32  
1DP HN6A   H  N N 33  
1DP H8     H  N N 34  
1DP "H2'"  H  N N 35  
1DP "HO2'" H  N N 36  
1DP "H3'"  H  N N 37  
1DP "HO3'" H  N N 38  
A   OP3    O  N N 39  
A   P      P  N N 40  
A   OP1    O  N N 41  
A   OP2    O  N N 42  
A   "O5'"  O  N N 43  
A   "C5'"  C  N N 44  
A   "C4'"  C  N R 45  
A   "O4'"  O  N N 46  
A   "C3'"  C  N S 47  
A   "O3'"  O  N N 48  
A   "C2'"  C  N R 49  
A   "O2'"  O  N N 50  
A   "C1'"  C  N R 51  
A   N9     N  Y N 52  
A   C8     C  Y N 53  
A   N7     N  Y N 54  
A   C5     C  Y N 55  
A   C6     C  Y N 56  
A   N6     N  N N 57  
A   N1     N  Y N 58  
A   C2     C  Y N 59  
A   N3     N  Y N 60  
A   C4     C  Y N 61  
A   HOP3   H  N N 62  
A   HOP2   H  N N 63  
A   "H5'"  H  N N 64  
A   "H5''" H  N N 65  
A   "H4'"  H  N N 66  
A   "H3'"  H  N N 67  
A   "HO3'" H  N N 68  
A   "H2'"  H  N N 69  
A   "HO2'" H  N N 70  
A   "H1'"  H  N N 71  
A   H8     H  N N 72  
A   H61    H  N N 73  
A   H62    H  N N 74  
A   H2     H  N N 75  
A2M P      P  N N 76  
A2M OP1    O  N N 77  
A2M OP3    O  N N 78  
A2M "O5'"  O  N N 79  
A2M "C5'"  C  N N 80  
A2M "C4'"  C  N R 81  
A2M "O4'"  O  N N 82  
A2M "C3'"  C  N R 83  
A2M "O3'"  O  N N 84  
A2M "C2'"  C  N R 85  
A2M "O2'"  O  N N 86  
A2M "C1'"  C  N R 87  
A2M "CM'"  C  N N 88  
A2M N9     N  Y N 89  
A2M C8     C  Y N 90  
A2M N7     N  Y N 91  
A2M C5     C  Y N 92  
A2M C6     C  Y N 93  
A2M N6     N  N N 94  
A2M N1     N  Y N 95  
A2M C2     C  Y N 96  
A2M N3     N  Y N 97  
A2M C4     C  Y N 98  
A2M HOP3   H  N N 99  
A2M "H5'"  H  N N 100 
A2M "H5''" H  N N 101 
A2M "H4'"  H  N N 102 
A2M "H3'"  H  N N 103 
A2M "HO3'" H  N N 104 
A2M "H2'"  H  N N 105 
A2M "H1'"  H  N N 106 
A2M "HM'1" H  N N 107 
A2M "HM'2" H  N N 108 
A2M "HM'3" H  N N 109 
A2M H8     H  N N 110 
A2M H61    H  N N 111 
A2M H62    H  N N 112 
A2M H2     H  N N 113 
A2M OP2    O  N N 114 
A2M HOP2   H  N N 115 
C   OP3    O  N N 116 
C   P      P  N N 117 
C   OP1    O  N N 118 
C   OP2    O  N N 119 
C   "O5'"  O  N N 120 
C   "C5'"  C  N N 121 
C   "C4'"  C  N R 122 
C   "O4'"  O  N N 123 
C   "C3'"  C  N S 124 
C   "O3'"  O  N N 125 
C   "C2'"  C  N R 126 
C   "O2'"  O  N N 127 
C   "C1'"  C  N R 128 
C   N1     N  N N 129 
C   C2     C  N N 130 
C   O2     O  N N 131 
C   N3     N  N N 132 
C   C4     C  N N 133 
C   N4     N  N N 134 
C   C5     C  N N 135 
C   C6     C  N N 136 
C   HOP3   H  N N 137 
C   HOP2   H  N N 138 
C   "H5'"  H  N N 139 
C   "H5''" H  N N 140 
C   "H4'"  H  N N 141 
C   "H3'"  H  N N 142 
C   "HO3'" H  N N 143 
C   "H2'"  H  N N 144 
C   "HO2'" H  N N 145 
C   "H1'"  H  N N 146 
C   H41    H  N N 147 
C   H42    H  N N 148 
C   H5     H  N N 149 
C   H6     H  N N 150 
G   OP3    O  N N 151 
G   P      P  N N 152 
G   OP1    O  N N 153 
G   OP2    O  N N 154 
G   "O5'"  O  N N 155 
G   "C5'"  C  N N 156 
G   "C4'"  C  N R 157 
G   "O4'"  O  N N 158 
G   "C3'"  C  N S 159 
G   "O3'"  O  N N 160 
G   "C2'"  C  N R 161 
G   "O2'"  O  N N 162 
G   "C1'"  C  N R 163 
G   N9     N  Y N 164 
G   C8     C  Y N 165 
G   N7     N  Y N 166 
G   C5     C  Y N 167 
G   C6     C  N N 168 
G   O6     O  N N 169 
G   N1     N  N N 170 
G   C2     C  N N 171 
G   N2     N  N N 172 
G   N3     N  N N 173 
G   C4     C  Y N 174 
G   HOP3   H  N N 175 
G   HOP2   H  N N 176 
G   "H5'"  H  N N 177 
G   "H5''" H  N N 178 
G   "H4'"  H  N N 179 
G   "H3'"  H  N N 180 
G   "HO3'" H  N N 181 
G   "H2'"  H  N N 182 
G   "HO2'" H  N N 183 
G   "H1'"  H  N N 184 
G   H8     H  N N 185 
G   H1     H  N N 186 
G   H21    H  N N 187 
G   H22    H  N N 188 
NCO CO     CO N N 189 
NCO N1     N  N N 190 
NCO N2     N  N N 191 
NCO N3     N  N N 192 
NCO N4     N  N N 193 
NCO N5     N  N N 194 
NCO N6     N  N N 195 
NCO HN11   H  N N 196 
NCO HN12   H  N N 197 
NCO HN13   H  N N 198 
NCO HN21   H  N N 199 
NCO HN22   H  N N 200 
NCO HN23   H  N N 201 
NCO HN31   H  N N 202 
NCO HN32   H  N N 203 
NCO HN33   H  N N 204 
NCO HN41   H  N N 205 
NCO HN42   H  N N 206 
NCO HN43   H  N N 207 
NCO HN51   H  N N 208 
NCO HN52   H  N N 209 
NCO HN53   H  N N 210 
NCO HN61   H  N N 211 
NCO HN62   H  N N 212 
NCO HN63   H  N N 213 
S9L O3P    O  N N 214 
S9L P      P  N N 215 
S9L O1P    O  N N 216 
S9L O2P    O  N N 217 
S9L "O5'"  O  N N 218 
S9L C12    C  N N 219 
S9L C22    C  N N 220 
S9L OH3    O  N N 221 
S9L C13    C  N N 222 
S9L C23    C  N N 223 
S9L OH4    O  N N 224 
S9L C14    C  N N 225 
S9L C24    C  N N 226 
S9L "O3'"  O  N N 227 
S9L HO3P   H  N N 228 
S9L HO1P   H  N N 229 
S9L H121   H  N N 230 
S9L H122   H  N N 231 
S9L H221   H  N N 232 
S9L H222   H  N N 233 
S9L H131   H  N N 234 
S9L H132   H  N N 235 
S9L H231   H  N N 236 
S9L H232   H  N N 237 
S9L H141   H  N N 238 
S9L H142   H  N N 239 
S9L H241   H  N N 240 
S9L H242   H  N N 241 
S9L "HO3'" H  N N 242 
SO4 S      S  N N 243 
SO4 O1     O  N N 244 
SO4 O2     O  N N 245 
SO4 O3     O  N N 246 
SO4 O4     O  N N 247 
U   OP3    O  N N 248 
U   P      P  N N 249 
U   OP1    O  N N 250 
U   OP2    O  N N 251 
U   "O5'"  O  N N 252 
U   "C5'"  C  N N 253 
U   "C4'"  C  N R 254 
U   "O4'"  O  N N 255 
U   "C3'"  C  N S 256 
U   "O3'"  O  N N 257 
U   "C2'"  C  N R 258 
U   "O2'"  O  N N 259 
U   "C1'"  C  N R 260 
U   N1     N  N N 261 
U   C2     C  N N 262 
U   O2     O  N N 263 
U   N3     N  N N 264 
U   C4     C  N N 265 
U   O4     O  N N 266 
U   C5     C  N N 267 
U   C6     C  N N 268 
U   HOP3   H  N N 269 
U   HOP2   H  N N 270 
U   "H5'"  H  N N 271 
U   "H5''" H  N N 272 
U   "H4'"  H  N N 273 
U   "H3'"  H  N N 274 
U   "HO3'" H  N N 275 
U   "H2'"  H  N N 276 
U   "HO2'" H  N N 277 
U   "H1'"  H  N N 278 
U   H3     H  N N 279 
U   H5     H  N N 280 
U   H6     H  N N 281 
# 
loop_
_chem_comp_bond.comp_id 
_chem_comp_bond.atom_id_1 
_chem_comp_bond.atom_id_2 
_chem_comp_bond.value_order 
_chem_comp_bond.pdbx_aromatic_flag 
_chem_comp_bond.pdbx_stereo_config 
_chem_comp_bond.pdbx_ordinal 
1DP P     O3P    sing N N 1   
1DP O3P   HO3P   sing N N 2   
1DP "O5'" P      sing N N 3   
1DP O1P   P      doub N N 4   
1DP P     O2P    sing N N 5   
1DP O2P   HO2P   sing N N 6   
1DP "O5'" "C5'"  sing N N 7   
1DP "C4'" "C5'"  sing N N 8   
1DP "C5'" "H5'"  sing N N 9   
1DP "C5'" "H5'A" sing N N 10  
1DP "C3'" "C4'"  sing N N 11  
1DP "C4'" "O4'"  sing N N 12  
1DP "C4'" "H4'"  sing N N 13  
1DP "C1'" "O4'"  sing N N 14  
1DP "C2'" "C1'"  sing N N 15  
1DP N9    "C1'"  sing N N 16  
1DP "C1'" "H1'"  sing N N 17  
1DP C4    N9     sing Y N 18  
1DP N9    C8     sing Y N 19  
1DP N3    C4     doub Y N 20  
1DP C4    C5     sing Y N 21  
1DP C2    N3     sing Y N 22  
1DP C1    C2     doub Y N 23  
1DP C2    H2     sing N N 24  
1DP C1    C6     sing Y N 25  
1DP C1    H1     sing N N 26  
1DP N6    C6     sing N N 27  
1DP C6    C5     doub Y N 28  
1DP N6    HN6    sing N N 29  
1DP N6    HN6A   sing N N 30  
1DP C5    N7     sing Y N 31  
1DP N7    C8     doub Y N 32  
1DP C8    H8     sing N N 33  
1DP "O2'" "C2'"  sing N N 34  
1DP "C2'" "C3'"  sing N N 35  
1DP "C2'" "H2'"  sing N N 36  
1DP "O2'" "HO2'" sing N N 37  
1DP "O3'" "C3'"  sing N N 38  
1DP "C3'" "H3'"  sing N N 39  
1DP "O3'" "HO3'" sing N N 40  
A   OP3   P      sing N N 41  
A   OP3   HOP3   sing N N 42  
A   P     OP1    doub N N 43  
A   P     OP2    sing N N 44  
A   P     "O5'"  sing N N 45  
A   OP2   HOP2   sing N N 46  
A   "O5'" "C5'"  sing N N 47  
A   "C5'" "C4'"  sing N N 48  
A   "C5'" "H5'"  sing N N 49  
A   "C5'" "H5''" sing N N 50  
A   "C4'" "O4'"  sing N N 51  
A   "C4'" "C3'"  sing N N 52  
A   "C4'" "H4'"  sing N N 53  
A   "O4'" "C1'"  sing N N 54  
A   "C3'" "O3'"  sing N N 55  
A   "C3'" "C2'"  sing N N 56  
A   "C3'" "H3'"  sing N N 57  
A   "O3'" "HO3'" sing N N 58  
A   "C2'" "O2'"  sing N N 59  
A   "C2'" "C1'"  sing N N 60  
A   "C2'" "H2'"  sing N N 61  
A   "O2'" "HO2'" sing N N 62  
A   "C1'" N9     sing N N 63  
A   "C1'" "H1'"  sing N N 64  
A   N9    C8     sing Y N 65  
A   N9    C4     sing Y N 66  
A   C8    N7     doub Y N 67  
A   C8    H8     sing N N 68  
A   N7    C5     sing Y N 69  
A   C5    C6     sing Y N 70  
A   C5    C4     doub Y N 71  
A   C6    N6     sing N N 72  
A   C6    N1     doub Y N 73  
A   N6    H61    sing N N 74  
A   N6    H62    sing N N 75  
A   N1    C2     sing Y N 76  
A   C2    N3     doub Y N 77  
A   C2    H2     sing N N 78  
A   N3    C4     sing Y N 79  
A2M P     OP1    doub N N 80  
A2M P     OP3    sing N N 81  
A2M P     "O5'"  sing N N 82  
A2M OP3   HOP3   sing N N 83  
A2M "O5'" "C5'"  sing N N 84  
A2M "C5'" "C4'"  sing N N 85  
A2M "C5'" "H5'"  sing N N 86  
A2M "C5'" "H5''" sing N N 87  
A2M "C4'" "O4'"  sing N N 88  
A2M "C4'" "C3'"  sing N N 89  
A2M "C4'" "H4'"  sing N N 90  
A2M "O4'" "C1'"  sing N N 91  
A2M "C3'" "O3'"  sing N N 92  
A2M "C3'" "C2'"  sing N N 93  
A2M "C3'" "H3'"  sing N N 94  
A2M "O3'" "HO3'" sing N N 95  
A2M "C2'" "O2'"  sing N N 96  
A2M "C2'" "C1'"  sing N N 97  
A2M "C2'" "H2'"  sing N N 98  
A2M "O2'" "CM'"  sing N N 99  
A2M "C1'" N9     sing N N 100 
A2M "C1'" "H1'"  sing N N 101 
A2M "CM'" "HM'1" sing N N 102 
A2M "CM'" "HM'2" sing N N 103 
A2M "CM'" "HM'3" sing N N 104 
A2M N9    C8     sing Y N 105 
A2M N9    C4     sing Y N 106 
A2M C8    N7     doub Y N 107 
A2M C8    H8     sing N N 108 
A2M N7    C5     sing Y N 109 
A2M C5    C6     sing Y N 110 
A2M C5    C4     doub Y N 111 
A2M C6    N6     sing N N 112 
A2M C6    N1     doub Y N 113 
A2M N6    H61    sing N N 114 
A2M N6    H62    sing N N 115 
A2M N1    C2     sing Y N 116 
A2M C2    N3     doub Y N 117 
A2M C2    H2     sing N N 118 
A2M N3    C4     sing Y N 119 
A2M P     OP2    sing N N 120 
A2M OP2   HOP2   sing N N 121 
C   OP3   P      sing N N 122 
C   OP3   HOP3   sing N N 123 
C   P     OP1    doub N N 124 
C   P     OP2    sing N N 125 
C   P     "O5'"  sing N N 126 
C   OP2   HOP2   sing N N 127 
C   "O5'" "C5'"  sing N N 128 
C   "C5'" "C4'"  sing N N 129 
C   "C5'" "H5'"  sing N N 130 
C   "C5'" "H5''" sing N N 131 
C   "C4'" "O4'"  sing N N 132 
C   "C4'" "C3'"  sing N N 133 
C   "C4'" "H4'"  sing N N 134 
C   "O4'" "C1'"  sing N N 135 
C   "C3'" "O3'"  sing N N 136 
C   "C3'" "C2'"  sing N N 137 
C   "C3'" "H3'"  sing N N 138 
C   "O3'" "HO3'" sing N N 139 
C   "C2'" "O2'"  sing N N 140 
C   "C2'" "C1'"  sing N N 141 
C   "C2'" "H2'"  sing N N 142 
C   "O2'" "HO2'" sing N N 143 
C   "C1'" N1     sing N N 144 
C   "C1'" "H1'"  sing N N 145 
C   N1    C2     sing N N 146 
C   N1    C6     sing N N 147 
C   C2    O2     doub N N 148 
C   C2    N3     sing N N 149 
C   N3    C4     doub N N 150 
C   C4    N4     sing N N 151 
C   C4    C5     sing N N 152 
C   N4    H41    sing N N 153 
C   N4    H42    sing N N 154 
C   C5    C6     doub N N 155 
C   C5    H5     sing N N 156 
C   C6    H6     sing N N 157 
G   OP3   P      sing N N 158 
G   OP3   HOP3   sing N N 159 
G   P     OP1    doub N N 160 
G   P     OP2    sing N N 161 
G   P     "O5'"  sing N N 162 
G   OP2   HOP2   sing N N 163 
G   "O5'" "C5'"  sing N N 164 
G   "C5'" "C4'"  sing N N 165 
G   "C5'" "H5'"  sing N N 166 
G   "C5'" "H5''" sing N N 167 
G   "C4'" "O4'"  sing N N 168 
G   "C4'" "C3'"  sing N N 169 
G   "C4'" "H4'"  sing N N 170 
G   "O4'" "C1'"  sing N N 171 
G   "C3'" "O3'"  sing N N 172 
G   "C3'" "C2'"  sing N N 173 
G   "C3'" "H3'"  sing N N 174 
G   "O3'" "HO3'" sing N N 175 
G   "C2'" "O2'"  sing N N 176 
G   "C2'" "C1'"  sing N N 177 
G   "C2'" "H2'"  sing N N 178 
G   "O2'" "HO2'" sing N N 179 
G   "C1'" N9     sing N N 180 
G   "C1'" "H1'"  sing N N 181 
G   N9    C8     sing Y N 182 
G   N9    C4     sing Y N 183 
G   C8    N7     doub Y N 184 
G   C8    H8     sing N N 185 
G   N7    C5     sing Y N 186 
G   C5    C6     sing N N 187 
G   C5    C4     doub Y N 188 
G   C6    O6     doub N N 189 
G   C6    N1     sing N N 190 
G   N1    C2     sing N N 191 
G   N1    H1     sing N N 192 
G   C2    N2     sing N N 193 
G   C2    N3     doub N N 194 
G   N2    H21    sing N N 195 
G   N2    H22    sing N N 196 
G   N3    C4     sing N N 197 
NCO CO    N1     sing N N 198 
NCO CO    N2     sing N N 199 
NCO CO    N3     sing N N 200 
NCO CO    N4     sing N N 201 
NCO CO    N5     sing N N 202 
NCO CO    N6     sing N N 203 
NCO N1    HN11   sing N N 204 
NCO N1    HN12   sing N N 205 
NCO N1    HN13   sing N N 206 
NCO N2    HN21   sing N N 207 
NCO N2    HN22   sing N N 208 
NCO N2    HN23   sing N N 209 
NCO N3    HN31   sing N N 210 
NCO N3    HN32   sing N N 211 
NCO N3    HN33   sing N N 212 
NCO N4    HN41   sing N N 213 
NCO N4    HN42   sing N N 214 
NCO N4    HN43   sing N N 215 
NCO N5    HN51   sing N N 216 
NCO N5    HN52   sing N N 217 
NCO N5    HN53   sing N N 218 
NCO N6    HN61   sing N N 219 
NCO N6    HN62   sing N N 220 
NCO N6    HN63   sing N N 221 
S9L O3P   P      sing N N 222 
S9L O3P   HO3P   sing N N 223 
S9L P     O2P    doub N N 224 
S9L P     O1P    sing N N 225 
S9L P     "O5'"  sing N N 226 
S9L O1P   HO1P   sing N N 227 
S9L "O5'" C12    sing N N 228 
S9L C12   C22    sing N N 229 
S9L C12   H121   sing N N 230 
S9L C12   H122   sing N N 231 
S9L C22   OH3    sing N N 232 
S9L C22   H221   sing N N 233 
S9L C22   H222   sing N N 234 
S9L OH3   C23    sing N N 235 
S9L C13   C23    sing N N 236 
S9L C13   OH4    sing N N 237 
S9L C13   H131   sing N N 238 
S9L C13   H132   sing N N 239 
S9L C23   H231   sing N N 240 
S9L C23   H232   sing N N 241 
S9L OH4   C24    sing N N 242 
S9L C14   C24    sing N N 243 
S9L C14   "O3'"  sing N N 244 
S9L C14   H141   sing N N 245 
S9L C14   H142   sing N N 246 
S9L C24   H241   sing N N 247 
S9L C24   H242   sing N N 248 
S9L "O3'" "HO3'" sing N N 249 
SO4 S     O1     doub N N 250 
SO4 S     O2     doub N N 251 
SO4 S     O3     sing N N 252 
SO4 S     O4     sing N N 253 
U   OP3   P      sing N N 254 
U   OP3   HOP3   sing N N 255 
U   P     OP1    doub N N 256 
U   P     OP2    sing N N 257 
U   P     "O5'"  sing N N 258 
U   OP2   HOP2   sing N N 259 
U   "O5'" "C5'"  sing N N 260 
U   "C5'" "C4'"  sing N N 261 
U   "C5'" "H5'"  sing N N 262 
U   "C5'" "H5''" sing N N 263 
U   "C4'" "O4'"  sing N N 264 
U   "C4'" "C3'"  sing N N 265 
U   "C4'" "H4'"  sing N N 266 
U   "O4'" "C1'"  sing N N 267 
U   "C3'" "O3'"  sing N N 268 
U   "C3'" "C2'"  sing N N 269 
U   "C3'" "H3'"  sing N N 270 
U   "O3'" "HO3'" sing N N 271 
U   "C2'" "O2'"  sing N N 272 
U   "C2'" "C1'"  sing N N 273 
U   "C2'" "H2'"  sing N N 274 
U   "O2'" "HO2'" sing N N 275 
U   "C1'" N1     sing N N 276 
U   "C1'" "H1'"  sing N N 277 
U   N1    C2     sing N N 278 
U   N1    C6     sing N N 279 
U   C2    O2     doub N N 280 
U   C2    N3     sing N N 281 
U   N3    C4     sing N N 282 
U   N3    H3     sing N N 283 
U   C4    O4     doub N N 284 
U   C4    C5     sing N N 285 
U   C5    C6     doub N N 286 
U   C5    H5     sing N N 287 
U   C6    H6     sing N N 288 
# 
loop_
_ndb_struct_conf_na.entry_id 
_ndb_struct_conf_na.feature 
3I2S 'double helix'         
3I2S 'a-form double helix'  
3I2S 'bulge loop'           
3I2S 'mismatched base pair' 
3I2S 'internal loop'        
# 
loop_
_ndb_struct_na_base_pair.model_number 
_ndb_struct_na_base_pair.i_label_asym_id 
_ndb_struct_na_base_pair.i_label_comp_id 
_ndb_struct_na_base_pair.i_label_seq_id 
_ndb_struct_na_base_pair.i_symmetry 
_ndb_struct_na_base_pair.j_label_asym_id 
_ndb_struct_na_base_pair.j_label_comp_id 
_ndb_struct_na_base_pair.j_label_seq_id 
_ndb_struct_na_base_pair.j_symmetry 
_ndb_struct_na_base_pair.shear 
_ndb_struct_na_base_pair.stretch 
_ndb_struct_na_base_pair.stagger 
_ndb_struct_na_base_pair.buckle 
_ndb_struct_na_base_pair.propeller 
_ndb_struct_na_base_pair.opening 
_ndb_struct_na_base_pair.pair_number 
_ndb_struct_na_base_pair.pair_name 
_ndb_struct_na_base_pair.i_auth_asym_id 
_ndb_struct_na_base_pair.i_auth_seq_id 
_ndb_struct_na_base_pair.i_PDB_ins_code 
_ndb_struct_na_base_pair.j_auth_asym_id 
_ndb_struct_na_base_pair.j_auth_seq_id 
_ndb_struct_na_base_pair.j_PDB_ins_code 
_ndb_struct_na_base_pair.hbond_type_28 
_ndb_struct_na_base_pair.hbond_type_12 
1 A C   2  1_555 B G 12 1_555 0.070  -0.092 -0.494 6.458   -20.527 3.436    1  A_C-4:G13_B  A -4 ? B 13 ? 19 1  
1 A C   3  1_555 B G 11 1_555 0.191  -0.309 -0.018 -2.422  -0.349  0.991    2  A_C-3:G12_B  A -3 ? B 12 ? 19 1  
1 A C   4  1_555 B G 10 1_555 0.453  -0.032 -0.066 5.488   -0.834  7.050    3  A_C-2:G11_B  A -2 ? B 11 ? 19 1  
1 A A2M 5  1_555 B A 8  1_555 6.452  -4.279 0.021  14.763  6.571   -26.735  4  A_A2M-1:A9_B A -1 ? B 9  ? ?  10 
1 A U   7  1_555 B G 7  1_555 -8.013 -2.420 -0.067 15.174  3.977   4.652    5  A_U2:G8_B    A 2  ? B 8  ? ?  ?  
1 A C   8  1_555 B A 6  1_555 -2.022 0.520  -0.946 20.938  -18.542 6.563    6  A_C3:A7_B    A 3  ? B 7  ? ?  ?  
1 A C   9  1_555 B G 5  1_555 -0.141 0.163  -0.084 6.503   -6.075  6.652    7  A_C4:G6_B    A 4  ? B 6  ? 19 1  
1 A A   10 1_555 B U 4  1_555 0.259  -0.091 0.095  3.206   -6.901  3.664    8  A_A5:U5_B    A 5  ? B 5  ? 20 1  
1 A C   11 1_555 B G 3  1_555 0.214  0.290  -0.020 7.679   -9.073  8.767    9  A_C6:G4_B    A 6  ? B 4  ? ?  1  
1 A C   12 1_555 B G 2  1_555 0.699  -0.138 0.211  2.646   -11.486 9.720    10 A_C7:G3_B    A 7  ? B 3  ? 19 1  
1 A G   13 1_555 B C 1  1_555 -0.027 0.193  -0.005 -4.328  -8.787  11.939   11 A_G8:C2_B    A 8  ? B 2  ? ?  1  
1 B G   14 1_555 C C 19 1_555 -0.473 -0.083 0.375  2.496   -12.545 1.158    12 B_G15:C49_C  B 15 ? C 49 ? 19 1  
1 B G   15 1_555 C C 18 1_555 -0.368 -0.054 0.518  12.845  -7.785  0.983    13 B_G16:C48_C  B 16 ? C 48 ? 19 1  
1 B C   16 1_555 C G 17 1_555 0.040  0.150  -0.189 11.293  -16.691 5.353    14 B_C17:G47_C  B 17 ? C 47 ? 19 1  
1 B A   17 1_555 C U 16 1_555 -0.119 -0.066 -0.087 -1.912  -6.029  6.269    15 B_A18:U46_C  B 18 ? C 46 ? 20 1  
1 B G   18 1_555 C C 15 1_555 -0.314 -0.241 -0.368 -6.539  -5.182  2.765    16 B_G19:C45_C  B 19 ? C 45 ? 19 1  
1 B A   19 1_555 C C 14 1_555 2.186  0.158  -0.360 -13.500 -6.772  15.063   17 B_A20:C44_C  B 20 ? C 44 ? ?  1  
1 B G   20 1_555 C A 13 1_555 6.838  -4.667 0.066  -9.169  3.745   -8.832   18 B_G21:A43_C  B 21 ? C 43 ? 11 10 
1 B A   21 1_555 C U 11 1_555 -4.255 -1.693 -0.190 -3.803  -11.076 -103.382 19 B_A22:U41_C  B 22 ? C 41 ? 24 4  
1 B A   22 1_555 C A 10 1_555 -4.090 1.126  -0.190 0.605   -18.520 -99.952  20 B_A23:A40_C  B 23 ? C 40 ? 5  4  
1 B A   23 1_555 C A 8  1_555 5.495  2.906  -0.335 -2.878  -13.159 -152.535 21 B_A24:A38_C  B 24 ? C 38 ? ?  ?  
1 B C   24 1_555 A G 6  1_555 0.424  -0.378 0.327  14.993  -12.151 -3.533   22 B_C25:G1_A   B 25 ? A 1  ? 19 1  
1 B A   25 1_555 C G 6  1_555 0.046  1.435  -0.488 -12.786 -10.433 -17.994  23 B_A26:G36_C  B 26 ? C 36 ? 8  ?  
1 B C   26 1_555 C G 5  1_555 -0.007 -0.096 0.056  4.781   -17.833 1.682    24 B_C27:G35_C  B 27 ? C 35 ? 19 1  
1 B A   27 1_555 C U 4  1_555 -0.036 -0.324 0.480  6.135   -16.641 0.471    25 B_A28:U34_C  B 28 ? C 34 ? 20 1  
1 B C   28 1_555 C G 3  1_555 0.141  -0.191 0.268  2.554   -10.301 2.294    26 B_C29:G33_C  B 29 ? C 33 ? 19 1  
1 B G   29 1_555 C C 2  1_555 -0.164 -0.136 0.278  -5.864  -12.634 -2.013   27 B_G30:C32_C  B 30 ? C 32 ? 19 1  
1 B A   30 1_555 C U 1  1_555 0.325  -0.074 0.036  -5.917  -5.912  2.263    28 B_A31:U31_C  B 31 ? C 31 ? 20 1  
# 
loop_
_ndb_struct_na_base_pair_step.model_number 
_ndb_struct_na_base_pair_step.i_label_asym_id_1 
_ndb_struct_na_base_pair_step.i_label_comp_id_1 
_ndb_struct_na_base_pair_step.i_label_seq_id_1 
_ndb_struct_na_base_pair_step.i_symmetry_1 
_ndb_struct_na_base_pair_step.j_label_asym_id_1 
_ndb_struct_na_base_pair_step.j_label_comp_id_1 
_ndb_struct_na_base_pair_step.j_label_seq_id_1 
_ndb_struct_na_base_pair_step.j_symmetry_1 
_ndb_struct_na_base_pair_step.i_label_asym_id_2 
_ndb_struct_na_base_pair_step.i_label_comp_id_2 
_ndb_struct_na_base_pair_step.i_label_seq_id_2 
_ndb_struct_na_base_pair_step.i_symmetry_2 
_ndb_struct_na_base_pair_step.j_label_asym_id_2 
_ndb_struct_na_base_pair_step.j_label_comp_id_2 
_ndb_struct_na_base_pair_step.j_label_seq_id_2 
_ndb_struct_na_base_pair_step.j_symmetry_2 
_ndb_struct_na_base_pair_step.shift 
_ndb_struct_na_base_pair_step.slide 
_ndb_struct_na_base_pair_step.rise 
_ndb_struct_na_base_pair_step.tilt 
_ndb_struct_na_base_pair_step.roll 
_ndb_struct_na_base_pair_step.twist 
_ndb_struct_na_base_pair_step.x_displacement 
_ndb_struct_na_base_pair_step.y_displacement 
_ndb_struct_na_base_pair_step.helical_rise 
_ndb_struct_na_base_pair_step.inclination 
_ndb_struct_na_base_pair_step.tip 
_ndb_struct_na_base_pair_step.helical_twist 
_ndb_struct_na_base_pair_step.step_number 
_ndb_struct_na_base_pair_step.step_name 
_ndb_struct_na_base_pair_step.i_auth_asym_id_1 
_ndb_struct_na_base_pair_step.i_auth_seq_id_1 
_ndb_struct_na_base_pair_step.i_PDB_ins_code_1 
_ndb_struct_na_base_pair_step.j_auth_asym_id_1 
_ndb_struct_na_base_pair_step.j_auth_seq_id_1 
_ndb_struct_na_base_pair_step.j_PDB_ins_code_1 
_ndb_struct_na_base_pair_step.i_auth_asym_id_2 
_ndb_struct_na_base_pair_step.i_auth_seq_id_2 
_ndb_struct_na_base_pair_step.i_PDB_ins_code_2 
_ndb_struct_na_base_pair_step.j_auth_asym_id_2 
_ndb_struct_na_base_pair_step.j_auth_seq_id_2 
_ndb_struct_na_base_pair_step.j_PDB_ins_code_2 
1 A C   2  1_555 B G 12 1_555 A C   3  1_555 B G 11 1_555 -0.389 -1.677 3.406 -4.046 13.231 35.661  -4.173 0.103  2.667 20.671  
6.320   38.170  1  AA_C-4C-3:G12G13_BB  A -4 ? B 13 ? A -3 ? B 12 ? 
1 A C   3  1_555 B G 11 1_555 A C   4  1_555 B G 10 1_555 0.913  -1.737 3.137 3.330  4.977  27.438  -4.670 -1.154 2.872 10.338  
-6.915  28.072  2  AA_C-3C-2:G11G12_BB  A -3 ? B 12 ? A -2 ? B 11 ? 
1 A C   4  1_555 B G 10 1_555 A A2M 5  1_555 B A 8  1_555 0.337  -0.714 5.116 0.763  34.144 72.891  -1.998 -0.231 4.493 27.337  
-0.611  79.479  3  AA_C-2A2M-1:A9G11_BB A -2 ? B 11 ? A -1 ? B 9  ? 
1 A A2M 5  1_555 B A 8  1_555 A U   7  1_555 B G 7  1_555 -0.672 0.413  3.347 2.213  1.061  9.264   0.297  8.559  3.126 6.424   
-13.394 9.582   4  AA_A2M-1U2:G8A9_BB   A -1 ? B 9  ? A 2  ? B 8  ? 
1 A U   7  1_555 B G 7  1_555 A C   8  1_555 B A 6  1_555 -0.299 -0.792 3.266 -0.591 7.908  49.755  -1.486 0.310  3.117 9.331   
0.697   50.343  5  AA_U2C3:A7G8_BB      A 2  ? B 8  ? A 3  ? B 7  ? 
1 A C   8  1_555 B A 6  1_555 A C   9  1_555 B G 5  1_555 -0.026 -1.396 3.662 -8.589 10.773 38.286  -3.294 -0.984 3.110 15.814  
12.609  40.602  6  AA_C3C4:G6A7_BB      A 3  ? B 7  ? A 4  ? B 6  ? 
1 A C   9  1_555 B G 5  1_555 A A   10 1_555 B U 4  1_555 -0.433 -1.692 3.174 -1.743 8.871  34.620  -3.924 0.476  2.690 14.600  
2.869   35.746  7  AA_C4A5:U5G6_BB      A 4  ? B 6  ? A 5  ? B 5  ? 
1 A A   10 1_555 B U 4  1_555 A C   11 1_555 B G 3  1_555 -0.006 -1.394 3.183 0.516  3.836  30.128  -3.390 0.110  2.986 7.341   
-0.988  30.370  8  AA_A5C6:G4U5_BB      A 5  ? B 5  ? A 6  ? B 4  ? 
1 A C   11 1_555 B G 3  1_555 A C   12 1_555 B G 2  1_555 0.271  -1.759 3.257 0.184  7.762  34.102  -4.030 -0.425 2.803 13.027  
-0.309  34.949  9  AA_C6C7:G3G4_BB      A 6  ? B 4  ? A 7  ? B 3  ? 
1 A C   12 1_555 B G 2  1_555 A G   13 1_555 B C 1  1_555 0.200  -1.586 3.174 3.607  11.014 30.143  -4.604 0.213  2.464 20.262  
-6.635  32.246  10 AA_C7G8:C2G3_BB      A 7  ? B 3  ? A 8  ? B 2  ? 
1 B G   14 1_555 C C 19 1_555 B G   15 1_555 C C 18 1_555 -0.730 -1.120 2.910 -4.713 3.930  34.079  -2.420 0.584  2.840 6.640   
7.961   34.611  11 BB_G15G16:C48C49_CC  B 15 ? C 49 ? B 16 ? C 48 ? 
1 B G   15 1_555 C C 18 1_555 B C   16 1_555 C G 17 1_555 0.506  -1.250 3.315 5.708  7.525  34.320  -3.130 -0.006 3.025 12.462  
-9.452  35.558  12 BB_G16C17:G47C48_CC  B 16 ? C 48 ? B 17 ? C 47 ? 
1 B C   16 1_555 C G 17 1_555 B A   17 1_555 C U 16 1_555 0.316  -1.639 3.381 -2.744 12.968 31.316  -4.754 -0.953 2.491 22.788  
4.822   33.941  13 BB_C17A18:U46G47_CC  B 17 ? C 47 ? B 18 ? C 46 ? 
1 B A   17 1_555 C U 16 1_555 B G   18 1_555 C C 15 1_555 0.280  -2.043 3.391 2.368  6.133  29.377  -5.162 -0.065 2.927 11.906  
-4.596  30.088  14 BB_A18G19:C45U46_CC  B 18 ? C 46 ? B 19 ? C 45 ? 
1 B G   18 1_555 C C 15 1_555 B A   19 1_555 C C 14 1_555 0.915  -1.382 3.404 3.100  8.767  39.118  -3.018 -0.976 3.096 12.873  
-4.552  40.166  15 BB_G19A20:C44C45_CC  B 19 ? C 45 ? B 20 ? C 44 ? 
1 B A   19 1_555 C C 14 1_555 B G   20 1_555 C A 13 1_555 -0.717 -1.143 3.151 5.029  5.864  59.071  -1.428 0.960  2.972 5.919   
-5.077  59.529  16 BB_A20G21:A43C44_CC  B 20 ? C 44 ? B 21 ? C 43 ? 
1 B G   20 1_555 C A 13 1_555 B A   21 1_555 C U 11 1_555 -2.264 -0.533 3.333 2.649  -2.494 10.449  0.868  15.604 2.728 -13.181 
-14.001 11.062  17 BB_G21A22:U41A43_CC  B 21 ? C 43 ? B 22 ? C 41 ? 
1 B A   21 1_555 C U 11 1_555 B A   22 1_555 C A 10 1_555 -0.036 -2.444 3.398 -8.844 3.982  45.575  -3.431 -0.706 3.140 5.073   
11.266  46.542  18 BB_A22A23:A40U41_CC  B 22 ? C 41 ? B 23 ? C 40 ? 
1 B A   22 1_555 C A 10 1_555 B A   23 1_555 C A 8  1_555 -3.215 -3.189 3.604 -3.796 1.457  76.563  -2.619 2.468  3.684 1.175   
3.062   76.654  19 BB_A23A24:A38A40_CC  B 23 ? C 40 ? B 24 ? C 38 ? 
1 B A   23 1_555 C A 8  1_555 B C   24 1_555 A G 6  1_555 2.353  -0.193 2.939 -0.934 4.317  -31.311 -0.375 4.161  3.005 -7.949  
-1.721  -31.613 20 BB_A24C25:G1A38_AC   B 24 ? C 38 ? B 25 ? A 1  ? 
1 B C   24 1_555 A G 6  1_555 B A   25 1_555 C G 6  1_555 0.129  -2.316 3.777 6.506  4.610  43.685  -3.548 0.507  3.511 6.134   
-8.657  44.371  21 BB_C25A26:G36G1_CA   B 25 ? A 1  ? B 26 ? C 36 ? 
1 B A   25 1_555 C G 6  1_555 B C   26 1_555 C G 5  1_555 1.256  -0.501 2.853 -4.206 2.512  30.690  -1.340 -3.024 2.613 4.708   
7.884   31.070  22 BB_A26C27:G35G36_CC  B 26 ? C 36 ? B 27 ? C 35 ? 
1 B C   26 1_555 C G 5  1_555 B A   27 1_555 C U 4  1_555 0.208  -1.133 3.124 -2.074 6.520  35.158  -2.709 -0.613 2.859 10.669  
3.394   35.797  23 BB_C27A28:U34G35_CC  B 27 ? C 35 ? B 28 ? C 34 ? 
1 B A   27 1_555 C U 4  1_555 B C   28 1_555 C G 3  1_555 0.466  -1.211 3.272 3.267  0.541  34.261  -2.131 -0.276 3.282 0.916   
-5.529  34.416  24 BB_A28C29:G33U34_CC  B 28 ? C 34 ? B 29 ? C 33 ? 
1 B C   28 1_555 C G 3  1_555 B G   29 1_555 C C 2  1_555 0.232  -1.665 3.179 2.968  9.653  33.775  -4.056 0.017  2.629 16.170  
-4.972  35.210  25 BB_C29G30:C32G33_CC  B 29 ? C 33 ? B 30 ? C 32 ? 
1 B G   29 1_555 C C 2  1_555 B A   30 1_555 C U 1  1_555 0.824  -1.613 3.158 6.357  5.800  32.212  -3.729 -0.434 2.936 10.228  
-11.209 33.312  26 BB_G30A31:U31C32_CC  B 30 ? C 32 ? B 31 ? C 31 ? 
# 
loop_
_pdbx_entity_nonpoly.entity_id 
_pdbx_entity_nonpoly.name 
_pdbx_entity_nonpoly.comp_id 
4 'SULFATE ION'           SO4 
5 'COBALT HEXAMMINE(III)' NCO 
# 
_pdbx_initial_refinement_model.id               1 
_pdbx_initial_refinement_model.entity_id_list   ? 
_pdbx_initial_refinement_model.type             'experimental model' 
_pdbx_initial_refinement_model.source_name      PDB 
_pdbx_initial_refinement_model.accession_code   2OUE 
_pdbx_initial_refinement_model.details          'PDB entry 2OUE' 
# 
